data_5XB0
# 
_entry.id   5XB0 
# 
_audit_conform.dict_name       mmcif_pdbx.dic 
_audit_conform.dict_version    5.380 
_audit_conform.dict_location   http://mmcif.pdb.org/dictionaries/ascii/mmcif_pdbx.dic 
# 
loop_
_database_2.database_id 
_database_2.database_code 
_database_2.pdbx_database_accession 
_database_2.pdbx_DOI 
PDB   5XB0         pdb_00005xb0 10.2210/pdb5xb0/pdb 
WWPDB D_1300003209 ?            ?                   
# 
_pdbx_database_PDB_obs_spr.id               SPRSDE 
_pdbx_database_PDB_obs_spr.date             2017-04-19 
_pdbx_database_PDB_obs_spr.pdb_id           5XB0 
_pdbx_database_PDB_obs_spr.replace_pdb_id   3OE2 
_pdbx_database_PDB_obs_spr.details          ? 
# 
_pdbx_database_status.status_code                     REL 
_pdbx_database_status.status_code_sf                  REL 
_pdbx_database_status.status_code_mr                  ? 
_pdbx_database_status.entry_id                        5XB0 
_pdbx_database_status.recvd_initial_deposition_date   2017-03-15 
_pdbx_database_status.SG_entry                        N 
_pdbx_database_status.deposit_site                    PDBJ 
_pdbx_database_status.process_site                    PDBJ 
_pdbx_database_status.status_code_cs                  ? 
_pdbx_database_status.methods_development_category    ? 
_pdbx_database_status.pdb_format_compatible           Y 
_pdbx_database_status.status_code_nmr_data            ? 
# 
loop_
_audit_author.name 
_audit_author.pdbx_ordinal 
_audit_author.identifier_ORCID 
'Zhang, H.' 1 ? 
'Gao, Y.'   2 ? 
'Li, M.'    3 ? 
'Chang, W.' 4 ? 
# 
_citation.abstract                  ? 
_citation.abstract_id_CAS           ? 
_citation.book_id_ISBN              ? 
_citation.book_publisher            ? 
_citation.book_publisher_city       ? 
_citation.book_title                ? 
_citation.coordinate_linkage        ? 
_citation.country                   ? 
_citation.database_id_Medline       ? 
_citation.details                   ? 
_citation.id                        primary 
_citation.journal_abbrev            'To Be Published' 
_citation.journal_id_ASTM           ? 
_citation.journal_id_CSD            0353 
_citation.journal_id_ISSN           ? 
_citation.journal_full              ? 
_citation.journal_issue             ? 
_citation.journal_volume            ? 
_citation.language                  ? 
_citation.page_first                ? 
_citation.page_last                 ? 
_citation.title                     
;1.6  A  crystal  structure  of  peptidyl-prolyl  cis-trans  isomerase  PPIase  from
Pseudomonas syringae pv. tomato str. DC3000 (PSPTO DC3000)
;
_citation.year                      ? 
_citation.database_id_CSD           ? 
_citation.pdbx_database_id_DOI      ? 
_citation.pdbx_database_id_PubMed   ? 
_citation.unpublished_flag          ? 
# 
loop_
_citation_author.citation_id 
_citation_author.name 
_citation_author.ordinal 
_citation_author.identifier_ORCID 
primary 'Zhang, H.' 1 ? 
primary 'Gao, Y.'   2 ? 
primary 'Li, M.'    3 ? 
primary 'Chang, W.' 4 ? 
# 
_cell.angle_alpha                  90.00 
_cell.angle_alpha_esd              ? 
_cell.angle_beta                   90.00 
_cell.angle_beta_esd               ? 
_cell.angle_gamma                  90.00 
_cell.angle_gamma_esd              ? 
_cell.entry_id                     5XB0 
_cell.details                      ? 
_cell.formula_units_Z              ? 
_cell.length_a                     33.222 
_cell.length_a_esd                 ? 
_cell.length_b                     44.099 
_cell.length_b_esd                 ? 
_cell.length_c                     82.312 
_cell.length_c_esd                 ? 
_cell.volume                       ? 
_cell.volume_esd                   ? 
_cell.Z_PDB                        4 
_cell.reciprocal_angle_alpha       ? 
_cell.reciprocal_angle_beta        ? 
_cell.reciprocal_angle_gamma       ? 
_cell.reciprocal_angle_alpha_esd   ? 
_cell.reciprocal_angle_beta_esd    ? 
_cell.reciprocal_angle_gamma_esd   ? 
_cell.reciprocal_length_a          ? 
_cell.reciprocal_length_b          ? 
_cell.reciprocal_length_c          ? 
_cell.reciprocal_length_a_esd      ? 
_cell.reciprocal_length_b_esd      ? 
_cell.reciprocal_length_c_esd      ? 
_cell.pdbx_unique_axis             ? 
# 
_symmetry.entry_id                         5XB0 
_symmetry.cell_setting                     ? 
_symmetry.Int_Tables_number                19 
_symmetry.space_group_name_Hall            ? 
_symmetry.space_group_name_H-M             'P 21 21 21' 
_symmetry.pdbx_full_space_group_name_H-M   ? 
# 
loop_
_entity.id 
_entity.type 
_entity.src_method 
_entity.pdbx_description 
_entity.formula_weight 
_entity.pdbx_number_of_molecules 
_entity.pdbx_ec 
_entity.pdbx_mutation 
_entity.pdbx_fragment 
_entity.details 
1 polymer     man 'Peptidyl-prolyl cis-trans isomerase' 14300.126 1   5.2.1.8 ? 'UNP residues 91-224' ? 
2 non-polymer syn 'L(+)-TARTARIC ACID'                  150.087   1   ?       ? ?                     ? 
3 water       nat water                                 18.015    172 ?       ? ?                     ? 
# 
_entity_poly.entity_id                      1 
_entity_poly.type                           'polypeptide(L)' 
_entity_poly.nstd_linkage                   no 
_entity_poly.nstd_monomer                   no 
_entity_poly.pdbx_seq_one_letter_code       
;GTDAPTEAALKAERTFMAGEKAKPGVKELADGILMTELTPGTGPKPDANGRVEVRYVGRLPDGKIFDQSTQPQWFRLDSV
ISGWTSALQNMPTGAKWRLVIPSDQAYGAEGAGDLIDPFTPLVFEIELIAVSQ
;
_entity_poly.pdbx_seq_one_letter_code_can   
;GTDAPTEAALKAERTFMAGEKAKPGVKELADGILMTELTPGTGPKPDANGRVEVRYVGRLPDGKIFDQSTQPQWFRLDSV
ISGWTSALQNMPTGAKWRLVIPSDQAYGAEGAGDLIDPFTPLVFEIELIAVSQ
;
_entity_poly.pdbx_strand_id                 A 
_entity_poly.pdbx_target_identifier         ? 
# 
loop_
_entity_poly_seq.entity_id 
_entity_poly_seq.num 
_entity_poly_seq.mon_id 
_entity_poly_seq.hetero 
1 1   GLY n 
1 2   THR n 
1 3   ASP n 
1 4   ALA n 
1 5   PRO n 
1 6   THR n 
1 7   GLU n 
1 8   ALA n 
1 9   ALA n 
1 10  LEU n 
1 11  LYS n 
1 12  ALA n 
1 13  GLU n 
1 14  ARG n 
1 15  THR n 
1 16  PHE n 
1 17  MET n 
1 18  ALA n 
1 19  GLY n 
1 20  GLU n 
1 21  LYS n 
1 22  ALA n 
1 23  LYS n 
1 24  PRO n 
1 25  GLY n 
1 26  VAL n 
1 27  LYS n 
1 28  GLU n 
1 29  LEU n 
1 30  ALA n 
1 31  ASP n 
1 32  GLY n 
1 33  ILE n 
1 34  LEU n 
1 35  MET n 
1 36  THR n 
1 37  GLU n 
1 38  LEU n 
1 39  THR n 
1 40  PRO n 
1 41  GLY n 
1 42  THR n 
1 43  GLY n 
1 44  PRO n 
1 45  LYS n 
1 46  PRO n 
1 47  ASP n 
1 48  ALA n 
1 49  ASN n 
1 50  GLY n 
1 51  ARG n 
1 52  VAL n 
1 53  GLU n 
1 54  VAL n 
1 55  ARG n 
1 56  TYR n 
1 57  VAL n 
1 58  GLY n 
1 59  ARG n 
1 60  LEU n 
1 61  PRO n 
1 62  ASP n 
1 63  GLY n 
1 64  LYS n 
1 65  ILE n 
1 66  PHE n 
1 67  ASP n 
1 68  GLN n 
1 69  SER n 
1 70  THR n 
1 71  GLN n 
1 72  PRO n 
1 73  GLN n 
1 74  TRP n 
1 75  PHE n 
1 76  ARG n 
1 77  LEU n 
1 78  ASP n 
1 79  SER n 
1 80  VAL n 
1 81  ILE n 
1 82  SER n 
1 83  GLY n 
1 84  TRP n 
1 85  THR n 
1 86  SER n 
1 87  ALA n 
1 88  LEU n 
1 89  GLN n 
1 90  ASN n 
1 91  MET n 
1 92  PRO n 
1 93  THR n 
1 94  GLY n 
1 95  ALA n 
1 96  LYS n 
1 97  TRP n 
1 98  ARG n 
1 99  LEU n 
1 100 VAL n 
1 101 ILE n 
1 102 PRO n 
1 103 SER n 
1 104 ASP n 
1 105 GLN n 
1 106 ALA n 
1 107 TYR n 
1 108 GLY n 
1 109 ALA n 
1 110 GLU n 
1 111 GLY n 
1 112 ALA n 
1 113 GLY n 
1 114 ASP n 
1 115 LEU n 
1 116 ILE n 
1 117 ASP n 
1 118 PRO n 
1 119 PHE n 
1 120 THR n 
1 121 PRO n 
1 122 LEU n 
1 123 VAL n 
1 124 PHE n 
1 125 GLU n 
1 126 ILE n 
1 127 GLU n 
1 128 LEU n 
1 129 ILE n 
1 130 ALA n 
1 131 VAL n 
1 132 SER n 
1 133 GLN n 
# 
_entity_src_gen.entity_id                          1 
_entity_src_gen.pdbx_src_id                        1 
_entity_src_gen.pdbx_alt_source_flag               sample 
_entity_src_gen.pdbx_seq_type                      'Biological sequence' 
_entity_src_gen.pdbx_beg_seq_num                   1 
_entity_src_gen.pdbx_end_seq_num                   133 
_entity_src_gen.gene_src_common_name               ? 
_entity_src_gen.gene_src_genus                     ? 
_entity_src_gen.pdbx_gene_src_gene                 PSPTO_0135 
_entity_src_gen.gene_src_species                   ? 
_entity_src_gen.gene_src_strain                    DC3000 
_entity_src_gen.gene_src_tissue                    ? 
_entity_src_gen.gene_src_tissue_fraction           ? 
_entity_src_gen.gene_src_details                   ? 
_entity_src_gen.pdbx_gene_src_fragment             ? 
_entity_src_gen.pdbx_gene_src_scientific_name      '[Pseudomonas syringae] pv. tomato str. DC3000' 
_entity_src_gen.pdbx_gene_src_ncbi_taxonomy_id     223283 
_entity_src_gen.pdbx_gene_src_variant              ? 
_entity_src_gen.pdbx_gene_src_cell_line            ? 
_entity_src_gen.pdbx_gene_src_atcc                 ? 
_entity_src_gen.pdbx_gene_src_organ                ? 
_entity_src_gen.pdbx_gene_src_organelle            ? 
_entity_src_gen.pdbx_gene_src_cell                 ? 
_entity_src_gen.pdbx_gene_src_cellular_location    ? 
_entity_src_gen.host_org_common_name               ? 
_entity_src_gen.pdbx_host_org_scientific_name      'Escherichia coli BL21(DE3)' 
_entity_src_gen.pdbx_host_org_ncbi_taxonomy_id     469008 
_entity_src_gen.host_org_genus                     ? 
_entity_src_gen.pdbx_host_org_gene                 ? 
_entity_src_gen.pdbx_host_org_organ                ? 
_entity_src_gen.host_org_species                   ? 
_entity_src_gen.pdbx_host_org_tissue               ? 
_entity_src_gen.pdbx_host_org_tissue_fraction      ? 
_entity_src_gen.pdbx_host_org_strain               'BL21(DE3)' 
_entity_src_gen.pdbx_host_org_variant              ? 
_entity_src_gen.pdbx_host_org_cell_line            ? 
_entity_src_gen.pdbx_host_org_atcc                 ? 
_entity_src_gen.pdbx_host_org_culture_collection   ? 
_entity_src_gen.pdbx_host_org_cell                 ? 
_entity_src_gen.pdbx_host_org_organelle            ? 
_entity_src_gen.pdbx_host_org_cellular_location    ? 
_entity_src_gen.pdbx_host_org_vector_type          ? 
_entity_src_gen.pdbx_host_org_vector               ? 
_entity_src_gen.host_org_details                   ? 
_entity_src_gen.expression_system_id               ? 
_entity_src_gen.plasmid_name                       ? 
_entity_src_gen.plasmid_details                    ? 
_entity_src_gen.pdbx_description                   ? 
# 
_struct_ref.id                         1 
_struct_ref.db_name                    UNP 
_struct_ref.db_code                    Q88B84_PSESM 
_struct_ref.pdbx_db_accession          Q88B84 
_struct_ref.pdbx_db_isoform            ? 
_struct_ref.entity_id                  1 
_struct_ref.pdbx_seq_one_letter_code   
;GTDAPTEAALKAERTFMAGEKAKPGVKELADGILMTELTPGTGPKPDANGRVEVRYVGRLPDGKIFDQSTQPQWFRLDSV
ISGWTSALQNMPTGAKWRLVIPSDQAYGAEGAGDLIDPFTPLVFEIELIAVSQ
;
_struct_ref.pdbx_align_begin           92 
# 
_struct_ref_seq.align_id                      1 
_struct_ref_seq.ref_id                        1 
_struct_ref_seq.pdbx_PDB_id_code              5XB0 
_struct_ref_seq.pdbx_strand_id                A 
_struct_ref_seq.seq_align_beg                 1 
_struct_ref_seq.pdbx_seq_align_beg_ins_code   ? 
_struct_ref_seq.seq_align_end                 133 
_struct_ref_seq.pdbx_seq_align_end_ins_code   ? 
_struct_ref_seq.pdbx_db_accession             Q88B84 
_struct_ref_seq.db_align_beg                  92 
_struct_ref_seq.pdbx_db_align_beg_ins_code    ? 
_struct_ref_seq.db_align_end                  224 
_struct_ref_seq.pdbx_db_align_end_ins_code    ? 
_struct_ref_seq.pdbx_auth_seq_align_beg       92 
_struct_ref_seq.pdbx_auth_seq_align_end       224 
# 
loop_
_chem_comp.id 
_chem_comp.type 
_chem_comp.mon_nstd_flag 
_chem_comp.name 
_chem_comp.pdbx_synonyms 
_chem_comp.formula 
_chem_comp.formula_weight 
ALA 'L-peptide linking' y ALANINE              ? 'C3 H7 N O2'     89.093  
ARG 'L-peptide linking' y ARGININE             ? 'C6 H15 N4 O2 1' 175.209 
ASN 'L-peptide linking' y ASPARAGINE           ? 'C4 H8 N2 O3'    132.118 
ASP 'L-peptide linking' y 'ASPARTIC ACID'      ? 'C4 H7 N O4'     133.103 
GLN 'L-peptide linking' y GLUTAMINE            ? 'C5 H10 N2 O3'   146.144 
GLU 'L-peptide linking' y 'GLUTAMIC ACID'      ? 'C5 H9 N O4'     147.129 
GLY 'peptide linking'   y GLYCINE              ? 'C2 H5 N O2'     75.067  
HOH non-polymer         . WATER                ? 'H2 O'           18.015  
ILE 'L-peptide linking' y ISOLEUCINE           ? 'C6 H13 N O2'    131.173 
LEU 'L-peptide linking' y LEUCINE              ? 'C6 H13 N O2'    131.173 
LYS 'L-peptide linking' y LYSINE               ? 'C6 H15 N2 O2 1' 147.195 
MET 'L-peptide linking' y METHIONINE           ? 'C5 H11 N O2 S'  149.211 
PHE 'L-peptide linking' y PHENYLALANINE        ? 'C9 H11 N O2'    165.189 
PRO 'L-peptide linking' y PROLINE              ? 'C5 H9 N O2'     115.130 
SER 'L-peptide linking' y SERINE               ? 'C3 H7 N O3'     105.093 
THR 'L-peptide linking' y THREONINE            ? 'C4 H9 N O3'     119.119 
TLA non-polymer         . 'L(+)-TARTARIC ACID' ? 'C4 H6 O6'       150.087 
TRP 'L-peptide linking' y TRYPTOPHAN           ? 'C11 H12 N2 O2'  204.225 
TYR 'L-peptide linking' y TYROSINE             ? 'C9 H11 N O3'    181.189 
VAL 'L-peptide linking' y VALINE               ? 'C5 H11 N O2'    117.146 
# 
_exptl.absorpt_coefficient_mu     ? 
_exptl.absorpt_correction_T_max   ? 
_exptl.absorpt_correction_T_min   ? 
_exptl.absorpt_correction_type    ? 
_exptl.absorpt_process_details    ? 
_exptl.entry_id                   5XB0 
_exptl.crystals_number            1 
_exptl.details                    ? 
_exptl.method                     'X-RAY DIFFRACTION' 
_exptl.method_details             ? 
# 
_exptl_crystal.colour                      ? 
_exptl_crystal.density_diffrn              ? 
_exptl_crystal.density_Matthews            2.11 
_exptl_crystal.density_method              ? 
_exptl_crystal.density_percent_sol         41.66 
_exptl_crystal.description                 ? 
_exptl_crystal.F_000                       ? 
_exptl_crystal.id                          1 
_exptl_crystal.preparation                 ? 
_exptl_crystal.size_max                    ? 
_exptl_crystal.size_mid                    ? 
_exptl_crystal.size_min                    ? 
_exptl_crystal.size_rad                    ? 
_exptl_crystal.colour_lustre               ? 
_exptl_crystal.colour_modifier             ? 
_exptl_crystal.colour_primary              ? 
_exptl_crystal.density_meas                ? 
_exptl_crystal.density_meas_esd            ? 
_exptl_crystal.density_meas_gt             ? 
_exptl_crystal.density_meas_lt             ? 
_exptl_crystal.density_meas_temp           ? 
_exptl_crystal.density_meas_temp_esd       ? 
_exptl_crystal.density_meas_temp_gt        ? 
_exptl_crystal.density_meas_temp_lt        ? 
_exptl_crystal.pdbx_crystal_image_url      ? 
_exptl_crystal.pdbx_crystal_image_format   ? 
_exptl_crystal.pdbx_mosaicity              ? 
_exptl_crystal.pdbx_mosaicity_esd          ? 
# 
_exptl_crystal_grow.apparatus       ? 
_exptl_crystal_grow.atmosphere      ? 
_exptl_crystal_grow.crystal_id      1 
_exptl_crystal_grow.details         ? 
_exptl_crystal_grow.method          EVAPORATION 
_exptl_crystal_grow.method_ref      ? 
_exptl_crystal_grow.pH              7.3 
_exptl_crystal_grow.pressure        ? 
_exptl_crystal_grow.pressure_esd    ? 
_exptl_crystal_grow.seeding         ? 
_exptl_crystal_grow.seeding_ref     ? 
_exptl_crystal_grow.temp            291 
_exptl_crystal_grow.temp_details    ? 
_exptl_crystal_grow.temp_esd        ? 
_exptl_crystal_grow.time            ? 
_exptl_crystal_grow.pdbx_details    '0.4M pPotassium sodium tartrate' 
_exptl_crystal_grow.pdbx_pH_range   7.0-7.5 
# 
_diffrn.ambient_environment    ? 
_diffrn.ambient_temp           100 
_diffrn.ambient_temp_details   ? 
_diffrn.ambient_temp_esd       ? 
_diffrn.crystal_id             1 
_diffrn.crystal_support        ? 
_diffrn.crystal_treatment      ? 
_diffrn.details                ? 
_diffrn.id                     1 
_diffrn.ambient_pressure       ? 
_diffrn.ambient_pressure_esd   ? 
_diffrn.ambient_pressure_gt    ? 
_diffrn.ambient_pressure_lt    ? 
_diffrn.ambient_temp_gt        ? 
_diffrn.ambient_temp_lt        ? 
# 
_diffrn_detector.details                      ? 
_diffrn_detector.detector                     'IMAGE PLATE' 
_diffrn_detector.diffrn_id                    1 
_diffrn_detector.type                         'RIGAKU RAXIS IV++' 
_diffrn_detector.area_resol_mean              ? 
_diffrn_detector.dtime                        ? 
_diffrn_detector.pdbx_frames_total            ? 
_diffrn_detector.pdbx_collection_time_total   ? 
_diffrn_detector.pdbx_collection_date         2009-08-20 
# 
_diffrn_radiation.collimation                      ? 
_diffrn_radiation.diffrn_id                        1 
_diffrn_radiation.filter_edge                      ? 
_diffrn_radiation.inhomogeneity                    ? 
_diffrn_radiation.monochromator                    ? 
_diffrn_radiation.polarisn_norm                    ? 
_diffrn_radiation.polarisn_ratio                   ? 
_diffrn_radiation.probe                            ? 
_diffrn_radiation.type                             ? 
_diffrn_radiation.xray_symbol                      ? 
_diffrn_radiation.wavelength_id                    1 
_diffrn_radiation.pdbx_monochromatic_or_laue_m_l   M 
_diffrn_radiation.pdbx_wavelength_list             ? 
_diffrn_radiation.pdbx_wavelength                  ? 
_diffrn_radiation.pdbx_diffrn_protocol             'SINGLE WAVELENGTH' 
_diffrn_radiation.pdbx_analyzer                    ? 
_diffrn_radiation.pdbx_scattering_type             x-ray 
# 
_diffrn_radiation_wavelength.id           1 
_diffrn_radiation_wavelength.wavelength   1.5418 
_diffrn_radiation_wavelength.wt           1.0 
# 
_diffrn_source.current                     ? 
_diffrn_source.details                     ? 
_diffrn_source.diffrn_id                   1 
_diffrn_source.power                       ? 
_diffrn_source.size                        ? 
_diffrn_source.source                      'ROTATING ANODE' 
_diffrn_source.target                      ? 
_diffrn_source.type                        'RIGAKU FR-E DW' 
_diffrn_source.voltage                     ? 
_diffrn_source.take-off_angle              ? 
_diffrn_source.pdbx_wavelength_list        1.5418 
_diffrn_source.pdbx_wavelength             ? 
_diffrn_source.pdbx_synchrotron_beamline   ? 
_diffrn_source.pdbx_synchrotron_site       ? 
# 
_reflns.B_iso_Wilson_estimate            16 
_reflns.entry_id                         5XB0 
_reflns.data_reduction_details           ? 
_reflns.data_reduction_method            ? 
_reflns.d_resolution_high                1.6 
_reflns.d_resolution_low                 41.17 
_reflns.details                          ? 
_reflns.limit_h_max                      ? 
_reflns.limit_h_min                      ? 
_reflns.limit_k_max                      ? 
_reflns.limit_k_min                      ? 
_reflns.limit_l_max                      ? 
_reflns.limit_l_min                      ? 
_reflns.number_all                       ? 
_reflns.number_obs                       16027 
_reflns.observed_criterion               ? 
_reflns.observed_criterion_F_max         ? 
_reflns.observed_criterion_F_min         ? 
_reflns.observed_criterion_I_max         ? 
_reflns.observed_criterion_I_min         ? 
_reflns.observed_criterion_sigma_F       2 
_reflns.observed_criterion_sigma_I       2 
_reflns.percent_possible_obs             96.5 
_reflns.R_free_details                   ? 
_reflns.Rmerge_F_all                     ? 
_reflns.Rmerge_F_obs                     ? 
_reflns.Friedel_coverage                 ? 
_reflns.number_gt                        ? 
_reflns.threshold_expression             ? 
_reflns.pdbx_redundancy                  11.8 
_reflns.pdbx_Rmerge_I_obs                0.052 
_reflns.pdbx_Rmerge_I_all                ? 
_reflns.pdbx_Rsym_value                  0.052 
_reflns.pdbx_netI_over_av_sigmaI         ? 
_reflns.pdbx_netI_over_sigmaI            49.24 
_reflns.pdbx_res_netI_over_av_sigmaI_2   ? 
_reflns.pdbx_res_netI_over_sigmaI_2      ? 
_reflns.pdbx_chi_squared                 1.14 
_reflns.pdbx_scaling_rejects             ? 
_reflns.pdbx_d_res_high_opt              ? 
_reflns.pdbx_d_res_low_opt               ? 
_reflns.pdbx_d_res_opt_method            ? 
_reflns.phase_calculation_details        ? 
_reflns.pdbx_Rrim_I_all                  ? 
_reflns.pdbx_Rpim_I_all                  ? 
_reflns.pdbx_d_opt                       ? 
_reflns.pdbx_number_measured_all         ? 
_reflns.pdbx_diffrn_id                   1 
_reflns.pdbx_ordinal                     1 
_reflns.pdbx_CC_half                     ? 
_reflns.pdbx_R_split                     ? 
# 
_reflns_shell.d_res_high                  1.6 
_reflns_shell.d_res_low                   1.66 
_reflns_shell.meanI_over_sigI_all         ? 
_reflns_shell.meanI_over_sigI_obs         5.8 
_reflns_shell.number_measured_all         ? 
_reflns_shell.number_measured_obs         ? 
_reflns_shell.number_possible             ? 
_reflns_shell.number_unique_all           ? 
_reflns_shell.number_unique_obs           1182 
_reflns_shell.percent_possible_all        96.6 
_reflns_shell.percent_possible_obs        ? 
_reflns_shell.Rmerge_F_all                ? 
_reflns_shell.Rmerge_F_obs                ? 
_reflns_shell.Rmerge_I_all                ? 
_reflns_shell.Rmerge_I_obs                0.269 
_reflns_shell.meanI_over_sigI_gt          ? 
_reflns_shell.meanI_over_uI_all           ? 
_reflns_shell.meanI_over_uI_gt            ? 
_reflns_shell.number_measured_gt          ? 
_reflns_shell.number_unique_gt            ? 
_reflns_shell.percent_possible_gt         ? 
_reflns_shell.Rmerge_F_gt                 ? 
_reflns_shell.Rmerge_I_gt                 ? 
_reflns_shell.pdbx_redundancy             4.6 
_reflns_shell.pdbx_Rsym_value             0.254 
_reflns_shell.pdbx_chi_squared            1.099 
_reflns_shell.pdbx_netI_over_sigmaI_all   ? 
_reflns_shell.pdbx_netI_over_sigmaI_obs   ? 
_reflns_shell.pdbx_Rrim_I_all             ? 
_reflns_shell.pdbx_Rpim_I_all             ? 
_reflns_shell.pdbx_rejects                ? 
_reflns_shell.pdbx_ordinal                1 
_reflns_shell.pdbx_diffrn_id              1 
_reflns_shell.pdbx_CC_half                ? 
_reflns_shell.pdbx_R_split                ? 
# 
_refine.aniso_B[1][1]                            ? 
_refine.aniso_B[1][2]                            ? 
_refine.aniso_B[1][3]                            ? 
_refine.aniso_B[2][2]                            ? 
_refine.aniso_B[2][3]                            ? 
_refine.aniso_B[3][3]                            ? 
_refine.B_iso_max                                ? 
_refine.B_iso_mean                               ? 
_refine.B_iso_min                                ? 
_refine.correlation_coeff_Fo_to_Fc               ? 
_refine.correlation_coeff_Fo_to_Fc_free          ? 
_refine.details                                  ? 
_refine.diff_density_max                         ? 
_refine.diff_density_max_esd                     ? 
_refine.diff_density_min                         ? 
_refine.diff_density_min_esd                     ? 
_refine.diff_density_rms                         ? 
_refine.diff_density_rms_esd                     ? 
_refine.entry_id                                 5XB0 
_refine.pdbx_refine_id                           'X-RAY DIFFRACTION' 
_refine.ls_abs_structure_details                 ? 
_refine.ls_abs_structure_Flack                   ? 
_refine.ls_abs_structure_Flack_esd               ? 
_refine.ls_abs_structure_Rogers                  ? 
_refine.ls_abs_structure_Rogers_esd              ? 
_refine.ls_d_res_high                            1.600 
_refine.ls_d_res_low                             26.535 
_refine.ls_extinction_coef                       ? 
_refine.ls_extinction_coef_esd                   ? 
_refine.ls_extinction_expression                 ? 
_refine.ls_extinction_method                     ? 
_refine.ls_goodness_of_fit_all                   ? 
_refine.ls_goodness_of_fit_all_esd               ? 
_refine.ls_goodness_of_fit_obs                   ? 
_refine.ls_goodness_of_fit_obs_esd               ? 
_refine.ls_hydrogen_treatment                    ? 
_refine.ls_matrix_type                           ? 
_refine.ls_number_constraints                    ? 
_refine.ls_number_parameters                     ? 
_refine.ls_number_reflns_all                     ? 
_refine.ls_number_reflns_obs                     16024 
_refine.ls_number_reflns_R_free                  1600 
_refine.ls_number_reflns_R_work                  ? 
_refine.ls_number_restraints                     ? 
_refine.ls_percent_reflns_obs                    96.57 
_refine.ls_percent_reflns_R_free                 9.99 
_refine.ls_R_factor_all                          ? 
_refine.ls_R_factor_obs                          0.1711 
_refine.ls_R_factor_R_free                       0.1975 
_refine.ls_R_factor_R_free_error                 ? 
_refine.ls_R_factor_R_free_error_details         ? 
_refine.ls_R_factor_R_work                       0.1681 
_refine.ls_R_Fsqd_factor_obs                     ? 
_refine.ls_R_I_factor_obs                        ? 
_refine.ls_redundancy_reflns_all                 ? 
_refine.ls_redundancy_reflns_obs                 ? 
_refine.ls_restrained_S_all                      ? 
_refine.ls_restrained_S_obs                      ? 
_refine.ls_shift_over_esd_max                    ? 
_refine.ls_shift_over_esd_mean                   ? 
_refine.ls_structure_factor_coef                 ? 
_refine.ls_weighting_details                     ? 
_refine.ls_weighting_scheme                      ? 
_refine.ls_wR_factor_all                         ? 
_refine.ls_wR_factor_obs                         ? 
_refine.ls_wR_factor_R_free                      ? 
_refine.ls_wR_factor_R_work                      ? 
_refine.occupancy_max                            ? 
_refine.occupancy_min                            ? 
_refine.solvent_model_details                    ? 
_refine.solvent_model_param_bsol                 ? 
_refine.solvent_model_param_ksol                 ? 
_refine.ls_R_factor_gt                           ? 
_refine.ls_goodness_of_fit_gt                    ? 
_refine.ls_goodness_of_fit_ref                   ? 
_refine.ls_shift_over_su_max                     ? 
_refine.ls_shift_over_su_max_lt                  ? 
_refine.ls_shift_over_su_mean                    ? 
_refine.ls_shift_over_su_mean_lt                 ? 
_refine.pdbx_ls_sigma_I                          ? 
_refine.pdbx_ls_sigma_F                          1.34 
_refine.pdbx_ls_sigma_Fsqd                       ? 
_refine.pdbx_data_cutoff_high_absF               ? 
_refine.pdbx_data_cutoff_high_rms_absF           ? 
_refine.pdbx_data_cutoff_low_absF                ? 
_refine.pdbx_isotropic_thermal_model             ? 
_refine.pdbx_ls_cross_valid_method               'FREE R-VALUE' 
_refine.pdbx_method_to_determine_struct          'MOLECULAR REPLACEMENT' 
_refine.pdbx_starting_model                      1FD9 
_refine.pdbx_stereochemistry_target_values       ? 
_refine.pdbx_R_Free_selection_details            ? 
_refine.pdbx_stereochem_target_val_spec_case     ? 
_refine.pdbx_overall_ESU_R                       ? 
_refine.pdbx_overall_ESU_R_Free                  ? 
_refine.pdbx_solvent_vdw_probe_radii             1.11 
_refine.pdbx_solvent_ion_probe_radii             ? 
_refine.pdbx_solvent_shrinkage_radii             0.90 
_refine.pdbx_real_space_R                        ? 
_refine.pdbx_density_correlation                 ? 
_refine.pdbx_pd_number_of_powder_patterns        ? 
_refine.pdbx_pd_number_of_points                 ? 
_refine.pdbx_pd_meas_number_of_points            ? 
_refine.pdbx_pd_proc_ls_prof_R_factor            ? 
_refine.pdbx_pd_proc_ls_prof_wR_factor           ? 
_refine.pdbx_pd_Marquardt_correlation_coeff      ? 
_refine.pdbx_pd_Fsqrd_R_factor                   ? 
_refine.pdbx_pd_ls_matrix_band_width             ? 
_refine.pdbx_overall_phase_error                 18.92 
_refine.pdbx_overall_SU_R_free_Cruickshank_DPI   ? 
_refine.pdbx_overall_SU_R_free_Blow_DPI          ? 
_refine.pdbx_overall_SU_R_Blow_DPI               ? 
_refine.pdbx_TLS_residual_ADP_flag               ? 
_refine.pdbx_diffrn_id                           1 
_refine.overall_SU_B                             ? 
_refine.overall_SU_ML                            0.16 
_refine.overall_SU_R_Cruickshank_DPI             ? 
_refine.overall_SU_R_free                        ? 
_refine.overall_FOM_free_R_set                   ? 
_refine.overall_FOM_work_R_set                   ? 
_refine.pdbx_average_fsc_overall                 ? 
_refine.pdbx_average_fsc_work                    ? 
_refine.pdbx_average_fsc_free                    ? 
# 
_refine_hist.pdbx_refine_id                   'X-RAY DIFFRACTION' 
_refine_hist.cycle_id                         LAST 
_refine_hist.pdbx_number_atoms_protein        1007 
_refine_hist.pdbx_number_atoms_nucleic_acid   0 
_refine_hist.pdbx_number_atoms_ligand         10 
_refine_hist.number_atoms_solvent             172 
_refine_hist.number_atoms_total               1189 
_refine_hist.d_res_high                       1.600 
_refine_hist.d_res_low                        26.535 
# 
loop_
_refine_ls_restr.pdbx_refine_id 
_refine_ls_restr.criterion 
_refine_ls_restr.dev_ideal 
_refine_ls_restr.dev_ideal_target 
_refine_ls_restr.number 
_refine_ls_restr.rejects 
_refine_ls_restr.type 
_refine_ls_restr.weight 
_refine_ls_restr.pdbx_restraint_function 
'X-RAY DIFFRACTION' ? 0.006  ? 1048 ? f_bond_d           ? ? 
'X-RAY DIFFRACTION' ? 1.081  ? 1428 ? f_angle_d          ? ? 
'X-RAY DIFFRACTION' ? 12.411 ? 389  ? f_dihedral_angle_d ? ? 
'X-RAY DIFFRACTION' ? 0.044  ? 159  ? f_chiral_restr     ? ? 
'X-RAY DIFFRACTION' ? 0.005  ? 190  ? f_plane_restr      ? ? 
# 
loop_
_refine_ls_shell.pdbx_refine_id 
_refine_ls_shell.d_res_high 
_refine_ls_shell.d_res_low 
_refine_ls_shell.number_reflns_all 
_refine_ls_shell.number_reflns_obs 
_refine_ls_shell.number_reflns_R_free 
_refine_ls_shell.number_reflns_R_work 
_refine_ls_shell.percent_reflns_obs 
_refine_ls_shell.percent_reflns_R_free 
_refine_ls_shell.R_factor_all 
_refine_ls_shell.R_factor_obs 
_refine_ls_shell.R_factor_R_free 
_refine_ls_shell.R_factor_R_free_error 
_refine_ls_shell.R_factor_R_work 
_refine_ls_shell.redundancy_reflns_all 
_refine_ls_shell.redundancy_reflns_obs 
_refine_ls_shell.wR_factor_all 
_refine_ls_shell.wR_factor_obs 
_refine_ls_shell.wR_factor_R_free 
_refine_ls_shell.wR_factor_R_work 
_refine_ls_shell.pdbx_total_number_of_bins_used 
_refine_ls_shell.pdbx_phase_error 
_refine_ls_shell.pdbx_fsc_work 
_refine_ls_shell.pdbx_fsc_free 
'X-RAY DIFFRACTION' 1.6000 1.6516  . . 107 958  72.00  . . . 0.2549 . 0.2000 . . . . . . . . . . 
'X-RAY DIFFRACTION' 1.6516 1.7106  . . 134 1210 91.00  . . . 0.2265 . 0.1767 . . . . . . . . . . 
'X-RAY DIFFRACTION' 1.7106 1.7791  . . 147 1326 100.00 . . . 0.2129 . 0.1717 . . . . . . . . . . 
'X-RAY DIFFRACTION' 1.7791 1.8601  . . 148 1334 100.00 . . . 0.2186 . 0.1665 . . . . . . . . . . 
'X-RAY DIFFRACTION' 1.8601 1.9581  . . 149 1346 100.00 . . . 0.2041 . 0.1694 . . . . . . . . . . 
'X-RAY DIFFRACTION' 1.9581 2.0808  . . 149 1342 100.00 . . . 0.2034 . 0.1620 . . . . . . . . . . 
'X-RAY DIFFRACTION' 2.0808 2.2413  . . 148 1341 100.00 . . . 0.2007 . 0.1788 . . . . . . . . . . 
'X-RAY DIFFRACTION' 2.2413 2.4667  . . 151 1354 100.00 . . . 0.1993 . 0.1784 . . . . . . . . . . 
'X-RAY DIFFRACTION' 2.4667 2.8233  . . 151 1361 100.00 . . . 0.2012 . 0.1912 . . . . . . . . . . 
'X-RAY DIFFRACTION' 2.8233 3.5558  . . 154 1386 100.00 . . . 0.1911 . 0.1660 . . . . . . . . . . 
'X-RAY DIFFRACTION' 3.5558 26.5385 . . 162 1466 99.00  . . . 0.1833 . 0.1496 . . . . . . . . . . 
# 
_struct.entry_id                     5XB0 
_struct.title                        
;1.6 A crystal structure of peptidyl-prolyl cis-trans isomerase PPIase from Pseudomonas syringae pv. tomato str. DC3000 (PSPTO DC3000)
;
_struct.pdbx_model_details           ? 
_struct.pdbx_formula_weight          ? 
_struct.pdbx_formula_weight_method   ? 
_struct.pdbx_model_type_details      ? 
_struct.pdbx_CASP_flag               N 
# 
_struct_keywords.entry_id        5XB0 
_struct_keywords.text            'FKBP, PPIase, PSPTO-PPIase, ISOMERASE' 
_struct_keywords.pdbx_keywords   ISOMERASE 
# 
loop_
_struct_asym.id 
_struct_asym.pdbx_blank_PDB_chainid_flag 
_struct_asym.pdbx_modified 
_struct_asym.entity_id 
_struct_asym.details 
A N N 1 ? 
B N N 2 ? 
C N N 3 ? 
# 
loop_
_struct_conf.conf_type_id 
_struct_conf.id 
_struct_conf.pdbx_PDB_helix_id 
_struct_conf.beg_label_comp_id 
_struct_conf.beg_label_asym_id 
_struct_conf.beg_label_seq_id 
_struct_conf.pdbx_beg_PDB_ins_code 
_struct_conf.end_label_comp_id 
_struct_conf.end_label_asym_id 
_struct_conf.end_label_seq_id 
_struct_conf.pdbx_end_PDB_ins_code 
_struct_conf.beg_auth_comp_id 
_struct_conf.beg_auth_asym_id 
_struct_conf.beg_auth_seq_id 
_struct_conf.end_auth_comp_id 
_struct_conf.end_auth_asym_id 
_struct_conf.end_auth_seq_id 
_struct_conf.pdbx_PDB_helix_class 
_struct_conf.details 
_struct_conf.pdbx_PDB_helix_length 
HELX_P HELX_P1 AA1 PRO A 5   ? ALA A 22  ? PRO A 96  ALA A 113 1 ? 18 
HELX_P HELX_P2 AA2 ALA A 30  ? GLY A 32  ? ALA A 121 GLY A 123 5 ? 3  
HELX_P HELX_P3 AA3 ASP A 78  ? VAL A 80  ? ASP A 169 VAL A 171 5 ? 3  
HELX_P HELX_P4 AA4 ILE A 81  ? LEU A 88  ? ILE A 172 LEU A 179 1 ? 8  
HELX_P HELX_P5 AA5 GLN A 89  ? MET A 91  ? GLN A 180 MET A 182 5 ? 3  
HELX_P HELX_P6 AA6 PRO A 102 ? ALA A 106 ? PRO A 193 ALA A 197 5 ? 5  
# 
_struct_conf_type.id          HELX_P 
_struct_conf_type.criteria    ? 
_struct_conf_type.reference   ? 
# 
loop_
_struct_sheet.id 
_struct_sheet.type 
_struct_sheet.number_strands 
_struct_sheet.details 
AA1 ? 6 ? 
AA2 ? 6 ? 
# 
loop_
_struct_sheet_order.sheet_id 
_struct_sheet_order.range_id_1 
_struct_sheet_order.range_id_2 
_struct_sheet_order.offset 
_struct_sheet_order.sense 
AA1 1 2 ? anti-parallel 
AA1 2 3 ? anti-parallel 
AA1 3 4 ? anti-parallel 
AA1 4 5 ? anti-parallel 
AA1 5 6 ? anti-parallel 
AA2 1 2 ? anti-parallel 
AA2 2 3 ? anti-parallel 
AA2 3 4 ? anti-parallel 
AA2 4 5 ? anti-parallel 
AA2 5 6 ? anti-parallel 
# 
loop_
_struct_sheet_range.sheet_id 
_struct_sheet_range.id 
_struct_sheet_range.beg_label_comp_id 
_struct_sheet_range.beg_label_asym_id 
_struct_sheet_range.beg_label_seq_id 
_struct_sheet_range.pdbx_beg_PDB_ins_code 
_struct_sheet_range.end_label_comp_id 
_struct_sheet_range.end_label_asym_id 
_struct_sheet_range.end_label_seq_id 
_struct_sheet_range.pdbx_end_PDB_ins_code 
_struct_sheet_range.beg_auth_comp_id 
_struct_sheet_range.beg_auth_asym_id 
_struct_sheet_range.beg_auth_seq_id 
_struct_sheet_range.end_auth_comp_id 
_struct_sheet_range.end_auth_asym_id 
_struct_sheet_range.end_auth_seq_id 
AA1 1 LYS A 27  ? GLU A 28  ? LYS A 118 GLU A 119 
AA1 2 LEU A 34  ? THR A 39  ? LEU A 125 THR A 130 
AA1 3 LYS A 96  ? ILE A 101 ? LYS A 187 ILE A 192 
AA1 4 LEU A 122 ? SER A 132 ? LEU A 213 SER A 223 
AA1 5 ARG A 51  ? ARG A 59  ? ARG A 142 ARG A 150 
AA1 6 ILE A 65  ? GLN A 68  ? ILE A 156 GLN A 159 
AA2 1 LYS A 27  ? GLU A 28  ? LYS A 118 GLU A 119 
AA2 2 LEU A 34  ? THR A 39  ? LEU A 125 THR A 130 
AA2 3 LYS A 96  ? ILE A 101 ? LYS A 187 ILE A 192 
AA2 4 LEU A 122 ? SER A 132 ? LEU A 213 SER A 223 
AA2 5 ARG A 51  ? ARG A 59  ? ARG A 142 ARG A 150 
AA2 6 GLN A 73  ? ARG A 76  ? GLN A 164 ARG A 167 
# 
loop_
_pdbx_struct_sheet_hbond.sheet_id 
_pdbx_struct_sheet_hbond.range_id_1 
_pdbx_struct_sheet_hbond.range_id_2 
_pdbx_struct_sheet_hbond.range_1_label_atom_id 
_pdbx_struct_sheet_hbond.range_1_label_comp_id 
_pdbx_struct_sheet_hbond.range_1_label_asym_id 
_pdbx_struct_sheet_hbond.range_1_label_seq_id 
_pdbx_struct_sheet_hbond.range_1_PDB_ins_code 
_pdbx_struct_sheet_hbond.range_1_auth_atom_id 
_pdbx_struct_sheet_hbond.range_1_auth_comp_id 
_pdbx_struct_sheet_hbond.range_1_auth_asym_id 
_pdbx_struct_sheet_hbond.range_1_auth_seq_id 
_pdbx_struct_sheet_hbond.range_2_label_atom_id 
_pdbx_struct_sheet_hbond.range_2_label_comp_id 
_pdbx_struct_sheet_hbond.range_2_label_asym_id 
_pdbx_struct_sheet_hbond.range_2_label_seq_id 
_pdbx_struct_sheet_hbond.range_2_PDB_ins_code 
_pdbx_struct_sheet_hbond.range_2_auth_atom_id 
_pdbx_struct_sheet_hbond.range_2_auth_comp_id 
_pdbx_struct_sheet_hbond.range_2_auth_asym_id 
_pdbx_struct_sheet_hbond.range_2_auth_seq_id 
AA1 1 2 N LYS A 27  ? N LYS A 118 O MET A 35  ? O MET A 126 
AA1 2 3 N THR A 36  ? N THR A 127 O ARG A 98  ? O ARG A 189 
AA1 3 4 N LEU A 99  ? N LEU A 190 O PHE A 124 ? O PHE A 215 
AA1 4 5 O VAL A 123 ? O VAL A 214 N ARG A 59  ? N ARG A 150 
AA1 5 6 N GLY A 58  ? N GLY A 149 O ASP A 67  ? O ASP A 158 
AA2 1 2 N LYS A 27  ? N LYS A 118 O MET A 35  ? O MET A 126 
AA2 2 3 N THR A 36  ? N THR A 127 O ARG A 98  ? O ARG A 189 
AA2 3 4 N LEU A 99  ? N LEU A 190 O PHE A 124 ? O PHE A 215 
AA2 4 5 O VAL A 123 ? O VAL A 214 N ARG A 59  ? N ARG A 150 
AA2 5 6 N VAL A 54  ? N VAL A 145 O GLN A 73  ? O GLN A 164 
# 
_struct_site.id                   AC1 
_struct_site.pdbx_evidence_code   Software 
_struct_site.pdbx_auth_asym_id    A 
_struct_site.pdbx_auth_comp_id    TLA 
_struct_site.pdbx_auth_seq_id     301 
_struct_site.pdbx_auth_ins_code   ? 
_struct_site.pdbx_num_residues    5 
_struct_site.details              'binding site for residue TLA A 301' 
# 
loop_
_struct_site_gen.id 
_struct_site_gen.site_id 
_struct_site_gen.pdbx_num_res 
_struct_site_gen.label_comp_id 
_struct_site_gen.label_asym_id 
_struct_site_gen.label_seq_id 
_struct_site_gen.pdbx_auth_ins_code 
_struct_site_gen.auth_comp_id 
_struct_site_gen.auth_asym_id 
_struct_site_gen.auth_seq_id 
_struct_site_gen.label_atom_id 
_struct_site_gen.label_alt_id 
_struct_site_gen.symmetry 
_struct_site_gen.details 
1 AC1 5 ASP A 67  ? ASP A 158 . ? 1_555 ? 
2 AC1 5 VAL A 80  ? VAL A 171 . ? 1_555 ? 
3 AC1 5 ILE A 81  ? ILE A 172 . ? 1_555 ? 
4 AC1 5 TRP A 84  ? TRP A 175 . ? 1_555 ? 
5 AC1 5 TYR A 107 ? TYR A 198 . ? 1_555 ? 
# 
_atom_sites.entry_id                    5XB0 
_atom_sites.fract_transf_matrix[1][1]   -0.02880156 
_atom_sites.fract_transf_matrix[1][2]   0.00794736 
_atom_sites.fract_transf_matrix[1][3]   -0.00365782 
_atom_sites.fract_transf_matrix[2][1]   0.00646638 
_atom_sites.fract_transf_matrix[2][2]   0.01750534 
_atom_sites.fract_transf_matrix[2][3]   -0.01288215 
_atom_sites.fract_transf_matrix[3][1]   -0.00068255 
_atom_sites.fract_transf_matrix[3][2]   -0.00702485 
_atom_sites.fract_transf_matrix[3][3]   -0.00988857 
_atom_sites.fract_transf_vector[1]      0.117625 
_atom_sites.fract_transf_vector[2]      -0.279213 
_atom_sites.fract_transf_vector[3]      -0.180478 
# 
loop_
_atom_type.symbol 
C 
N 
O 
S 
# 
loop_
_atom_site.group_PDB 
_atom_site.id 
_atom_site.type_symbol 
_atom_site.label_atom_id 
_atom_site.label_alt_id 
_atom_site.label_comp_id 
_atom_site.label_asym_id 
_atom_site.label_entity_id 
_atom_site.label_seq_id 
_atom_site.pdbx_PDB_ins_code 
_atom_site.Cartn_x 
_atom_site.Cartn_y 
_atom_site.Cartn_z 
_atom_site.occupancy 
_atom_site.B_iso_or_equiv 
_atom_site.pdbx_formal_charge 
_atom_site.auth_seq_id 
_atom_site.auth_comp_id 
_atom_site.auth_asym_id 
_atom_site.auth_atom_id 
_atom_site.pdbx_PDB_model_num 
ATOM   1    N N   . GLY A 1 1   ? -5.412  12.895  19.310  1.00 85.02 ? 92  GLY A N   1 
ATOM   2    C CA  . GLY A 1 1   ? -6.086  12.163  20.367  1.00 85.28 ? 92  GLY A CA  1 
ATOM   3    C C   . GLY A 1 1   ? -7.598  12.214  20.251  1.00 88.33 ? 92  GLY A C   1 
ATOM   4    O O   . GLY A 1 1   ? -8.313  11.734  21.129  1.00 91.98 ? 92  GLY A O   1 
ATOM   5    N N   . THR A 1 2   ? -8.086  12.808  19.166  1.00 85.54 ? 93  THR A N   1 
ATOM   6    C CA  . THR A 1 2   ? -9.520  12.856  18.896  1.00 81.26 ? 93  THR A CA  1 
ATOM   7    C C   . THR A 1 2   ? -9.765  12.850  17.382  1.00 76.56 ? 93  THR A C   1 
ATOM   8    O O   . THR A 1 2   ? -8.946  13.354  16.608  1.00 74.78 ? 93  THR A O   1 
ATOM   9    C CB  . THR A 1 2   ? -10.183 14.088  19.555  1.00 82.55 ? 93  THR A CB  1 
ATOM   10   O OG1 . THR A 1 2   ? -11.594 13.869  19.682  1.00 83.76 ? 93  THR A OG1 1 
ATOM   11   C CG2 . THR A 1 2   ? -9.920  15.359  18.756  1.00 84.72 ? 93  THR A CG2 1 
ATOM   12   N N   . ASP A 1 3   ? -10.884 12.266  16.965  1.00 60.90 ? 94  ASP A N   1 
ATOM   13   C CA  . ASP A 1 3   ? -11.104 11.971  15.550  1.00 59.66 ? 94  ASP A CA  1 
ATOM   14   C C   . ASP A 1 3   ? -11.860 13.059  14.799  1.00 56.07 ? 94  ASP A C   1 
ATOM   15   O O   . ASP A 1 3   ? -12.888 13.561  15.264  1.00 48.72 ? 94  ASP A O   1 
ATOM   16   C CB  . ASP A 1 3   ? -11.854 10.645  15.397  1.00 57.39 ? 94  ASP A CB  1 
ATOM   17   C CG  . ASP A 1 3   ? -11.017 9.453   15.809  1.00 61.06 ? 94  ASP A CG  1 
ATOM   18   O OD1 . ASP A 1 3   ? -9.777  9.526   15.680  1.00 62.87 ? 94  ASP A OD1 1 
ATOM   19   O OD2 . ASP A 1 3   ? -11.600 8.442   16.261  1.00 61.39 ? 94  ASP A OD2 1 
ATOM   20   N N   . ALA A 1 4   ? -11.339 13.410  13.627  1.00 44.55 ? 95  ALA A N   1 
ATOM   21   C CA  . ALA A 1 4   ? -12.014 14.339  12.734  1.00 44.62 ? 95  ALA A CA  1 
ATOM   22   C C   . ALA A 1 4   ? -13.382 13.785  12.353  1.00 43.14 ? 95  ALA A C   1 
ATOM   23   O O   . ALA A 1 4   ? -13.574 12.566  12.324  1.00 34.66 ? 95  ALA A O   1 
ATOM   24   C CB  . ALA A 1 4   ? -11.168 14.591  11.493  1.00 44.95 ? 95  ALA A CB  1 
ATOM   25   N N   . PRO A 1 5   ? -14.352 14.676  12.091  1.00 33.15 ? 96  PRO A N   1 
ATOM   26   C CA  . PRO A 1 5   ? -15.649 14.187  11.617  1.00 30.44 ? 96  PRO A CA  1 
ATOM   27   C C   . PRO A 1 5   ? -15.475 13.374  10.349  1.00 35.85 ? 96  PRO A C   1 
ATOM   28   O O   . PRO A 1 5   ? -14.643 13.745  9.520   1.00 30.46 ? 96  PRO A O   1 
ATOM   29   C CB  . PRO A 1 5   ? -16.439 15.477  11.348  1.00 33.77 ? 96  PRO A CB  1 
ATOM   30   C CG  . PRO A 1 5   ? -15.796 16.502  12.223  1.00 34.54 ? 96  PRO A CG  1 
ATOM   31   C CD  . PRO A 1 5   ? -14.339 16.139  12.274  1.00 36.09 ? 96  PRO A CD  1 
ATOM   32   N N   . THR A 1 6   ? -16.214 12.273  10.227  1.00 28.82 ? 97  THR A N   1 
ATOM   33   C CA  . THR A 1 6   ? -16.149 11.422  9.047   1.00 34.29 ? 97  THR A CA  1 
ATOM   34   C C   . THR A 1 6   ? -16.232 12.247  7.770   1.00 31.22 ? 97  THR A C   1 
ATOM   35   O O   . THR A 1 6   ? -15.461 12.028  6.843   1.00 28.18 ? 97  THR A O   1 
ATOM   36   C CB  . THR A 1 6   ? -17.278 10.376  9.044   1.00 30.40 ? 97  THR A CB  1 
ATOM   37   O OG1 . THR A 1 6   ? -17.135 9.520   10.180  1.00 33.49 ? 97  THR A OG1 1 
ATOM   38   C CG2 . THR A 1 6   ? -17.229 9.541   7.783   1.00 29.30 ? 97  THR A CG2 1 
ATOM   39   N N   . GLU A 1 7   ? -17.144 13.215  7.741   1.00 27.66 ? 98  GLU A N   1 
ATOM   40   C CA  . GLU A 1 7   ? -17.330 14.032  6.556   1.00 25.07 ? 98  GLU A CA  1 
ATOM   41   C C   . GLU A 1 7   ? -16.011 14.669  6.126   1.00 22.24 ? 98  GLU A C   1 
ATOM   42   O O   . GLU A 1 7   ? -15.607 14.544  4.973   1.00 25.63 ? 98  GLU A O   1 
ATOM   43   C CB  . GLU A 1 7   ? -18.395 15.112  6.802   1.00 28.68 ? 98  GLU A CB  1 
ATOM   44   C CG  . GLU A 1 7   ? -18.646 16.000  5.597   1.00 40.68 ? 98  GLU A CG  1 
ATOM   45   C CD  . GLU A 1 7   ? -19.797 16.969  5.805   1.00 47.54 ? 98  GLU A CD  1 
ATOM   46   O OE1 . GLU A 1 7   ? -20.498 16.859  6.836   1.00 42.77 ? 98  GLU A OE1 1 
ATOM   47   O OE2 . GLU A 1 7   ? -20.004 17.837  4.929   1.00 54.45 ? 98  GLU A OE2 1 
ATOM   48   N N   . ALA A 1 8   ? -15.327 15.319  7.063   1.00 22.27 ? 99  ALA A N   1 
ATOM   49   C CA  . ALA A 1 8   ? -14.078 16.006  6.754   1.00 21.89 ? 99  ALA A CA  1 
ATOM   50   C C   . ALA A 1 8   ? -12.948 15.031  6.445   1.00 25.92 ? 99  ALA A C   1 
ATOM   51   O O   . ALA A 1 8   ? -12.171 15.236  5.508   1.00 22.43 ? 99  ALA A O   1 
ATOM   52   C CB  . ALA A 1 8   ? -13.682 16.908  7.903   1.00 28.22 ? 99  ALA A CB  1 
ATOM   53   N N   . ALA A 1 9   ? -12.851 13.973  7.242   1.00 22.94 ? 100 ALA A N   1 
ATOM   54   C CA  . ALA A 1 9   ? -11.797 12.981  7.050   1.00 20.37 ? 100 ALA A CA  1 
ATOM   55   C C   . ALA A 1 9   ? -11.945 12.282  5.705   1.00 20.05 ? 100 ALA A C   1 
ATOM   56   O O   . ALA A 1 9   ? -10.960 12.064  5.001   1.00 20.14 ? 100 ALA A O   1 
ATOM   57   C CB  . ALA A 1 9   ? -11.812 11.969  8.184   1.00 22.70 ? 100 ALA A CB  1 
ATOM   58   N N   . LEU A 1 10  ? -13.179 11.947  5.345   1.00 20.54 ? 101 LEU A N   1 
ATOM   59   C CA  . LEU A 1 10  ? -13.445 11.299  4.067   1.00 17.27 ? 101 LEU A CA  1 
ATOM   60   C C   . LEU A 1 10  ? -13.125 12.228  2.902   1.00 19.74 ? 101 LEU A C   1 
ATOM   61   O O   . LEU A 1 10  ? -12.574 11.793  1.897   1.00 21.41 ? 101 LEU A O   1 
ATOM   62   C CB  . LEU A 1 10  ? -14.902 10.833  3.979   1.00 24.89 ? 101 LEU A CB  1 
ATOM   63   C CG  . LEU A 1 10  ? -15.248 9.542   4.724   1.00 27.97 ? 101 LEU A CG  1 
ATOM   64   C CD1 . LEU A 1 10  ? -16.658 9.105   4.355   1.00 38.03 ? 101 LEU A CD1 1 
ATOM   65   C CD2 . LEU A 1 10  ? -14.254 8.445   4.403   1.00 29.56 ? 101 LEU A CD2 1 
ATOM   66   N N   . LYS A 1 11  ? -13.477 13.504  3.034   1.00 22.62 ? 102 LYS A N   1 
ATOM   67   C CA  . LYS A 1 11  ? -13.164 14.469  1.992   1.00 20.88 ? 102 LYS A CA  1 
ATOM   68   C C   . LYS A 1 11  ? -11.657 14.603  1.825   1.00 19.29 ? 102 LYS A C   1 
ATOM   69   O O   . LYS A 1 11  ? -11.163 14.685  0.704   1.00 22.86 ? 102 LYS A O   1 
ATOM   70   C CB  . LYS A 1 11  ? -13.791 15.835  2.303   1.00 22.18 ? 102 LYS A CB  1 
ATOM   71   C CG  . LYS A 1 11  ? -13.469 16.900  1.267   1.00 30.05 ? 102 LYS A CG  1 
ATOM   72   C CD  . LYS A 1 11  ? -14.308 18.146  1.486   1.00 38.76 ? 102 LYS A CD  1 
ATOM   73   C CE  . LYS A 1 11  ? -14.108 19.148  0.358   1.00 42.80 ? 102 LYS A CE  1 
ATOM   74   N NZ  . LYS A 1 11  ? -14.990 20.329  0.521   1.00 40.99 ? 102 LYS A NZ  1 
ATOM   75   N N   . ALA A 1 12  ? -10.929 14.635  2.938   1.00 18.70 ? 103 ALA A N   1 
ATOM   76   C CA  . ALA A 1 12  ? -9.477  14.768  2.890   1.00 16.78 ? 103 ALA A CA  1 
ATOM   77   C C   . ALA A 1 12  ? -8.855  13.540  2.226   1.00 18.01 ? 103 ALA A C   1 
ATOM   78   O O   . ALA A 1 12  ? -7.940  13.662  1.407   1.00 18.67 ? 103 ALA A O   1 
ATOM   79   C CB  . ALA A 1 12  ? -8.906  14.968  4.284   1.00 18.93 ? 103 ALA A CB  1 
ATOM   80   N N   . GLU A 1 13  ? -9.363  12.360  2.562   1.00 18.70 ? 104 GLU A N   1 
ATOM   81   C CA  . GLU A 1 13  ? -8.855  11.153  1.924   1.00 16.39 ? 104 GLU A CA  1 
ATOM   82   C C   . GLU A 1 13  ? -9.131  11.185  0.424   1.00 17.12 ? 104 GLU A C   1 
ATOM   83   O O   . GLU A 1 13  ? -8.243  10.888  -0.376  1.00 16.95 ? 104 GLU A O   1 
ATOM   84   C CB  . GLU A 1 13  ? -9.453  9.878   2.524   1.00 19.74 ? 104 GLU A CB  1 
ATOM   85   C CG  . GLU A 1 13  ? -8.984  8.665   1.724   1.00 21.06 ? 104 GLU A CG  1 
ATOM   86   C CD  . GLU A 1 13  ? -9.429  7.335   2.267   1.00 27.66 ? 104 GLU A CD  1 
ATOM   87   O OE1 . GLU A 1 13  ? -9.206  6.332   1.556   1.00 25.74 ? 104 GLU A OE1 1 
ATOM   88   O OE2 . GLU A 1 13  ? -9.986  7.280   3.380   1.00 28.68 ? 104 GLU A OE2 1 
ATOM   89   N N   . ARG A 1 14  ? -10.355 11.544  0.041   1.00 16.11 ? 105 ARG A N   1 
ATOM   90   C CA  . ARG A 1 14  ? -10.715 11.564  -1.371  1.00 18.17 ? 105 ARG A CA  1 
ATOM   91   C C   . ARG A 1 14  ? -9.835  12.530  -2.158  1.00 17.73 ? 105 ARG A C   1 
ATOM   92   O O   . ARG A 1 14  ? -9.411  12.208  -3.269  1.00 17.83 ? 105 ARG A O   1 
ATOM   93   C CB  . ARG A 1 14  ? -12.193 11.927  -1.554  1.00 26.37 ? 105 ARG A CB  1 
ATOM   94   C CG  . ARG A 1 14  ? -13.140 10.814  -1.135  1.00 25.99 ? 105 ARG A CG  1 
ATOM   95   C CD  . ARG A 1 14  ? -14.235 10.601  -2.166  1.00 39.23 ? 105 ARG A CD  1 
ATOM   96   N NE  . ARG A 1 14  ? -14.901 11.846  -2.526  1.00 44.52 ? 105 ARG A NE  1 
ATOM   97   C CZ  . ARG A 1 14  ? -15.902 11.929  -3.397  1.00 61.52 ? 105 ARG A CZ  1 
ATOM   98   N NH1 . ARG A 1 14  ? -16.353 10.834  -3.996  1.00 71.64 ? 105 ARG A NH1 1 
ATOM   99   N NH2 . ARG A 1 14  ? -16.455 13.104  -3.670  1.00 60.86 ? 105 ARG A NH2 1 
ATOM   100  N N   . THR A 1 15  ? -9.549  13.703  -1.600  1.00 15.92 ? 106 THR A N   1 
ATOM   101  C CA  . THR A 1 15  ? -8.750  14.675  -2.349  1.00 17.46 ? 106 THR A CA  1 
ATOM   102  C C   . THR A 1 15  ? -7.288  14.237  -2.397  1.00 19.16 ? 106 THR A C   1 
ATOM   103  O O   . THR A 1 15  ? -6.609  14.447  -3.402  1.00 17.42 ? 106 THR A O   1 
ATOM   104  C CB  . THR A 1 15  ? -8.848  16.117  -1.773  1.00 21.53 ? 106 THR A CB  1 
ATOM   105  O OG1 . THR A 1 15  ? -8.355  16.157  -0.431  1.00 23.55 ? 106 THR A OG1 1 
ATOM   106  C CG2 . THR A 1 15  ? -10.273 16.592  -1.783  1.00 21.81 ? 106 THR A CG2 1 
ATOM   107  N N   . PHE A 1 16  ? -6.807  13.605  -1.332  1.00 16.06 ? 107 PHE A N   1 
ATOM   108  C CA  . PHE A 1 16  ? -5.458  13.048  -1.369  1.00 16.95 ? 107 PHE A CA  1 
ATOM   109  C C   . PHE A 1 16  ? -5.355  11.982  -2.460  1.00 18.53 ? 107 PHE A C   1 
ATOM   110  O O   . PHE A 1 16  ? -4.422  11.994  -3.277  1.00 15.90 ? 107 PHE A O   1 
ATOM   111  C CB  . PHE A 1 16  ? -5.069  12.451  -0.011  1.00 16.17 ? 107 PHE A CB  1 
ATOM   112  C CG  . PHE A 1 16  ? -3.683  11.859  0.013   1.00 16.45 ? 107 PHE A CG  1 
ATOM   113  C CD1 . PHE A 1 16  ? -2.571  12.670  0.168   1.00 16.17 ? 107 PHE A CD1 1 
ATOM   114  C CD2 . PHE A 1 16  ? -3.493  10.495  -0.138  1.00 15.79 ? 107 PHE A CD2 1 
ATOM   115  C CE1 . PHE A 1 16  ? -1.297  12.127  0.187   1.00 19.70 ? 107 PHE A CE1 1 
ATOM   116  C CE2 . PHE A 1 16  ? -2.233  9.952   -0.132  1.00 16.82 ? 107 PHE A CE2 1 
ATOM   117  C CZ  . PHE A 1 16  ? -1.128  10.764  0.032   1.00 16.50 ? 107 PHE A CZ  1 
ATOM   118  N N   . MET A 1 17  ? -6.305  11.051  -2.466  1.00 14.28 ? 108 MET A N   1 
ATOM   119  C CA  . MET A 1 17  ? -6.274  9.969   -3.438  1.00 16.41 ? 108 MET A CA  1 
ATOM   120  C C   . MET A 1 17  ? -6.418  10.494  -4.860  1.00 15.19 ? 108 MET A C   1 
ATOM   121  O O   . MET A 1 17  ? -5.716  10.039  -5.753  1.00 15.43 ? 108 MET A O   1 
ATOM   122  C CB  . MET A 1 17  ? -7.371  8.935   -3.148  1.00 16.32 ? 108 MET A CB  1 
ATOM   123  C CG  . MET A 1 17  ? -7.165  8.136   -1.867  1.00 16.28 ? 108 MET A CG  1 
ATOM   124  S SD  . MET A 1 17  ? -5.606  7.215   -1.787  1.00 15.66 ? 108 MET A SD  1 
ATOM   125  C CE  . MET A 1 17  ? -5.788  6.070   -3.163  1.00 16.48 ? 108 MET A CE  1 
ATOM   126  N N   . ALA A 1 18  ? -7.303  11.461  -5.074  1.00 15.57 ? 109 ALA A N   1 
ATOM   127  C CA  . ALA A 1 18  ? -7.496  11.980  -6.422  1.00 17.42 ? 109 ALA A CA  1 
ATOM   128  C C   . ALA A 1 18  ? -6.238  12.686  -6.925  1.00 15.53 ? 109 ALA A C   1 
ATOM   129  O O   . ALA A 1 18  ? -5.922  12.628  -8.118  1.00 16.35 ? 109 ALA A O   1 
ATOM   130  C CB  . ALA A 1 18  ? -8.687  12.922  -6.472  1.00 18.18 ? 109 ALA A CB  1 
ATOM   131  N N   . GLY A 1 19  ? -5.544  13.361  -6.015  1.00 15.17 ? 110 GLY A N   1 
ATOM   132  C CA  . GLY A 1 19  ? -4.329  14.076  -6.353  1.00 15.70 ? 110 GLY A CA  1 
ATOM   133  C C   . GLY A 1 19  ? -3.274  13.081  -6.801  1.00 16.54 ? 110 GLY A C   1 
ATOM   134  O O   . GLY A 1 19  ? -2.620  13.275  -7.827  1.00 16.21 ? 110 GLY A O   1 
ATOM   135  N N   . GLU A 1 20  ? -3.121  12.003  -6.040  1.00 14.11 ? 111 GLU A N   1 
ATOM   136  C CA  . GLU A 1 20  ? -2.114  10.991  -6.381  1.00 15.05 ? 111 GLU A CA  1 
ATOM   137  C C   . GLU A 1 20  ? -2.459  10.308  -7.705  1.00 19.59 ? 111 GLU A C   1 
ATOM   138  O O   . GLU A 1 20  ? -1.568  9.995   -8.503  1.00 19.56 ? 111 GLU A O   1 
ATOM   139  C CB  . GLU A 1 20  ? -1.975  9.952   -5.264  1.00 14.82 ? 111 GLU A CB  1 
ATOM   140  C CG  . GLU A 1 20  ? -1.452  10.516  -3.929  1.00 18.72 ? 111 GLU A CG  1 
ATOM   141  C CD  . GLU A 1 20  ? -0.067  11.120  -4.045  1.00 27.17 ? 111 GLU A CD  1 
ATOM   142  O OE1 . GLU A 1 20  ? 0.817   10.446  -4.626  1.00 21.91 ? 111 GLU A OE1 1 
ATOM   143  O OE2 . GLU A 1 20  ? 0.124   12.272  -3.573  1.00 25.78 ? 111 GLU A OE2 1 
ATOM   144  N N   . LYS A 1 21  ? -3.750  10.079  -7.935  1.00 14.37 ? 112 LYS A N   1 
ATOM   145  C CA  . LYS A 1 21  ? -4.209  9.376   -9.137  1.00 19.16 ? 112 LYS A CA  1 
ATOM   146  C C   . LYS A 1 21  ? -3.863  10.137  -10.426 1.00 22.23 ? 112 LYS A C   1 
ATOM   147  O O   . LYS A 1 21  ? -3.647  9.536   -11.488 1.00 20.99 ? 112 LYS A O   1 
ATOM   148  C CB  . LYS A 1 21  ? -5.724  9.136   -9.040  1.00 18.11 ? 112 LYS A CB  1 
ATOM   149  C CG  . LYS A 1 21  ? -6.333  8.295   -10.148 1.00 21.20 ? 112 LYS A CG  1 
ATOM   150  C CD  . LYS A 1 21  ? -7.791  8.018   -9.848  1.00 26.97 ? 112 LYS A CD  1 
ATOM   151  C CE  . LYS A 1 21  ? -8.542  7.562   -11.085 1.00 41.95 ? 112 LYS A CE  1 
ATOM   152  N NZ  . LYS A 1 21  ? -9.977  7.279   -10.788 1.00 53.37 ? 112 LYS A NZ  1 
ATOM   153  N N   . ALA A 1 22  ? -3.803  11.462  -10.321 1.00 18.44 ? 113 ALA A N   1 
ATOM   154  C CA  . ALA A 1 22  ? -3.622  12.327  -11.479 1.00 21.87 ? 113 ALA A CA  1 
ATOM   155  C C   . ALA A 1 22  ? -2.164  12.461  -11.889 1.00 20.92 ? 113 ALA A C   1 
ATOM   156  O O   . ALA A 1 22  ? -1.860  13.009  -12.952 1.00 22.07 ? 113 ALA A O   1 
ATOM   157  C CB  . ALA A 1 22  ? -4.212  13.702  -11.195 1.00 21.16 ? 113 ALA A CB  1 
ATOM   158  N N   . LYS A 1 23  ? -1.260  11.956  -11.056 1.00 20.54 ? 114 LYS A N   1 
ATOM   159  C CA  . LYS A 1 23  ? 0.168   12.152  -11.299 1.00 19.57 ? 114 LYS A CA  1 
ATOM   160  C C   . LYS A 1 23  ? 0.660   11.291  -12.457 1.00 18.88 ? 114 LYS A C   1 
ATOM   161  O O   . LYS A 1 23  ? 0.094   10.223  -12.726 1.00 20.34 ? 114 LYS A O   1 
ATOM   162  C CB  . LYS A 1 23  ? 0.963   11.860  -10.023 1.00 17.76 ? 114 LYS A CB  1 
ATOM   163  C CG  . LYS A 1 23  ? 0.677   12.867  -8.918  1.00 19.25 ? 114 LYS A CG  1 
ATOM   164  C CD  . LYS A 1 23  ? 1.525   12.618  -7.685  1.00 18.85 ? 114 LYS A CD  1 
ATOM   165  C CE  . LYS A 1 23  ? 1.294   13.727  -6.669  1.00 25.16 ? 114 LYS A CE  1 
ATOM   166  N NZ  . LYS A 1 23  ? 2.102   13.571  -5.437  1.00 24.98 ? 114 LYS A NZ  1 
ATOM   167  N N   . PRO A 1 24  ? 1.705   11.755  -13.161 1.00 22.24 ? 115 PRO A N   1 
ATOM   168  C CA  . PRO A 1 24  ? 2.204   11.044  -14.341 1.00 22.36 ? 115 PRO A CA  1 
ATOM   169  C C   . PRO A 1 24  ? 2.701   9.639   -14.030 1.00 19.27 ? 115 PRO A C   1 
ATOM   170  O O   . PRO A 1 24  ? 3.414   9.418   -13.047 1.00 19.81 ? 115 PRO A O   1 
ATOM   171  C CB  . PRO A 1 24  ? 3.365   11.923  -14.816 1.00 25.67 ? 115 PRO A CB  1 
ATOM   172  C CG  . PRO A 1 24  ? 3.100   13.254  -14.250 1.00 26.15 ? 115 PRO A CG  1 
ATOM   173  C CD  . PRO A 1 24  ? 2.459   12.998  -12.923 1.00 23.66 ? 115 PRO A CD  1 
ATOM   174  N N   . GLY A 1 25  ? 2.311   8.687   -14.867 1.00 23.21 ? 116 GLY A N   1 
ATOM   175  C CA  . GLY A 1 25  ? 2.804   7.331   -14.730 1.00 26.31 ? 116 GLY A CA  1 
ATOM   176  C C   . GLY A 1 25  ? 2.048   6.479   -13.735 1.00 19.40 ? 116 GLY A C   1 
ATOM   177  O O   . GLY A 1 25  ? 2.333   5.290   -13.595 1.00 20.60 ? 116 GLY A O   1 
ATOM   178  N N   . VAL A 1 26  ? 1.080   7.073   -13.045 1.00 16.86 ? 117 VAL A N   1 
ATOM   179  C CA  . VAL A 1 26  ? 0.329   6.341   -12.033 1.00 14.04 ? 117 VAL A CA  1 
ATOM   180  C C   . VAL A 1 26  ? -0.676  5.404   -12.679 1.00 20.76 ? 117 VAL A C   1 
ATOM   181  O O   . VAL A 1 26  ? -1.447  5.802   -13.557 1.00 22.19 ? 117 VAL A O   1 
ATOM   182  C CB  . VAL A 1 26  ? -0.374  7.297   -11.062 1.00 14.95 ? 117 VAL A CB  1 
ATOM   183  C CG1 . VAL A 1 26  ? -1.298  6.518   -10.121 1.00 20.73 ? 117 VAL A CG1 1 
ATOM   184  C CG2 . VAL A 1 26  ? 0.677   8.075   -10.258 1.00 18.35 ? 117 VAL A CG2 1 
ATOM   185  N N   . LYS A 1 27  ? -0.637  4.143   -12.268 1.00 15.48 ? 118 LYS A N   1 
ATOM   186  C CA  . LYS A 1 27  ? -1.598  3.160   -12.744 1.00 18.85 ? 118 LYS A CA  1 
ATOM   187  C C   . LYS A 1 27  ? -2.604  2.866   -11.636 1.00 16.85 ? 118 LYS A C   1 
ATOM   188  O O   . LYS A 1 27  ? -2.223  2.676   -10.477 1.00 17.96 ? 118 LYS A O   1 
ATOM   189  C CB  . LYS A 1 27  ? -0.903  1.869   -13.172 1.00 18.11 ? 118 LYS A CB  1 
ATOM   190  C CG  . LYS A 1 27  ? 0.258   2.059   -14.129 1.00 24.17 ? 118 LYS A CG  1 
ATOM   191  C CD  . LYS A 1 27  ? -0.134  2.952   -15.283 1.00 27.35 ? 118 LYS A CD  1 
ATOM   192  C CE  . LYS A 1 27  ? 1.051   3.200   -16.210 1.00 40.90 ? 118 LYS A CE  1 
ATOM   193  N NZ  . LYS A 1 27  ? 1.537   1.919   -16.795 1.00 44.92 ? 118 LYS A NZ  1 
ATOM   194  N N   . GLU A 1 28  ? -3.886  2.833   -11.985 1.00 15.97 ? 119 GLU A N   1 
ATOM   195  C CA  . GLU A 1 28  ? -4.906  2.478   -11.014 1.00 15.28 ? 119 GLU A CA  1 
ATOM   196  C C   . GLU A 1 28  ? -5.184  0.989   -11.086 1.00 17.05 ? 119 GLU A C   1 
ATOM   197  O O   . GLU A 1 28  ? -5.778  0.506   -12.059 1.00 18.01 ? 119 GLU A O   1 
ATOM   198  C CB  . GLU A 1 28  ? -6.199  3.265   -11.239 1.00 17.75 ? 119 GLU A CB  1 
ATOM   199  C CG  . GLU A 1 28  ? -7.255  2.950   -10.184 1.00 19.99 ? 119 GLU A CG  1 
ATOM   200  C CD  . GLU A 1 28  ? -8.579  3.672   -10.415 1.00 27.00 ? 119 GLU A CD  1 
ATOM   201  O OE1 . GLU A 1 28  ? -9.522  3.429   -9.631  1.00 27.95 ? 119 GLU A OE1 1 
ATOM   202  O OE2 . GLU A 1 28  ? -8.678  4.458   -11.382 1.00 30.30 ? 119 GLU A OE2 1 
ATOM   203  N N   . LEU A 1 29  ? -4.728  0.269   -10.058 1.00 15.74 ? 120 LEU A N   1 
ATOM   204  C CA  . LEU A 1 29  ? -4.966  -1.164  -9.950  1.00 13.68 ? 120 LEU A CA  1 
ATOM   205  C C   . LEU A 1 29  ? -6.368  -1.416  -9.405  1.00 15.45 ? 120 LEU A C   1 
ATOM   206  O O   . LEU A 1 29  ? -7.176  -0.485  -9.276  1.00 17.32 ? 120 LEU A O   1 
ATOM   207  C CB  . LEU A 1 29  ? -3.902  -1.803  -9.054  1.00 16.25 ? 120 LEU A CB  1 
ATOM   208  C CG  . LEU A 1 29  ? -2.438  -1.434  -9.360  1.00 15.02 ? 120 LEU A CG  1 
ATOM   209  C CD1 . LEU A 1 29  ? -1.517  -2.066  -8.328  1.00 16.04 ? 120 LEU A CD1 1 
ATOM   210  C CD2 . LEU A 1 29  ? -2.045  -1.898  -10.767 1.00 15.83 ? 120 LEU A CD2 1 
ATOM   211  N N   . ALA A 1 30  ? -6.683  -2.675  -9.117  1.00 17.95 ? 121 ALA A N   1 
ATOM   212  C CA  . ALA A 1 30  ? -7.993  -3.001  -8.561  1.00 18.21 ? 121 ALA A CA  1 
ATOM   213  C C   . ALA A 1 30  ? -8.242  -2.262  -7.255  1.00 17.95 ? 121 ALA A C   1 
ATOM   214  O O   . ALA A 1 30  ? -7.300  -1.952  -6.514  1.00 15.89 ? 121 ALA A O   1 
ATOM   215  C CB  . ALA A 1 30  ? -8.115  -4.500  -8.342  1.00 18.45 ? 121 ALA A CB  1 
ATOM   216  N N   . ASP A 1 31  ? -9.515  -1.959  -6.998  1.00 18.93 ? 122 ASP A N   1 
ATOM   217  C CA  . ASP A 1 31  ? -9.954  -1.442  -5.700  1.00 16.93 ? 122 ASP A CA  1 
ATOM   218  C C   . ASP A 1 31  ? -9.297  -0.114  -5.314  1.00 18.75 ? 122 ASP A C   1 
ATOM   219  O O   . ASP A 1 31  ? -9.135  0.181   -4.133  1.00 17.96 ? 122 ASP A O   1 
ATOM   220  C CB  . ASP A 1 31  ? -9.703  -2.490  -4.611  1.00 14.85 ? 122 ASP A CB  1 
ATOM   221  C CG  . ASP A 1 31  ? -10.504 -3.764  -4.841  1.00 21.24 ? 122 ASP A CG  1 
ATOM   222  O OD1 . ASP A 1 31  ? -11.662 -3.662  -5.316  1.00 22.41 ? 122 ASP A OD1 1 
ATOM   223  O OD2 . ASP A 1 31  ? -9.986  -4.865  -4.556  1.00 19.88 ? 122 ASP A OD2 1 
ATOM   224  N N   . GLY A 1 32  ? -8.933  0.678   -6.313  1.00 15.47 ? 123 GLY A N   1 
ATOM   225  C CA  . GLY A 1 32  ? -8.470  2.035   -6.065  1.00 16.27 ? 123 GLY A CA  1 
ATOM   226  C C   . GLY A 1 32  ? -7.014  2.194   -5.641  1.00 14.65 ? 123 GLY A C   1 
ATOM   227  O O   . GLY A 1 32  ? -6.585  3.309   -5.357  1.00 16.48 ? 123 GLY A O   1 
ATOM   228  N N   . ILE A 1 33  ? -6.256  1.106   -5.599  1.00 14.83 ? 124 ILE A N   1 
ATOM   229  C CA  . ILE A 1 33  ? -4.833  1.197   -5.276  1.00 14.16 ? 124 ILE A CA  1 
ATOM   230  C C   . ILE A 1 33  ? -4.098  1.857   -6.438  1.00 14.05 ? 124 ILE A C   1 
ATOM   231  O O   . ILE A 1 33  ? -4.334  1.518   -7.605  1.00 17.23 ? 124 ILE A O   1 
ATOM   232  C CB  . ILE A 1 33  ? -4.205  -0.191  -4.964  1.00 14.19 ? 124 ILE A CB  1 
ATOM   233  C CG1 . ILE A 1 33  ? -4.628  -0.683  -3.578  1.00 19.10 ? 124 ILE A CG1 1 
ATOM   234  C CG2 . ILE A 1 33  ? -2.675  -0.106  -4.958  1.00 15.33 ? 124 ILE A CG2 1 
ATOM   235  C CD1 . ILE A 1 33  ? -6.046  -1.154  -3.468  1.00 18.63 ? 124 ILE A CD1 1 
ATOM   236  N N   . LEU A 1 34  ? -3.217  2.805   -6.120  1.00 13.60 ? 125 LEU A N   1 
ATOM   237  C CA  . LEU A 1 34  ? -2.472  3.549   -7.132  1.00 12.15 ? 125 LEU A CA  1 
ATOM   238  C C   . LEU A 1 34  ? -1.005  3.169   -7.112  1.00 16.96 ? 125 LEU A C   1 
ATOM   239  O O   . LEU A 1 34  ? -0.355  3.255   -6.075  1.00 19.43 ? 125 LEU A O   1 
ATOM   240  C CB  . LEU A 1 34  ? -2.610  5.050   -6.904  1.00 12.76 ? 125 LEU A CB  1 
ATOM   241  C CG  . LEU A 1 34  ? -4.037  5.562   -6.729  1.00 13.26 ? 125 LEU A CG  1 
ATOM   242  C CD1 . LEU A 1 34  ? -4.045  7.018   -6.251  1.00 17.17 ? 125 LEU A CD1 1 
ATOM   243  C CD2 . LEU A 1 34  ? -4.817  5.431   -8.034  1.00 14.20 ? 125 LEU A CD2 1 
ATOM   244  N N   . MET A 1 35  ? -0.482  2.783   -8.267  1.00 12.30 ? 126 MET A N   1 
ATOM   245  C CA  . MET A 1 35  ? 0.879   2.293   -8.354  1.00 13.25 ? 126 MET A CA  1 
ATOM   246  C C   . MET A 1 35  ? 1.736   3.186   -9.234  1.00 14.72 ? 126 MET A C   1 
ATOM   247  O O   . MET A 1 35  ? 1.319   3.620   -10.325 1.00 14.89 ? 126 MET A O   1 
ATOM   248  C CB  . MET A 1 35  ? 0.886   0.858   -8.902  1.00 14.23 ? 126 MET A CB  1 
ATOM   249  C CG  . MET A 1 35  ? 2.264   0.207   -8.974  1.00 15.24 ? 126 MET A CG  1 
ATOM   250  S SD  . MET A 1 35  ? 3.180   0.552   -10.494 1.00 17.80 ? 126 MET A SD  1 
ATOM   251  C CE  . MET A 1 35  ? 2.347   -0.544  -11.638 1.00 19.49 ? 126 MET A CE  1 
ATOM   252  N N   . THR A 1 36  ? 2.945   3.447   -8.762  1.00 12.04 ? 127 THR A N   1 
ATOM   253  C CA  . THR A 1 36  ? 3.974   4.074   -9.574  1.00 12.35 ? 127 THR A CA  1 
ATOM   254  C C   . THR A 1 36  ? 5.187   3.153   -9.597  1.00 14.66 ? 127 THR A C   1 
ATOM   255  O O   . THR A 1 36  ? 5.626   2.700   -8.547  1.00 15.71 ? 127 THR A O   1 
ATOM   256  C CB  . THR A 1 36  ? 4.383   5.442   -9.020  1.00 14.80 ? 127 THR A CB  1 
ATOM   257  O OG1 . THR A 1 36  ? 3.213   6.239   -8.783  1.00 16.71 ? 127 THR A OG1 1 
ATOM   258  C CG2 . THR A 1 36  ? 5.301   6.165   -10.008 1.00 18.55 ? 127 THR A CG2 1 
ATOM   259  N N   . GLU A 1 37  ? 5.734   2.873   -10.778 1.00 15.95 ? 128 GLU A N   1 
ATOM   260  C CA  . GLU A 1 37  ? 6.864   1.957   -10.858 1.00 14.87 ? 128 GLU A CA  1 
ATOM   261  C C   . GLU A 1 37  ? 8.178   2.700   -10.764 1.00 14.41 ? 128 GLU A C   1 
ATOM   262  O O   . GLU A 1 37  ? 8.479   3.552   -11.601 1.00 19.09 ? 128 GLU A O   1 
ATOM   263  C CB  . GLU A 1 37  ? 6.808   1.153   -12.155 1.00 14.96 ? 128 GLU A CB  1 
ATOM   264  C CG  . GLU A 1 37  ? 7.936   0.161   -12.329 1.00 13.57 ? 128 GLU A CG  1 
ATOM   265  C CD  . GLU A 1 37  ? 7.589   -0.896  -13.360 1.00 20.69 ? 128 GLU A CD  1 
ATOM   266  O OE1 . GLU A 1 37  ? 7.953   -0.698  -14.541 1.00 23.88 ? 128 GLU A OE1 1 
ATOM   267  O OE2 . GLU A 1 37  ? 6.923   -1.895  -13.001 1.00 20.42 ? 128 GLU A OE2 1 
ATOM   268  N N   A LEU A 1 38  ? 8.955   2.376   -9.735  0.58 13.86 ? 129 LEU A N   1 
ATOM   269  N N   B LEU A 1 38  ? 8.961   2.405   -9.732  0.42 13.95 ? 129 LEU A N   1 
ATOM   270  C CA  A LEU A 1 38  ? 10.252  3.000   -9.541  0.58 15.39 ? 129 LEU A CA  1 
ATOM   271  C CA  B LEU A 1 38  ? 10.272  3.028   -9.607  0.42 15.35 ? 129 LEU A CA  1 
ATOM   272  C C   A LEU A 1 38  ? 11.285  2.237   -10.364 0.58 15.06 ? 129 LEU A C   1 
ATOM   273  C C   B LEU A 1 38  ? 11.272  2.230   -10.427 0.42 15.19 ? 129 LEU A C   1 
ATOM   274  O O   A LEU A 1 38  ? 12.095  2.832   -11.074 0.58 18.52 ? 129 LEU A O   1 
ATOM   275  O O   B LEU A 1 38  ? 12.058  2.793   -11.191 0.42 18.45 ? 129 LEU A O   1 
ATOM   276  C CB  A LEU A 1 38  ? 10.632  3.020   -8.052  0.58 14.06 ? 129 LEU A CB  1 
ATOM   277  C CB  B LEU A 1 38  ? 10.721  3.114   -8.141  0.42 14.08 ? 129 LEU A CB  1 
ATOM   278  C CG  A LEU A 1 38  ? 9.507   3.460   -7.104  0.58 19.12 ? 129 LEU A CG  1 
ATOM   279  C CG  B LEU A 1 38  ? 10.162  4.269   -7.306  0.42 13.53 ? 129 LEU A CG  1 
ATOM   280  C CD1 A LEU A 1 38  ? 9.953   3.438   -5.647  0.58 19.27 ? 129 LEU A CD1 1 
ATOM   281  C CD1 B LEU A 1 38  ? 8.694   4.046   -6.964  0.42 17.63 ? 129 LEU A CD1 1 
ATOM   282  C CD2 A LEU A 1 38  ? 8.980   4.835   -7.472  0.58 17.55 ? 129 LEU A CD2 1 
ATOM   283  C CD2 B LEU A 1 38  ? 10.992  4.459   -6.044  0.42 18.93 ? 129 LEU A CD2 1 
ATOM   284  N N   . THR A 1 39  ? 11.220  0.911   -10.275 1.00 15.10 ? 130 THR A N   1 
ATOM   285  C CA  . THR A 1 39  ? 12.131  0.001   -10.978 1.00 16.71 ? 130 THR A CA  1 
ATOM   286  C C   . THR A 1 39  ? 11.331  -1.179  -11.506 1.00 16.48 ? 130 THR A C   1 
ATOM   287  O O   . THR A 1 39  ? 10.587  -1.793  -10.756 1.00 15.04 ? 130 THR A O   1 
ATOM   288  C CB  . THR A 1 39  ? 13.236  -0.530  -10.042 1.00 17.19 ? 130 THR A CB  1 
ATOM   289  O OG1 . THR A 1 39  ? 13.977  0.573   -9.499  1.00 21.87 ? 130 THR A OG1 1 
ATOM   290  C CG2 . THR A 1 39  ? 14.185  -1.466  -10.783 1.00 20.59 ? 130 THR A CG2 1 
ATOM   291  N N   . PRO A 1 40  ? 11.466  -1.500  -12.803 1.00 15.45 ? 131 PRO A N   1 
ATOM   292  C CA  . PRO A 1 40  ? 10.740  -2.678  -13.286 1.00 16.79 ? 131 PRO A CA  1 
ATOM   293  C C   . PRO A 1 40  ? 11.387  -3.988  -12.849 1.00 14.74 ? 131 PRO A C   1 
ATOM   294  O O   . PRO A 1 40  ? 12.570  -4.042  -12.496 1.00 17.03 ? 131 PRO A O   1 
ATOM   295  C CB  . PRO A 1 40  ? 10.806  -2.527  -14.804 1.00 17.72 ? 131 PRO A CB  1 
ATOM   296  C CG  . PRO A 1 40  ? 12.051  -1.766  -15.040 1.00 19.42 ? 131 PRO A CG  1 
ATOM   297  C CD  . PRO A 1 40  ? 12.226  -0.833  -13.874 1.00 18.12 ? 131 PRO A CD  1 
ATOM   298  N N   . GLY A 1 41  ? 10.603  -5.054  -12.894 1.00 13.61 ? 132 GLY A N   1 
ATOM   299  C CA  . GLY A 1 41  ? 11.118  -6.386  -12.636 1.00 13.53 ? 132 GLY A CA  1 
ATOM   300  C C   . GLY A 1 41  ? 10.632  -7.341  -13.710 1.00 13.24 ? 132 GLY A C   1 
ATOM   301  O O   . GLY A 1 41  ? 9.673   -7.054  -14.426 1.00 15.94 ? 132 GLY A O   1 
ATOM   302  N N   . THR A 1 42  ? 11.305  -8.483  -13.826 1.00 14.86 ? 133 THR A N   1 
ATOM   303  C CA  . THR A 1 42  ? 10.907  -9.489  -14.802 1.00 15.94 ? 133 THR A CA  1 
ATOM   304  C C   . THR A 1 42  ? 10.820  -10.876 -14.187 1.00 16.48 ? 133 THR A C   1 
ATOM   305  O O   . THR A 1 42  ? 10.815  -11.872 -14.910 1.00 15.21 ? 133 THR A O   1 
ATOM   306  C CB  . THR A 1 42  ? 11.877  -9.538  -16.003 1.00 16.28 ? 133 THR A CB  1 
ATOM   307  O OG1 . THR A 1 42  ? 13.184  -9.894  -15.543 1.00 16.42 ? 133 THR A OG1 1 
ATOM   308  C CG2 . THR A 1 42  ? 11.945  -8.173  -16.695 1.00 16.60 ? 133 THR A CG2 1 
ATOM   309  N N   . GLY A 1 43  ? 10.728  -10.937 -12.857 1.00 13.81 ? 134 GLY A N   1 
ATOM   310  C CA  . GLY A 1 43  ? 10.622  -12.207 -12.159 1.00 15.99 ? 134 GLY A CA  1 
ATOM   311  C C   . GLY A 1 43  ? 9.183   -12.598 -11.908 1.00 13.61 ? 134 GLY A C   1 
ATOM   312  O O   . GLY A 1 43  ? 8.272   -11.923 -12.386 1.00 15.86 ? 134 GLY A O   1 
ATOM   313  N N   . PRO A 1 44  ? 8.966   -13.689 -11.155 1.00 14.77 ? 135 PRO A N   1 
ATOM   314  C CA  . PRO A 1 44  ? 7.613   -14.223 -10.940 1.00 14.70 ? 135 PRO A CA  1 
ATOM   315  C C   . PRO A 1 44  ? 6.721   -13.303 -10.123 1.00 15.78 ? 135 PRO A C   1 
ATOM   316  O O   . PRO A 1 44  ? 7.207   -12.564 -9.247  1.00 14.84 ? 135 PRO A O   1 
ATOM   317  C CB  . PRO A 1 44  ? 7.863   -15.530 -10.171 1.00 16.98 ? 135 PRO A CB  1 
ATOM   318  C CG  . PRO A 1 44  ? 9.298   -15.882 -10.466 1.00 15.73 ? 135 PRO A CG  1 
ATOM   319  C CD  . PRO A 1 44  ? 10.001  -14.553 -10.563 1.00 15.01 ? 135 PRO A CD  1 
ATOM   320  N N   . LYS A 1 45  ? 5.421   -13.382 -10.403 1.00 14.87 ? 136 LYS A N   1 
ATOM   321  C CA  . LYS A 1 45  ? 4.405   -12.680 -9.625  1.00 15.02 ? 136 LYS A CA  1 
ATOM   322  C C   . LYS A 1 45  ? 3.821   -13.655 -8.616  1.00 13.66 ? 136 LYS A C   1 
ATOM   323  O O   . LYS A 1 45  ? 3.739   -14.858 -8.891  1.00 15.98 ? 136 LYS A O   1 
ATOM   324  C CB  . LYS A 1 45  ? 3.284   -12.143 -10.522 1.00 15.53 ? 136 LYS A CB  1 
ATOM   325  C CG  . LYS A 1 45  ? 3.712   -11.091 -11.521 1.00 15.89 ? 136 LYS A CG  1 
ATOM   326  C CD  . LYS A 1 45  ? 2.613   -10.852 -12.542 1.00 16.33 ? 136 LYS A CD  1 
ATOM   327  C CE  . LYS A 1 45  ? 3.004   -9.759  -13.527 1.00 23.37 ? 136 LYS A CE  1 
ATOM   328  N NZ  . LYS A 1 45  ? 2.048   -9.686  -14.676 1.00 38.19 ? 136 LYS A NZ  1 
ATOM   329  N N   . PRO A 1 46  ? 3.391   -13.143 -7.452  1.00 14.00 ? 137 PRO A N   1 
ATOM   330  C CA  . PRO A 1 46  ? 2.804   -14.028 -6.439  1.00 15.56 ? 137 PRO A CA  1 
ATOM   331  C C   . PRO A 1 46  ? 1.350   -14.366 -6.716  1.00 17.13 ? 137 PRO A C   1 
ATOM   332  O O   . PRO A 1 46  ? 0.638   -13.568 -7.327  1.00 18.50 ? 137 PRO A O   1 
ATOM   333  C CB  . PRO A 1 46  ? 2.915   -13.206 -5.160  1.00 15.00 ? 137 PRO A CB  1 
ATOM   334  C CG  . PRO A 1 46  ? 2.771   -11.799 -5.632  1.00 14.96 ? 137 PRO A CG  1 
ATOM   335  C CD  . PRO A 1 46  ? 3.474   -11.746 -6.977  1.00 13.93 ? 137 PRO A CD  1 
ATOM   336  N N   . ASP A 1 47  ? 0.930   -15.543 -6.270  1.00 18.89 ? 138 ASP A N   1 
ATOM   337  C CA  . ASP A 1 47  ? -0.470  -15.937 -6.312  1.00 18.92 ? 138 ASP A CA  1 
ATOM   338  C C   . ASP A 1 47  ? -1.219  -15.318 -5.145  1.00 18.08 ? 138 ASP A C   1 
ATOM   339  O O   . ASP A 1 47  ? -0.617  -14.959 -4.126  1.00 19.42 ? 138 ASP A O   1 
ATOM   340  C CB  . ASP A 1 47  ? -0.606  -17.455 -6.265  1.00 20.94 ? 138 ASP A CB  1 
ATOM   341  C CG  . ASP A 1 47  ? -0.098  -18.134 -7.527  1.00 31.78 ? 138 ASP A CG  1 
ATOM   342  O OD1 . ASP A 1 47  ? -0.055  -17.488 -8.599  1.00 32.46 ? 138 ASP A OD1 1 
ATOM   343  O OD2 . ASP A 1 47  ? 0.238   -19.332 -7.446  1.00 38.07 ? 138 ASP A OD2 1 
ATOM   344  N N   . ALA A 1 48  ? -2.540  -15.224 -5.284  1.00 18.58 ? 139 ALA A N   1 
ATOM   345  C CA  . ALA A 1 48  ? -3.380  -14.632 -4.253  1.00 17.18 ? 139 ALA A CA  1 
ATOM   346  C C   . ALA A 1 48  ? -3.212  -15.340 -2.910  1.00 19.88 ? 139 ALA A C   1 
ATOM   347  O O   . ALA A 1 48  ? -3.333  -14.717 -1.855  1.00 24.96 ? 139 ALA A O   1 
ATOM   348  C CB  . ALA A 1 48  ? -4.850  -14.660 -4.687  1.00 21.32 ? 139 ALA A CB  1 
ATOM   349  N N   . ASN A 1 49  ? -2.940  -16.639 -2.945  1.00 21.32 ? 140 ASN A N   1 
ATOM   350  C CA  . ASN A 1 49  ? -2.743  -17.395 -1.715  1.00 23.52 ? 140 ASN A CA  1 
ATOM   351  C C   . ASN A 1 49  ? -1.284  -17.765 -1.487  1.00 24.61 ? 140 ASN A C   1 
ATOM   352  O O   . ASN A 1 49  ? -0.983  -18.724 -0.772  1.00 24.69 ? 140 ASN A O   1 
ATOM   353  C CB  . ASN A 1 49  ? -3.594  -18.659 -1.725  1.00 25.28 ? 140 ASN A CB  1 
ATOM   354  C CG  . ASN A 1 49  ? -3.170  -19.636 -2.805  1.00 31.54 ? 140 ASN A CG  1 
ATOM   355  O OD1 . ASN A 1 49  ? -2.493  -19.270 -3.771  1.00 35.04 ? 140 ASN A OD1 1 
ATOM   356  N ND2 . ASN A 1 49  ? -3.566  -20.889 -2.647  1.00 40.60 ? 140 ASN A ND2 1 
ATOM   357  N N   . GLY A 1 50  ? -0.382  -17.003 -2.094  1.00 19.25 ? 141 GLY A N   1 
ATOM   358  C CA  . GLY A 1 50  ? 1.034   -17.247 -1.931  1.00 20.29 ? 141 GLY A CA  1 
ATOM   359  C C   . GLY A 1 50  ? 1.685   -16.324 -0.921  1.00 20.93 ? 141 GLY A C   1 
ATOM   360  O O   . GLY A 1 50  ? 1.004   -15.675 -0.115  1.00 17.65 ? 141 GLY A O   1 
ATOM   361  N N   . ARG A 1 51  ? 3.014   -16.284 -0.967  1.00 16.62 ? 142 ARG A N   1 
ATOM   362  C CA  . ARG A 1 51  ? 3.810   -15.447 -0.085  1.00 15.96 ? 142 ARG A CA  1 
ATOM   363  C C   . ARG A 1 51  ? 4.718   -14.515 -0.877  1.00 16.37 ? 142 ARG A C   1 
ATOM   364  O O   . ARG A 1 51  ? 5.157   -14.848 -1.975  1.00 18.24 ? 142 ARG A O   1 
ATOM   365  C CB  . ARG A 1 51  ? 4.666   -16.307 0.852   1.00 21.40 ? 142 ARG A CB  1 
ATOM   366  C CG  . ARG A 1 51  ? 3.880   -17.278 1.717   1.00 24.72 ? 142 ARG A CG  1 
ATOM   367  C CD  . ARG A 1 51  ? 4.774   -18.394 2.222   1.00 40.27 ? 142 ARG A CD  1 
ATOM   368  N NE  . ARG A 1 51  ? 5.623   -17.982 3.336   1.00 43.22 ? 142 ARG A NE  1 
ATOM   369  C CZ  . ARG A 1 51  ? 6.950   -18.098 3.356   1.00 44.58 ? 142 ARG A CZ  1 
ATOM   370  N NH1 . ARG A 1 51  ? 7.597   -18.606 2.313   1.00 44.63 ? 142 ARG A NH1 1 
ATOM   371  N NH2 . ARG A 1 51  ? 7.630   -17.704 4.423   1.00 46.25 ? 142 ARG A NH2 1 
ATOM   372  N N   . VAL A 1 52  ? 4.985   -13.351 -0.297  1.00 15.11 ? 143 VAL A N   1 
ATOM   373  C CA  . VAL A 1 52  ? 5.933   -12.387 -0.839  1.00 12.84 ? 143 VAL A CA  1 
ATOM   374  C C   . VAL A 1 52  ? 7.044   -12.133 0.158   1.00 15.79 ? 143 VAL A C   1 
ATOM   375  O O   . VAL A 1 52  ? 6.815   -12.091 1.366   1.00 15.30 ? 143 VAL A O   1 
ATOM   376  C CB  . VAL A 1 52  ? 5.251   -11.046 -1.198  1.00 15.00 ? 143 VAL A CB  1 
ATOM   377  C CG1 . VAL A 1 52  ? 4.241   -11.263 -2.304  1.00 18.22 ? 143 VAL A CG1 1 
ATOM   378  C CG2 . VAL A 1 52  ? 4.566   -10.396 0.022   1.00 15.79 ? 143 VAL A CG2 1 
ATOM   379  N N   . GLU A 1 53  ? 8.261   -11.999 -0.346  1.00 13.16 ? 144 GLU A N   1 
ATOM   380  C CA  . GLU A 1 53  ? 9.375   -11.569 0.488   1.00 15.41 ? 144 GLU A CA  1 
ATOM   381  C C   . GLU A 1 53  ? 9.689   -10.153 0.056   1.00 15.60 ? 144 GLU A C   1 
ATOM   382  O O   . GLU A 1 53  ? 10.013  -9.917  -1.109  1.00 14.49 ? 144 GLU A O   1 
ATOM   383  C CB  . GLU A 1 53  ? 10.592  -12.481 0.335   1.00 13.58 ? 144 GLU A CB  1 
ATOM   384  C CG  . GLU A 1 53  ? 11.691  -12.193 1.361   1.00 17.01 ? 144 GLU A CG  1 
ATOM   385  C CD  . GLU A 1 53  ? 12.979  -12.960 1.097   1.00 20.11 ? 144 GLU A CD  1 
ATOM   386  O OE1 . GLU A 1 53  ? 13.257  -13.303 -0.070  1.00 21.43 ? 144 GLU A OE1 1 
ATOM   387  O OE2 . GLU A 1 53  ? 13.722  -13.230 2.069   1.00 25.82 ? 144 GLU A OE2 1 
ATOM   388  N N   . VAL A 1 54  ? 9.582   -9.203  0.985   1.00 14.26 ? 145 VAL A N   1 
ATOM   389  C CA  . VAL A 1 54  ? 9.660   -7.798  0.626   1.00 13.90 ? 145 VAL A CA  1 
ATOM   390  C C   . VAL A 1 54  ? 10.571  -6.986  1.539   1.00 14.25 ? 145 VAL A C   1 
ATOM   391  O O   . VAL A 1 54  ? 10.818  -7.355  2.682   1.00 17.23 ? 145 VAL A O   1 
ATOM   392  C CB  . VAL A 1 54  ? 8.260   -7.134  0.648   1.00 13.77 ? 145 VAL A CB  1 
ATOM   393  C CG1 . VAL A 1 54  ? 7.378   -7.719  -0.464  1.00 15.41 ? 145 VAL A CG1 1 
ATOM   394  C CG2 . VAL A 1 54  ? 7.608   -7.287  2.037   1.00 14.80 ? 145 VAL A CG2 1 
ATOM   395  N N   . ARG A 1 55  ? 11.081  -5.884  1.003   1.00 14.02 ? 146 ARG A N   1 
ATOM   396  C CA  . ARG A 1 55  ? 11.483  -4.748  1.816   1.00 12.60 ? 146 ARG A CA  1 
ATOM   397  C C   . ARG A 1 55  ? 10.406  -3.704  1.635   1.00 15.32 ? 146 ARG A C   1 
ATOM   398  O O   . ARG A 1 55  ? 9.845   -3.578  0.542   1.00 14.30 ? 146 ARG A O   1 
ATOM   399  C CB  . ARG A 1 55  ? 12.830  -4.178  1.380   1.00 15.88 ? 146 ARG A CB  1 
ATOM   400  C CG  . ARG A 1 55  ? 13.997  -5.096  1.528   1.00 20.04 ? 146 ARG A CG  1 
ATOM   401  C CD  . ARG A 1 55  ? 15.279  -4.335  1.237   1.00 21.77 ? 146 ARG A CD  1 
ATOM   402  N NE  . ARG A 1 55  ? 16.437  -5.137  1.585   1.00 26.17 ? 146 ARG A NE  1 
ATOM   403  C CZ  . ARG A 1 55  ? 17.034  -5.964  0.741   1.00 23.30 ? 146 ARG A CZ  1 
ATOM   404  N NH1 . ARG A 1 55  ? 16.589  -6.078  -0.502  1.00 27.18 ? 146 ARG A NH1 1 
ATOM   405  N NH2 . ARG A 1 55  ? 18.083  -6.666  1.137   1.00 24.19 ? 146 ARG A NH2 1 
ATOM   406  N N   . TYR A 1 56  ? 10.117  -2.934  2.678   1.00 13.66 ? 147 TYR A N   1 
ATOM   407  C CA  . TYR A 1 56  ? 9.070   -1.934  2.550   1.00 12.37 ? 147 TYR A CA  1 
ATOM   408  C C   . TYR A 1 56  ? 9.247   -0.776  3.518   1.00 13.40 ? 147 TYR A C   1 
ATOM   409  O O   . TYR A 1 56  ? 9.862   -0.902  4.571   1.00 14.30 ? 147 TYR A O   1 
ATOM   410  C CB  . TYR A 1 56  ? 7.683   -2.559  2.750   1.00 12.72 ? 147 TYR A CB  1 
ATOM   411  C CG  . TYR A 1 56  ? 7.405   -3.011  4.166   1.00 12.87 ? 147 TYR A CG  1 
ATOM   412  C CD1 . TYR A 1 56  ? 7.837   -4.256  4.610   1.00 15.47 ? 147 TYR A CD1 1 
ATOM   413  C CD2 . TYR A 1 56  ? 6.719   -2.196  5.063   1.00 14.08 ? 147 TYR A CD2 1 
ATOM   414  C CE1 . TYR A 1 56  ? 7.606   -4.680  5.922   1.00 16.51 ? 147 TYR A CE1 1 
ATOM   415  C CE2 . TYR A 1 56  ? 6.484   -2.611  6.381   1.00 16.34 ? 147 TYR A CE2 1 
ATOM   416  C CZ  . TYR A 1 56  ? 6.916   -3.860  6.794   1.00 19.14 ? 147 TYR A CZ  1 
ATOM   417  O OH  . TYR A 1 56  ? 6.692   -4.284  8.089   1.00 19.74 ? 147 TYR A OH  1 
ATOM   418  N N   . VAL A 1 57  ? 8.679   0.355   3.130   1.00 12.64 ? 148 VAL A N   1 
ATOM   419  C CA  . VAL A 1 57  ? 8.517   1.487   4.028   1.00 12.69 ? 148 VAL A CA  1 
ATOM   420  C C   . VAL A 1 57  ? 7.069   1.923   3.906   1.00 14.05 ? 148 VAL A C   1 
ATOM   421  O O   . VAL A 1 57  ? 6.588   2.165   2.807   1.00 17.39 ? 148 VAL A O   1 
ATOM   422  C CB  . VAL A 1 57  ? 9.458   2.649   3.686   1.00 13.42 ? 148 VAL A CB  1 
ATOM   423  C CG1 . VAL A 1 57  ? 9.225   3.803   4.668   1.00 16.77 ? 148 VAL A CG1 1 
ATOM   424  C CG2 . VAL A 1 57  ? 10.905  2.199   3.770   1.00 16.72 ? 148 VAL A CG2 1 
ATOM   425  N N   . GLY A 1 58  ? 6.378   2.017   5.039   1.00 13.41 ? 149 GLY A N   1 
ATOM   426  C CA  . GLY A 1 58  ? 4.993   2.456   5.044   1.00 14.06 ? 149 GLY A CA  1 
ATOM   427  C C   . GLY A 1 58  ? 4.873   3.814   5.704   1.00 14.35 ? 149 GLY A C   1 
ATOM   428  O O   . GLY A 1 58  ? 5.364   4.011   6.817   1.00 14.70 ? 149 GLY A O   1 
ATOM   429  N N   . ARG A 1 59  ? 4.246   4.749   4.997   1.00 13.58 ? 150 ARG A N   1 
ATOM   430  C CA  . ARG A 1 59  ? 4.103   6.118   5.471   1.00 13.05 ? 150 ARG A CA  1 
ATOM   431  C C   . ARG A 1 59  ? 2.665   6.606   5.489   1.00 15.09 ? 150 ARG A C   1 
ATOM   432  O O   . ARG A 1 59  ? 1.843   6.207   4.654   1.00 14.72 ? 150 ARG A O   1 
ATOM   433  C CB  . ARG A 1 59  ? 4.928   7.067   4.603   1.00 15.81 ? 150 ARG A CB  1 
ATOM   434  C CG  . ARG A 1 59  ? 6.409   6.745   4.553   1.00 19.27 ? 150 ARG A CG  1 
ATOM   435  C CD  . ARG A 1 59  ? 7.110   7.666   3.579   1.00 22.94 ? 150 ARG A CD  1 
ATOM   436  N NE  . ARG A 1 59  ? 7.960   8.619   4.274   1.00 50.82 ? 150 ARG A NE  1 
ATOM   437  C CZ  . ARG A 1 59  ? 9.270   8.466   4.431   1.00 46.69 ? 150 ARG A CZ  1 
ATOM   438  N NH1 . ARG A 1 59  ? 9.882   7.406   3.921   1.00 48.10 ? 150 ARG A NH1 1 
ATOM   439  N NH2 . ARG A 1 59  ? 9.968   9.382   5.089   1.00 53.03 ? 150 ARG A NH2 1 
ATOM   440  N N   . LEU A 1 60  ? 2.388   7.498   6.436   1.00 14.52 ? 151 LEU A N   1 
ATOM   441  C CA  . LEU A 1 60  ? 1.152   8.285   6.433   1.00 15.26 ? 151 LEU A CA  1 
ATOM   442  C C   . LEU A 1 60  ? 1.251   9.342   5.335   1.00 13.96 ? 151 LEU A C   1 
ATOM   443  O O   . LEU A 1 60  ? 2.344   9.617   4.830   1.00 16.04 ? 151 LEU A O   1 
ATOM   444  C CB  . LEU A 1 60  ? 0.930   8.940   7.799   1.00 15.12 ? 151 LEU A CB  1 
ATOM   445  C CG  . LEU A 1 60  ? 1.013   8.009   9.013   1.00 18.80 ? 151 LEU A CG  1 
ATOM   446  C CD1 . LEU A 1 60  ? 0.812   8.783   10.306  1.00 18.75 ? 151 LEU A CD1 1 
ATOM   447  C CD2 . LEU A 1 60  ? -0.013  6.896   8.866   1.00 17.72 ? 151 LEU A CD2 1 
ATOM   448  N N   . PRO A 1 61  ? 0.118   9.947   4.961   1.00 13.38 ? 152 PRO A N   1 
ATOM   449  C CA  . PRO A 1 61  ? 0.168   10.961  3.901   1.00 15.89 ? 152 PRO A CA  1 
ATOM   450  C C   . PRO A 1 61  ? 1.097   12.137  4.192   1.00 17.17 ? 152 PRO A C   1 
ATOM   451  O O   . PRO A 1 61  ? 1.588   12.744  3.239   1.00 18.05 ? 152 PRO A O   1 
ATOM   452  C CB  . PRO A 1 61  ? -1.282  11.436  3.812   1.00 17.46 ? 152 PRO A CB  1 
ATOM   453  C CG  . PRO A 1 61  ? -2.087  10.226  4.191   1.00 15.77 ? 152 PRO A CG  1 
ATOM   454  C CD  . PRO A 1 61  ? -1.265  9.536   5.261   1.00 14.57 ? 152 PRO A CD  1 
ATOM   455  N N   . ASP A 1 62  ? 1.340   12.451  5.461   1.00 14.91 ? 153 ASP A N   1 
ATOM   456  C CA  . ASP A 1 62  ? 2.249   13.549  5.785   1.00 17.17 ? 153 ASP A CA  1 
ATOM   457  C C   . ASP A 1 62  ? 3.718   13.115  5.817   1.00 17.66 ? 153 ASP A C   1 
ATOM   458  O O   . ASP A 1 62  ? 4.596   13.904  6.188   1.00 16.79 ? 153 ASP A O   1 
ATOM   459  C CB  . ASP A 1 62  ? 1.864   14.204  7.122   1.00 15.91 ? 153 ASP A CB  1 
ATOM   460  C CG  . ASP A 1 62  ? 1.960   13.256  8.318   1.00 15.67 ? 153 ASP A CG  1 
ATOM   461  O OD1 . ASP A 1 62  ? 2.630   12.210  8.246   1.00 18.20 ? 153 ASP A OD1 1 
ATOM   462  O OD2 . ASP A 1 62  ? 1.369   13.590  9.363   1.00 20.67 ? 153 ASP A OD2 1 
ATOM   463  N N   . GLY A 1 63  ? 3.984   11.864  5.437   1.00 15.32 ? 154 GLY A N   1 
ATOM   464  C CA  . GLY A 1 63  ? 5.343   11.369  5.338   1.00 16.43 ? 154 GLY A CA  1 
ATOM   465  C C   . GLY A 1 63  ? 5.790   10.497  6.491   1.00 16.06 ? 154 GLY A C   1 
ATOM   466  O O   . GLY A 1 63  ? 6.775   9.765   6.358   1.00 18.63 ? 154 GLY A O   1 
ATOM   467  N N   . LYS A 1 64  ? 5.087   10.568  7.618   1.00 15.76 ? 155 LYS A N   1 
ATOM   468  C CA  . LYS A 1 64  ? 5.512   9.819   8.799   1.00 17.29 ? 155 LYS A CA  1 
ATOM   469  C C   . LYS A 1 64  ? 5.576   8.321   8.530   1.00 16.84 ? 155 LYS A C   1 
ATOM   470  O O   . LYS A 1 64  ? 4.606   7.730   8.075   1.00 16.57 ? 155 LYS A O   1 
ATOM   471  C CB  . LYS A 1 64  ? 4.576   10.068  9.977   1.00 19.41 ? 155 LYS A CB  1 
ATOM   472  C CG  . LYS A 1 64  ? 5.034   9.354   11.250  1.00 25.72 ? 155 LYS A CG  1 
ATOM   473  C CD  . LYS A 1 64  ? 3.898   9.159   12.243  1.00 35.06 ? 155 LYS A CD  1 
ATOM   474  C CE  . LYS A 1 64  ? 4.370   8.376   13.462  1.00 43.38 ? 155 LYS A CE  1 
ATOM   475  N NZ  . LYS A 1 64  ? 3.254   8.065   14.402  1.00 47.40 ? 155 LYS A NZ  1 
ATOM   476  N N   . ILE A 1 65  ? 6.719   7.712   8.821   1.00 15.78 ? 156 ILE A N   1 
ATOM   477  C CA  . ILE A 1 65  ? 6.853   6.266   8.709   1.00 14.64 ? 156 ILE A CA  1 
ATOM   478  C C   . ILE A 1 65  ? 6.161   5.587   9.876   1.00 17.85 ? 156 ILE A C   1 
ATOM   479  O O   . ILE A 1 65  ? 6.513   5.837   11.028  1.00 23.73 ? 156 ILE A O   1 
ATOM   480  C CB  . ILE A 1 65  ? 8.323   5.857   8.669   1.00 14.85 ? 156 ILE A CB  1 
ATOM   481  C CG1 . ILE A 1 65  ? 8.987   6.417   7.413   1.00 18.64 ? 156 ILE A CG1 1 
ATOM   482  C CG2 . ILE A 1 65  ? 8.464   4.331   8.750   1.00 18.54 ? 156 ILE A CG2 1 
ATOM   483  C CD1 . ILE A 1 65  ? 10.493  6.168   7.378   1.00 23.76 ? 156 ILE A CD1 1 
ATOM   484  N N   . PHE A 1 66  ? 5.181   4.734   9.588   1.00 14.18 ? 157 PHE A N   1 
ATOM   485  C CA  . PHE A 1 66  ? 4.494   4.024   10.663  1.00 14.68 ? 157 PHE A CA  1 
ATOM   486  C C   . PHE A 1 66  ? 5.002   2.592   10.831  1.00 16.32 ? 157 PHE A C   1 
ATOM   487  O O   . PHE A 1 66  ? 4.820   1.995   11.891  1.00 19.26 ? 157 PHE A O   1 
ATOM   488  C CB  . PHE A 1 66  ? 2.982   4.022   10.447  1.00 17.87 ? 157 PHE A CB  1 
ATOM   489  C CG  . PHE A 1 66  ? 2.541   3.310   9.208   1.00 15.82 ? 157 PHE A CG  1 
ATOM   490  C CD1 . PHE A 1 66  ? 2.355   1.931   9.208   1.00 18.16 ? 157 PHE A CD1 1 
ATOM   491  C CD2 . PHE A 1 66  ? 2.307   4.014   8.041   1.00 16.14 ? 157 PHE A CD2 1 
ATOM   492  C CE1 . PHE A 1 66  ? 1.944   1.269   8.060   1.00 17.12 ? 157 PHE A CE1 1 
ATOM   493  C CE2 . PHE A 1 66  ? 1.886   3.355   6.902   1.00 15.89 ? 157 PHE A CE2 1 
ATOM   494  C CZ  . PHE A 1 66  ? 1.712   1.982   6.915   1.00 17.66 ? 157 PHE A CZ  1 
ATOM   495  N N   . ASP A 1 67  ? 5.640   2.052   9.793   1.00 15.05 ? 158 ASP A N   1 
ATOM   496  C CA  . ASP A 1 67  ? 6.254   0.727   9.863   1.00 14.83 ? 158 ASP A CA  1 
ATOM   497  C C   . ASP A 1 67  ? 7.215   0.580   8.690   1.00 17.25 ? 158 ASP A C   1 
ATOM   498  O O   . ASP A 1 67  ? 6.983   1.157   7.625   1.00 15.54 ? 158 ASP A O   1 
ATOM   499  C CB  . ASP A 1 67  ? 5.196   -0.382  9.834   1.00 16.65 ? 158 ASP A CB  1 
ATOM   500  C CG  . ASP A 1 67  ? 5.776   -1.770  10.126  1.00 19.88 ? 158 ASP A CG  1 
ATOM   501  O OD1 . ASP A 1 67  ? 6.797   -1.861  10.832  1.00 22.40 ? 158 ASP A OD1 1 
ATOM   502  O OD2 . ASP A 1 67  ? 5.201   -2.777  9.647   1.00 19.20 ? 158 ASP A OD2 1 
ATOM   503  N N   . GLN A 1 68  ? 8.284   -0.187  8.886   1.00 15.57 ? 159 GLN A N   1 
ATOM   504  C CA  . GLN A 1 68  ? 9.202   -0.504  7.793   1.00 16.02 ? 159 GLN A CA  1 
ATOM   505  C C   . GLN A 1 68  ? 9.962   -1.784  8.097   1.00 15.42 ? 159 GLN A C   1 
ATOM   506  O O   . GLN A 1 68  ? 10.072  -2.195  9.251   1.00 16.63 ? 159 GLN A O   1 
ATOM   507  C CB  . GLN A 1 68  ? 10.175  0.656   7.549   1.00 14.59 ? 159 GLN A CB  1 
ATOM   508  C CG  . GLN A 1 68  ? 11.160  0.898   8.676   1.00 14.00 ? 159 GLN A CG  1 
ATOM   509  C CD  . GLN A 1 68  ? 11.966  2.164   8.477   1.00 17.38 ? 159 GLN A CD  1 
ATOM   510  O OE1 . GLN A 1 68  ? 12.034  3.010   9.362   1.00 22.32 ? 159 GLN A OE1 1 
ATOM   511  N NE2 . GLN A 1 68  ? 12.599  2.288   7.321   1.00 16.92 ? 159 GLN A NE2 1 
ATOM   512  N N   . SER A 1 69  ? 10.462  -2.430  7.050   1.00 14.44 ? 160 SER A N   1 
ATOM   513  C CA  . SER A 1 69  ? 11.246  -3.644  7.207   1.00 14.50 ? 160 SER A CA  1 
ATOM   514  C C   . SER A 1 69  ? 12.653  -3.344  7.717   1.00 19.56 ? 160 SER A C   1 
ATOM   515  O O   . SER A 1 69  ? 13.182  -2.251  7.505   1.00 17.33 ? 160 SER A O   1 
ATOM   516  C CB  . SER A 1 69  ? 11.315  -4.386  5.869   1.00 17.30 ? 160 SER A CB  1 
ATOM   517  O OG  . SER A 1 69  ? 11.887  -3.547  4.873   1.00 17.40 ? 160 SER A OG  1 
ATOM   518  N N   . THR A 1 70  ? 13.254  -4.326  8.383   1.00 17.45 ? 161 THR A N   1 
ATOM   519  C CA  . THR A 1 70  ? 14.637  -4.225  8.851   1.00 16.58 ? 161 THR A CA  1 
ATOM   520  C C   . THR A 1 70  ? 15.551  -5.200  8.124   1.00 25.67 ? 161 THR A C   1 
ATOM   521  O O   . THR A 1 70  ? 16.781  -5.183  8.296   1.00 24.72 ? 161 THR A O   1 
ATOM   522  C CB  . THR A 1 70  ? 14.734  -4.500  10.348  1.00 19.89 ? 161 THR A CB  1 
ATOM   523  O OG1 . THR A 1 70  ? 14.056  -5.731  10.650  1.00 22.77 ? 161 THR A OG1 1 
ATOM   524  C CG2 . THR A 1 70  ? 14.108  -3.365  11.136  1.00 19.53 ? 161 THR A CG2 1 
ATOM   525  N N   . GLN A 1 71  ? 14.919  -6.066  7.342   1.00 20.84 ? 162 GLN A N   1 
ATOM   526  C CA  . GLN A 1 71  ? 15.556  -7.094  6.530   1.00 17.63 ? 162 GLN A CA  1 
ATOM   527  C C   . GLN A 1 71  ? 14.455  -7.560  5.591   1.00 17.33 ? 162 GLN A C   1 
ATOM   528  O O   . GLN A 1 71  ? 13.289  -7.265  5.848   1.00 19.73 ? 162 GLN A O   1 
ATOM   529  C CB  . GLN A 1 71  ? 16.072  -8.245  7.386   1.00 22.35 ? 162 GLN A CB  1 
ATOM   530  C CG  . GLN A 1 71  ? 14.947  -8.949  8.144   1.00 22.17 ? 162 GLN A CG  1 
ATOM   531  C CD  . GLN A 1 71  ? 15.370  -10.264 8.756   1.00 30.42 ? 162 GLN A CD  1 
ATOM   532  O OE1 . GLN A 1 71  ? 16.426  -10.806 8.427   1.00 34.16 ? 162 GLN A OE1 1 
ATOM   533  N NE2 . GLN A 1 71  ? 14.544  -10.786 9.658   1.00 28.80 ? 162 GLN A NE2 1 
ATOM   534  N N   . PRO A 1 72  ? 14.795  -8.280  4.508   1.00 17.04 ? 163 PRO A N   1 
ATOM   535  C CA  . PRO A 1 72  ? 13.706  -8.824  3.690   1.00 18.17 ? 163 PRO A CA  1 
ATOM   536  C C   . PRO A 1 72  ? 12.808  -9.724  4.530   1.00 16.61 ? 163 PRO A C   1 
ATOM   537  O O   . PRO A 1 72  ? 13.313  -10.505 5.342   1.00 19.65 ? 163 PRO A O   1 
ATOM   538  C CB  . PRO A 1 72  ? 14.434  -9.626  2.610   1.00 23.68 ? 163 PRO A CB  1 
ATOM   539  C CG  . PRO A 1 72  ? 15.762  -8.983  2.507   1.00 20.40 ? 163 PRO A CG  1 
ATOM   540  C CD  . PRO A 1 72  ? 16.117  -8.559  3.914   1.00 20.11 ? 163 PRO A CD  1 
ATOM   541  N N   . GLN A 1 73  ? 11.502  -9.574  4.360   1.00 16.00 ? 164 GLN A N   1 
ATOM   542  C CA  . GLN A 1 73  ? 10.534  -10.184 5.260   1.00 16.44 ? 164 GLN A CA  1 
ATOM   543  C C   . GLN A 1 73  ? 9.442   -10.903 4.479   1.00 14.83 ? 164 GLN A C   1 
ATOM   544  O O   . GLN A 1 73  ? 8.904   -10.339 3.533   1.00 16.16 ? 164 GLN A O   1 
ATOM   545  C CB  . GLN A 1 73  ? 9.926   -9.100  6.153   1.00 19.55 ? 164 GLN A CB  1 
ATOM   546  C CG  . GLN A 1 73  ? 9.018   -9.607  7.226   1.00 23.84 ? 164 GLN A CG  1 
ATOM   547  C CD  . GLN A 1 73  ? 8.734   -8.559  8.280   1.00 24.50 ? 164 GLN A CD  1 
ATOM   548  O OE1 . GLN A 1 73  ? 9.167   -7.403  8.171   1.00 21.47 ? 164 GLN A OE1 1 
ATOM   549  N NE2 . GLN A 1 73  ? 8.000   -8.958  9.315   1.00 23.44 ? 164 GLN A NE2 1 
ATOM   550  N N   . TRP A 1 74  ? 9.115   -12.132 4.891   1.00 16.38 ? 165 TRP A N   1 
ATOM   551  C CA  . TRP A 1 74  ? 8.036   -12.918 4.280   1.00 16.23 ? 165 TRP A CA  1 
ATOM   552  C C   . TRP A 1 74  ? 6.663   -12.602 4.865   1.00 16.73 ? 165 TRP A C   1 
ATOM   553  O O   . TRP A 1 74  ? 6.504   -12.516 6.093   1.00 18.86 ? 165 TRP A O   1 
ATOM   554  C CB  . TRP A 1 74  ? 8.298   -14.419 4.443   1.00 18.73 ? 165 TRP A CB  1 
ATOM   555  C CG  . TRP A 1 74  ? 9.386   -14.961 3.570   1.00 18.79 ? 165 TRP A CG  1 
ATOM   556  C CD1 . TRP A 1 74  ? 10.673  -15.227 3.932   1.00 23.33 ? 165 TRP A CD1 1 
ATOM   557  C CD2 . TRP A 1 74  ? 9.277   -15.310 2.185   1.00 16.38 ? 165 TRP A CD2 1 
ATOM   558  N NE1 . TRP A 1 74  ? 11.374  -15.720 2.859   1.00 22.60 ? 165 TRP A NE1 1 
ATOM   559  C CE2 . TRP A 1 74  ? 10.536  -15.789 1.775   1.00 17.91 ? 165 TRP A CE2 1 
ATOM   560  C CE3 . TRP A 1 74  ? 8.239   -15.264 1.252   1.00 17.05 ? 165 TRP A CE3 1 
ATOM   561  C CZ2 . TRP A 1 74  ? 10.792  -16.202 0.466   1.00 19.67 ? 165 TRP A CZ2 1 
ATOM   562  C CZ3 . TRP A 1 74  ? 8.491   -15.695 -0.048  1.00 19.05 ? 165 TRP A CZ3 1 
ATOM   563  C CH2 . TRP A 1 74  ? 9.758   -16.151 -0.425  1.00 20.63 ? 165 TRP A CH2 1 
ATOM   564  N N   . PHE A 1 75  ? 5.677   -12.451 3.978   1.00 15.32 ? 166 PHE A N   1 
ATOM   565  C CA  . PHE A 1 75  ? 4.268   -12.270 4.362   1.00 14.27 ? 166 PHE A CA  1 
ATOM   566  C C   . PHE A 1 75  ? 3.363   -13.157 3.514   1.00 16.12 ? 166 PHE A C   1 
ATOM   567  O O   . PHE A 1 75  ? 3.608   -13.338 2.326   1.00 15.67 ? 166 PHE A O   1 
ATOM   568  C CB  . PHE A 1 75  ? 3.825   -10.819 4.178   1.00 14.73 ? 166 PHE A CB  1 
ATOM   569  C CG  . PHE A 1 75  ? 4.531   -9.845  5.055   1.00 16.35 ? 166 PHE A CG  1 
ATOM   570  C CD1 . PHE A 1 75  ? 4.224   -9.760  6.407   1.00 20.88 ? 166 PHE A CD1 1 
ATOM   571  C CD2 . PHE A 1 75  ? 5.491   -8.997  4.535   1.00 16.08 ? 166 PHE A CD2 1 
ATOM   572  C CE1 . PHE A 1 75  ? 4.869   -8.845  7.216   1.00 23.62 ? 166 PHE A CE1 1 
ATOM   573  C CE2 . PHE A 1 75  ? 6.139   -8.081  5.343   1.00 19.29 ? 166 PHE A CE2 1 
ATOM   574  C CZ  . PHE A 1 75  ? 5.826   -8.006  6.687   1.00 20.18 ? 166 PHE A CZ  1 
ATOM   575  N N   . ARG A 1 76  ? 2.303   -13.688 4.116   1.00 14.52 ? 167 ARG A N   1 
ATOM   576  C CA  . ARG A 1 76  ? 1.243   -14.336 3.347   1.00 15.23 ? 167 ARG A CA  1 
ATOM   577  C C   . ARG A 1 76  ? 0.319   -13.282 2.761   1.00 16.22 ? 167 ARG A C   1 
ATOM   578  O O   . ARG A 1 76  ? -0.184  -12.422 3.492   1.00 16.22 ? 167 ARG A O   1 
ATOM   579  C CB  . ARG A 1 76  ? 0.438   -15.300 4.225   1.00 18.07 ? 167 ARG A CB  1 
ATOM   580  C CG  . ARG A 1 76  ? 1.188   -16.550 4.583   1.00 21.70 ? 167 ARG A CG  1 
ATOM   581  C CD  . ARG A 1 76  ? 0.379   -17.449 5.489   1.00 25.82 ? 167 ARG A CD  1 
ATOM   582  N NE  . ARG A 1 76  ? -0.896  -17.826 4.889   1.00 26.95 ? 167 ARG A NE  1 
ATOM   583  C CZ  . ARG A 1 76  ? -1.492  -18.996 5.091   1.00 41.90 ? 167 ARG A CZ  1 
ATOM   584  N NH1 . ARG A 1 76  ? -0.916  -19.907 5.867   1.00 42.83 ? 167 ARG A NH1 1 
ATOM   585  N NH2 . ARG A 1 76  ? -2.653  -19.260 4.511   1.00 36.33 ? 167 ARG A NH2 1 
ATOM   586  N N   . LEU A 1 77  ? 0.096   -13.334 1.452   1.00 16.72 ? 168 LEU A N   1 
ATOM   587  C CA  . LEU A 1 77  ? -0.806  -12.368 0.821   1.00 18.54 ? 168 LEU A CA  1 
ATOM   588  C C   . LEU A 1 77  ? -2.238  -12.464 1.347   1.00 20.20 ? 168 LEU A C   1 
ATOM   589  O O   . LEU A 1 77  ? -2.969  -11.470 1.332   1.00 22.88 ? 168 LEU A O   1 
ATOM   590  C CB  . LEU A 1 77  ? -0.808  -12.542 -0.699  1.00 20.73 ? 168 LEU A CB  1 
ATOM   591  C CG  . LEU A 1 77  ? 0.332   -11.848 -1.439  1.00 19.97 ? 168 LEU A CG  1 
ATOM   592  C CD1 . LEU A 1 77  ? 0.010   -11.784 -2.918  1.00 16.55 ? 168 LEU A CD1 1 
ATOM   593  C CD2 . LEU A 1 77  ? 0.593   -10.448 -0.885  1.00 17.84 ? 168 LEU A CD2 1 
ATOM   594  N N   . ASP A 1 78  ? -2.653  -13.639 1.814   1.00 18.62 ? 169 ASP A N   1 
ATOM   595  C CA  . ASP A 1 78  ? -4.016  -13.773 2.317   1.00 21.95 ? 169 ASP A CA  1 
ATOM   596  C C   . ASP A 1 78  ? -4.160  -13.251 3.746   1.00 22.20 ? 169 ASP A C   1 
ATOM   597  O O   . ASP A 1 78  ? -5.242  -13.334 4.341   1.00 25.40 ? 169 ASP A O   1 
ATOM   598  C CB  . ASP A 1 78  ? -4.512  -15.234 2.225   1.00 24.92 ? 169 ASP A CB  1 
ATOM   599  C CG  . ASP A 1 78  ? -3.726  -16.218 3.099   1.00 27.39 ? 169 ASP A CG  1 
ATOM   600  O OD1 . ASP A 1 78  ? -2.944  -15.817 3.993   1.00 23.21 ? 169 ASP A OD1 1 
ATOM   601  O OD2 . ASP A 1 78  ? -3.917  -17.437 2.883   1.00 29.14 ? 169 ASP A OD2 1 
ATOM   602  N N   . SER A 1 79  ? -3.082  -12.699 4.300   1.00 15.91 ? 170 SER A N   1 
ATOM   603  C CA  . SER A 1 79  ? -3.084  -12.347 5.710   1.00 16.02 ? 170 SER A CA  1 
ATOM   604  C C   . SER A 1 79  ? -2.591  -10.934 5.983   1.00 22.55 ? 170 SER A C   1 
ATOM   605  O O   . SER A 1 79  ? -2.322  -10.575 7.132   1.00 25.91 ? 170 SER A O   1 
ATOM   606  C CB  . SER A 1 79  ? -2.232  -13.341 6.498   1.00 15.60 ? 170 SER A CB  1 
ATOM   607  O OG  . SER A 1 79  ? -2.809  -14.627 6.455   1.00 19.80 ? 170 SER A OG  1 
ATOM   608  N N   . VAL A 1 80  ? -2.482  -10.133 4.931   1.00 16.74 ? 171 VAL A N   1 
ATOM   609  C CA  . VAL A 1 80  ? -2.072  -8.739  5.043   1.00 16.44 ? 171 VAL A CA  1 
ATOM   610  C C   . VAL A 1 80  ? -3.242  -7.825  4.663   1.00 18.74 ? 171 VAL A C   1 
ATOM   611  O O   . VAL A 1 80  ? -4.324  -8.311  4.307   1.00 18.85 ? 171 VAL A O   1 
ATOM   612  C CB  . VAL A 1 80  ? -0.853  -8.421  4.142   1.00 18.11 ? 171 VAL A CB  1 
ATOM   613  C CG1 . VAL A 1 80  ? 0.383   -9.161  4.646   1.00 21.51 ? 171 VAL A CG1 1 
ATOM   614  C CG2 . VAL A 1 80  ? -1.151  -8.778  2.698   1.00 19.68 ? 171 VAL A CG2 1 
ATOM   615  N N   . ILE A 1 81  ? -3.040  -6.512  4.741   1.00 17.18 ? 172 ILE A N   1 
ATOM   616  C CA  . ILE A 1 81  ? -4.118  -5.597  4.361   1.00 15.92 ? 172 ILE A CA  1 
ATOM   617  C C   . ILE A 1 81  ? -4.519  -5.881  2.919   1.00 15.66 ? 172 ILE A C   1 
ATOM   618  O O   . ILE A 1 81  ? -3.687  -6.271  2.091   1.00 14.91 ? 172 ILE A O   1 
ATOM   619  C CB  . ILE A 1 81  ? -3.742  -4.103  4.524   1.00 16.79 ? 172 ILE A CB  1 
ATOM   620  C CG1 . ILE A 1 81  ? -2.435  -3.781  3.815   1.00 15.15 ? 172 ILE A CG1 1 
ATOM   621  C CG2 . ILE A 1 81  ? -3.648  -3.724  6.010   1.00 20.24 ? 172 ILE A CG2 1 
ATOM   622  C CD1 . ILE A 1 81  ? -2.156  -2.297  3.709   1.00 19.91 ? 172 ILE A CD1 1 
ATOM   623  N N   . SER A 1 82  ? -5.804  -5.727  2.626   1.00 15.29 ? 173 SER A N   1 
ATOM   624  C CA  . SER A 1 82  ? -6.316  -6.202  1.351   1.00 14.58 ? 173 SER A CA  1 
ATOM   625  C C   . SER A 1 82  ? -5.704  -5.463  0.163   1.00 13.98 ? 173 SER A C   1 
ATOM   626  O O   . SER A 1 82  ? -5.619  -6.028  -0.919  1.00 15.30 ? 173 SER A O   1 
ATOM   627  C CB  . SER A 1 82  ? -7.851  -6.121  1.327   1.00 20.83 ? 173 SER A CB  1 
ATOM   628  O OG  . SER A 1 82  ? -8.309  -4.833  1.657   1.00 27.79 ? 173 SER A OG  1 
ATOM   629  N N   . GLY A 1 83  ? -5.245  -4.231  0.363   1.00 12.82 ? 174 GLY A N   1 
ATOM   630  C CA  . GLY A 1 83  ? -4.589  -3.497  -0.702  1.00 12.88 ? 174 GLY A CA  1 
ATOM   631  C C   . GLY A 1 83  ? -3.299  -4.167  -1.156  1.00 14.68 ? 174 GLY A C   1 
ATOM   632  O O   . GLY A 1 83  ? -2.951  -4.125  -2.331  1.00 14.60 ? 174 GLY A O   1 
ATOM   633  N N   . TRP A 1 84  ? -2.574  -4.784  -0.222  1.00 12.75 ? 175 TRP A N   1 
ATOM   634  C CA  . TRP A 1 84  ? -1.396  -5.573  -0.616  1.00 12.63 ? 175 TRP A CA  1 
ATOM   635  C C   . TRP A 1 84  ? -1.818  -6.839  -1.364  1.00 13.61 ? 175 TRP A C   1 
ATOM   636  O O   . TRP A 1 84  ? -1.217  -7.215  -2.374  1.00 13.51 ? 175 TRP A O   1 
ATOM   637  C CB  . TRP A 1 84  ? -0.555  -5.970  0.602   1.00 12.17 ? 175 TRP A CB  1 
ATOM   638  C CG  . TRP A 1 84  ? 0.421   -4.934  1.096   1.00 13.14 ? 175 TRP A CG  1 
ATOM   639  C CD1 . TRP A 1 84  ? 0.258   -3.580  1.097   1.00 15.17 ? 175 TRP A CD1 1 
ATOM   640  C CD2 . TRP A 1 84  ? 1.707   -5.188  1.665   1.00 15.19 ? 175 TRP A CD2 1 
ATOM   641  N NE1 . TRP A 1 84  ? 1.371   -2.971  1.634   1.00 15.39 ? 175 TRP A NE1 1 
ATOM   642  C CE2 . TRP A 1 84  ? 2.271   -3.939  1.995   1.00 16.08 ? 175 TRP A CE2 1 
ATOM   643  C CE3 . TRP A 1 84  ? 2.435   -6.355  1.933   1.00 20.10 ? 175 TRP A CE3 1 
ATOM   644  C CZ2 . TRP A 1 84  ? 3.536   -3.822  2.571   1.00 19.14 ? 175 TRP A CZ2 1 
ATOM   645  C CZ3 . TRP A 1 84  ? 3.699   -6.238  2.508   1.00 21.47 ? 175 TRP A CZ3 1 
ATOM   646  C CH2 . TRP A 1 84  ? 4.229   -4.980  2.824   1.00 17.73 ? 175 TRP A CH2 1 
ATOM   647  N N   . THR A 1 85  ? -2.839  -7.511  -0.841  1.00 12.79 ? 176 THR A N   1 
ATOM   648  C CA  . THR A 1 85  ? -3.307  -8.750  -1.446  1.00 13.91 ? 176 THR A CA  1 
ATOM   649  C C   . THR A 1 85  ? -3.589  -8.597  -2.936  1.00 13.83 ? 176 THR A C   1 
ATOM   650  O O   . THR A 1 85  ? -3.159  -9.405  -3.750  1.00 14.91 ? 176 THR A O   1 
ATOM   651  C CB  . THR A 1 85  ? -4.575  -9.250  -0.758  1.00 14.28 ? 176 THR A CB  1 
ATOM   652  O OG1 . THR A 1 85  ? -4.326  -9.385  0.647   1.00 17.21 ? 176 THR A OG1 1 
ATOM   653  C CG2 . THR A 1 85  ? -4.979  -10.607 -1.332  1.00 15.95 ? 176 THR A CG2 1 
ATOM   654  N N   . SER A 1 86  ? -4.336  -7.562  -3.291  1.00 14.98 ? 177 SER A N   1 
ATOM   655  C CA  . SER A 1 86  ? -4.689  -7.372  -4.683  1.00 16.51 ? 177 SER A CA  1 
ATOM   656  C C   . SER A 1 86  ? -3.534  -6.782  -5.477  1.00 14.50 ? 177 SER A C   1 
ATOM   657  O O   . SER A 1 86  ? -3.235  -7.248  -6.567  1.00 16.36 ? 177 SER A O   1 
ATOM   658  C CB  . SER A 1 86  ? -5.924  -6.479  -4.814  1.00 18.76 ? 177 SER A CB  1 
ATOM   659  O OG  . SER A 1 86  ? -5.728  -5.252  -4.145  1.00 18.39 ? 177 SER A OG  1 
ATOM   660  N N   . ALA A 1 87  ? -2.898  -5.745  -4.947  1.00 14.68 ? 178 ALA A N   1 
ATOM   661  C CA  . ALA A 1 87  ? -1.920  -5.028  -5.755  1.00 13.26 ? 178 ALA A CA  1 
ATOM   662  C C   . ALA A 1 87  ? -0.704  -5.894  -6.058  1.00 14.39 ? 178 ALA A C   1 
ATOM   663  O O   . ALA A 1 87  ? -0.197  -5.895  -7.182  1.00 13.11 ? 178 ALA A O   1 
ATOM   664  C CB  . ALA A 1 87  ? -1.492  -3.742  -5.059  1.00 13.80 ? 178 ALA A CB  1 
ATOM   665  N N   . LEU A 1 88  ? -0.240  -6.647  -5.065  1.00 14.88 ? 179 LEU A N   1 
ATOM   666  C CA  . LEU A 1 88  ? 1.041   -7.329  -5.237  1.00 15.08 ? 179 LEU A CA  1 
ATOM   667  C C   . LEU A 1 88  ? 0.949   -8.522  -6.198  1.00 14.15 ? 179 LEU A C   1 
ATOM   668  O O   . LEU A 1 88  ? 1.967   -8.992  -6.716  1.00 13.62 ? 179 LEU A O   1 
ATOM   669  C CB  . LEU A 1 88  ? 1.599   -7.758  -3.884  1.00 14.56 ? 179 LEU A CB  1 
ATOM   670  C CG  . LEU A 1 88  ? 2.000   -6.596  -2.971  1.00 13.74 ? 179 LEU A CG  1 
ATOM   671  C CD1 . LEU A 1 88  ? 2.697   -7.096  -1.698  1.00 15.65 ? 179 LEU A CD1 1 
ATOM   672  C CD2 . LEU A 1 88  ? 2.887   -5.597  -3.717  1.00 18.88 ? 179 LEU A CD2 1 
ATOM   673  N N   . GLN A 1 89  ? -0.263  -8.995  -6.484  1.00 13.10 ? 180 GLN A N   1 
ATOM   674  C CA  . GLN A 1 89  ? -0.411  -10.042 -7.504  1.00 12.43 ? 180 GLN A CA  1 
ATOM   675  C C   . GLN A 1 89  ? 0.024   -9.570  -8.890  1.00 13.66 ? 180 GLN A C   1 
ATOM   676  O O   . GLN A 1 89  ? 0.261   -10.387 -9.783  1.00 17.04 ? 180 GLN A O   1 
ATOM   677  C CB  . GLN A 1 89  ? -1.859  -10.524 -7.559  1.00 14.32 ? 180 GLN A CB  1 
ATOM   678  C CG  . GLN A 1 89  ? -2.238  -11.356 -6.357  1.00 16.22 ? 180 GLN A CG  1 
ATOM   679  C CD  . GLN A 1 89  ? -3.692  -11.766 -6.395  1.00 19.14 ? 180 GLN A CD  1 
ATOM   680  O OE1 . GLN A 1 89  ? -4.111  -12.555 -7.251  1.00 21.18 ? 180 GLN A OE1 1 
ATOM   681  N NE2 . GLN A 1 89  ? -4.480  -11.207 -5.484  1.00 18.32 ? 180 GLN A NE2 1 
ATOM   682  N N   . ASN A 1 90  ? 0.136   -8.255  -9.055  1.00 13.05 ? 181 ASN A N   1 
ATOM   683  C CA  . ASN A 1 90  ? 0.575   -7.657  -10.308 1.00 14.23 ? 181 ASN A CA  1 
ATOM   684  C C   . ASN A 1 90  ? 2.078   -7.475  -10.398 1.00 14.30 ? 181 ASN A C   1 
ATOM   685  O O   . ASN A 1 90  ? 2.611   -7.136  -11.462 1.00 15.74 ? 181 ASN A O   1 
ATOM   686  C CB  . ASN A 1 90  ? -0.083  -6.293  -10.481 1.00 14.58 ? 181 ASN A CB  1 
ATOM   687  C CG  . ASN A 1 90  ? -1.578  -6.386  -10.571 1.00 17.15 ? 181 ASN A CG  1 
ATOM   688  O OD1 . ASN A 1 90  ? -2.108  -6.829  -11.584 1.00 19.48 ? 181 ASN A OD1 1 
ATOM   689  N ND2 . ASN A 1 90  ? -2.269  -5.976  -9.512  1.00 15.83 ? 181 ASN A ND2 1 
ATOM   690  N N   . MET A 1 91  ? 2.760   -7.685  -9.278  1.00 13.38 ? 182 MET A N   1 
ATOM   691  C CA  . MET A 1 91  ? 4.134   -7.223  -9.138  1.00 12.18 ? 182 MET A CA  1 
ATOM   692  C C   . MET A 1 91  ? 5.159   -8.316  -9.417  1.00 13.05 ? 182 MET A C   1 
ATOM   693  O O   . MET A 1 91  ? 5.155   -9.348  -8.761  1.00 13.46 ? 182 MET A O   1 
ATOM   694  C CB  . MET A 1 91  ? 4.342   -6.675  -7.729  1.00 13.03 ? 182 MET A CB  1 
ATOM   695  C CG  . MET A 1 91  ? 5.651   -5.935  -7.575  1.00 13.44 ? 182 MET A CG  1 
ATOM   696  S SD  . MET A 1 91  ? 5.800   -5.209  -5.934  1.00 13.43 ? 182 MET A SD  1 
ATOM   697  C CE  . MET A 1 91  ? 7.323   -4.277  -6.125  1.00 13.19 ? 182 MET A CE  1 
ATOM   698  N N   . PRO A 1 92  ? 6.050   -8.095  -10.396 1.00 12.91 ? 183 PRO A N   1 
ATOM   699  C CA  . PRO A 1 92  ? 7.079   -9.099  -10.691 1.00 12.14 ? 183 PRO A CA  1 
ATOM   700  C C   . PRO A 1 92  ? 8.260   -9.013  -9.721  1.00 13.99 ? 183 PRO A C   1 
ATOM   701  O O   . PRO A 1 92  ? 8.633   -7.914  -9.306  1.00 14.31 ? 183 PRO A O   1 
ATOM   702  C CB  . PRO A 1 92  ? 7.514   -8.750  -12.118 1.00 17.18 ? 183 PRO A CB  1 
ATOM   703  C CG  . PRO A 1 92  ? 7.270   -7.285  -12.229 1.00 21.46 ? 183 PRO A CG  1 
ATOM   704  C CD  . PRO A 1 92  ? 6.097   -6.954  -11.329 1.00 13.93 ? 183 PRO A CD  1 
ATOM   705  N N   . THR A 1 93  ? 8.834   -10.159 -9.371  1.00 13.89 ? 184 THR A N   1 
ATOM   706  C CA  . THR A 1 93  ? 10.013  -10.166 -8.512  1.00 13.37 ? 184 THR A CA  1 
ATOM   707  C C   . THR A 1 93  ? 11.102  -9.280  -9.118  1.00 12.32 ? 184 THR A C   1 
ATOM   708  O O   . THR A 1 93  ? 11.331  -9.298  -10.329 1.00 14.89 ? 184 THR A O   1 
ATOM   709  C CB  . THR A 1 93  ? 10.527  -11.585 -8.299  1.00 14.22 ? 184 THR A CB  1 
ATOM   710  O OG1 . THR A 1 93  ? 9.510   -12.356 -7.639  1.00 16.26 ? 184 THR A OG1 1 
ATOM   711  C CG2 . THR A 1 93  ? 11.768  -11.582 -7.442  1.00 19.48 ? 184 THR A CG2 1 
ATOM   712  N N   . GLY A 1 94  ? 11.734  -8.459  -8.285  1.00 12.57 ? 185 GLY A N   1 
ATOM   713  C CA  . GLY A 1 94  ? 12.756  -7.541  -8.759  1.00 13.24 ? 185 GLY A CA  1 
ATOM   714  C C   . GLY A 1 94  ? 12.272  -6.104  -8.888  1.00 14.53 ? 185 GLY A C   1 
ATOM   715  O O   . GLY A 1 94  ? 13.074  -5.160  -8.916  1.00 17.77 ? 185 GLY A O   1 
ATOM   716  N N   . ALA A 1 95  ? 10.965  -5.920  -8.983  1.00 13.27 ? 186 ALA A N   1 
ATOM   717  C CA  . ALA A 1 95  ? 10.428  -4.568  -9.125  1.00 14.48 ? 186 ALA A CA  1 
ATOM   718  C C   . ALA A 1 95  ? 10.497  -3.788  -7.809  1.00 12.08 ? 186 ALA A C   1 
ATOM   719  O O   . ALA A 1 95  ? 10.562  -4.375  -6.722  1.00 14.62 ? 186 ALA A O   1 
ATOM   720  C CB  . ALA A 1 95  ? 8.993   -4.613  -9.627  1.00 14.63 ? 186 ALA A CB  1 
ATOM   721  N N   . LYS A 1 96  ? 10.488  -2.462  -7.932  1.00 12.42 ? 187 LYS A N   1 
ATOM   722  C CA  . LYS A 1 96  ? 10.309  -1.544  -6.802  1.00 12.96 ? 187 LYS A CA  1 
ATOM   723  C C   . LYS A 1 96  ? 9.137   -0.643  -7.157  1.00 14.29 ? 187 LYS A C   1 
ATOM   724  O O   . LYS A 1 96  ? 9.178   0.062   -8.178  1.00 14.45 ? 187 LYS A O   1 
ATOM   725  C CB  . LYS A 1 96  ? 11.562  -0.701  -6.534  1.00 13.70 ? 187 LYS A CB  1 
ATOM   726  C CG  . LYS A 1 96  ? 12.829  -1.496  -6.241  1.00 26.97 ? 187 LYS A CG  1 
ATOM   727  C CD  . LYS A 1 96  ? 13.863  -0.614  -5.527  1.00 33.20 ? 187 LYS A CD  1 
ATOM   728  C CE  . LYS A 1 96  ? 15.294  -1.025  -5.853  1.00 46.92 ? 187 LYS A CE  1 
ATOM   729  N NZ  . LYS A 1 96  ? 15.658  -0.689  -7.261  1.00 42.90 ? 187 LYS A NZ  1 
ATOM   730  N N   . TRP A 1 97  ? 8.097   -0.684  -6.327  1.00 13.74 ? 188 TRP A N   1 
ATOM   731  C CA  . TRP A 1 97  ? 6.842   0.025   -6.561  1.00 14.64 ? 188 TRP A CA  1 
ATOM   732  C C   . TRP A 1 97  ? 6.477   0.963   -5.426  1.00 14.12 ? 188 TRP A C   1 
ATOM   733  O O   . TRP A 1 97  ? 6.734   0.664   -4.259  1.00 14.03 ? 188 TRP A O   1 
ATOM   734  C CB  . TRP A 1 97  ? 5.687   -0.966  -6.738  1.00 11.93 ? 188 TRP A CB  1 
ATOM   735  C CG  . TRP A 1 97  ? 5.602   -1.597  -8.089  1.00 13.77 ? 188 TRP A CG  1 
ATOM   736  C CD1 . TRP A 1 97  ? 6.501   -1.485  -9.114  1.00 14.10 ? 188 TRP A CD1 1 
ATOM   737  C CD2 . TRP A 1 97  ? 4.541   -2.425  -8.572  1.00 14.19 ? 188 TRP A CD2 1 
ATOM   738  N NE1 . TRP A 1 97  ? 6.061   -2.197  -10.210 1.00 16.33 ? 188 TRP A NE1 1 
ATOM   739  C CE2 . TRP A 1 97  ? 4.855   -2.770  -9.905  1.00 14.33 ? 188 TRP A CE2 1 
ATOM   740  C CE3 . TRP A 1 97  ? 3.343   -2.900  -8.010  1.00 15.42 ? 188 TRP A CE3 1 
ATOM   741  C CZ2 . TRP A 1 97  ? 4.031   -3.589  -10.682 1.00 17.06 ? 188 TRP A CZ2 1 
ATOM   742  C CZ3 . TRP A 1 97  ? 2.515   -3.695  -8.791  1.00 14.64 ? 188 TRP A CZ3 1 
ATOM   743  C CH2 . TRP A 1 97  ? 2.869   -4.029  -10.111 1.00 14.89 ? 188 TRP A CH2 1 
ATOM   744  N N   . ARG A 1 98  ? 5.856   2.088   -5.780  1.00 11.59 ? 189 ARG A N   1 
ATOM   745  C CA  . ARG A 1 98  ? 5.161   2.935   -4.826  1.00 11.44 ? 189 ARG A CA  1 
ATOM   746  C C   . ARG A 1 98  ? 3.680   2.613   -4.930  1.00 15.18 ? 189 ARG A C   1 
ATOM   747  O O   . ARG A 1 98  ? 3.131   2.565   -6.031  1.00 15.24 ? 189 ARG A O   1 
ATOM   748  C CB  . ARG A 1 98  ? 5.432   4.419   -5.115  1.00 14.51 ? 189 ARG A CB  1 
ATOM   749  C CG  . ARG A 1 98  ? 4.639   5.396   -4.243  1.00 21.99 ? 189 ARG A CG  1 
ATOM   750  C CD  . ARG A 1 98  ? 5.180   6.810   -4.482  1.00 24.16 ? 189 ARG A CD  1 
ATOM   751  N NE  . ARG A 1 98  ? 4.678   7.821   -3.557  1.00 30.26 ? 189 ARG A NE  1 
ATOM   752  C CZ  . ARG A 1 98  ? 3.537   8.470   -3.748  1.00 24.50 ? 189 ARG A CZ  1 
ATOM   753  N NH1 . ARG A 1 98  ? 2.795   8.168   -4.804  1.00 27.12 ? 189 ARG A NH1 1 
ATOM   754  N NH2 . ARG A 1 98  ? 3.130   9.397   -2.883  1.00 20.58 ? 189 ARG A NH2 1 
ATOM   755  N N   . LEU A 1 99  ? 3.059   2.315   -3.798  1.00 13.00 ? 190 LEU A N   1 
ATOM   756  C CA  . LEU A 1 99  ? 1.622   2.058   -3.742  1.00 13.55 ? 190 LEU A CA  1 
ATOM   757  C C   . LEU A 1 99  ? 0.946   3.074   -2.854  1.00 12.96 ? 190 LEU A C   1 
ATOM   758  O O   . LEU A 1 99  ? 1.383   3.291   -1.727  1.00 16.24 ? 190 LEU A O   1 
ATOM   759  C CB  . LEU A 1 99  ? 1.324   0.659   -3.193  1.00 15.62 ? 190 LEU A CB  1 
ATOM   760  C CG  . LEU A 1 99  ? 1.843   -0.553  -3.950  1.00 13.30 ? 190 LEU A CG  1 
ATOM   761  C CD1 . LEU A 1 99  ? 1.388   -1.829  -3.238  1.00 16.54 ? 190 LEU A CD1 1 
ATOM   762  C CD2 . LEU A 1 99  ? 1.348   -0.540  -5.397  1.00 16.13 ? 190 LEU A CD2 1 
ATOM   763  N N   . VAL A 1 100 ? -0.140  3.663   -3.333  1.00 12.43 ? 191 VAL A N   1 
ATOM   764  C CA  . VAL A 1 100 ? -0.992  4.482   -2.483  1.00 10.50 ? 191 VAL A CA  1 
ATOM   765  C C   . VAL A 1 100 ? -2.290  3.720   -2.307  1.00 12.79 ? 191 VAL A C   1 
ATOM   766  O O   . VAL A 1 100 ? -2.959  3.400   -3.284  1.00 14.70 ? 191 VAL A O   1 
ATOM   767  C CB  . VAL A 1 100 ? -1.273  5.875   -3.082  1.00 12.78 ? 191 VAL A CB  1 
ATOM   768  C CG1 . VAL A 1 100 ? -2.071  6.720   -2.100  1.00 15.83 ? 191 VAL A CG1 1 
ATOM   769  C CG2 . VAL A 1 100 ? 0.035   6.579   -3.420  1.00 17.30 ? 191 VAL A CG2 1 
ATOM   770  N N   . ILE A 1 101 ? -2.624  3.418   -1.060  1.00 12.44 ? 192 ILE A N   1 
ATOM   771  C CA  . ILE A 1 101 ? -3.724  2.507   -0.758  1.00 12.17 ? 192 ILE A CA  1 
ATOM   772  C C   . ILE A 1 101 ? -4.814  3.259   -0.007  1.00 12.09 ? 192 ILE A C   1 
ATOM   773  O O   . ILE A 1 101 ? -4.552  3.828   1.063   1.00 14.40 ? 192 ILE A O   1 
ATOM   774  C CB  . ILE A 1 101 ? -3.206  1.301   0.073   1.00 14.49 ? 192 ILE A CB  1 
ATOM   775  C CG1 . ILE A 1 101 ? -2.079  0.604   -0.710  1.00 14.71 ? 192 ILE A CG1 1 
ATOM   776  C CG2 . ILE A 1 101 ? -4.327  0.334   0.413   1.00 12.66 ? 192 ILE A CG2 1 
ATOM   777  C CD1 . ILE A 1 101 ? -1.433  -0.550  0.016   1.00 17.94 ? 192 ILE A CD1 1 
ATOM   778  N N   . PRO A 1 102 ? -6.040  3.279   -0.560  1.00 13.71 ? 193 PRO A N   1 
ATOM   779  C CA  . PRO A 1 102 ? -7.146  3.949   0.144   1.00 13.28 ? 193 PRO A CA  1 
ATOM   780  C C   . PRO A 1 102 ? -7.441  3.275   1.462   1.00 13.62 ? 193 PRO A C   1 
ATOM   781  O O   . PRO A 1 102 ? -7.161  2.081   1.623   1.00 15.12 ? 193 PRO A O   1 
ATOM   782  C CB  . PRO A 1 102 ? -8.334  3.819   -0.826  1.00 15.64 ? 193 PRO A CB  1 
ATOM   783  C CG  . PRO A 1 102 ? -8.001  2.646   -1.672  1.00 18.36 ? 193 PRO A CG  1 
ATOM   784  C CD  . PRO A 1 102 ? -6.488  2.618   -1.798  1.00 13.73 ? 193 PRO A CD  1 
ATOM   785  N N   . SER A 1 103 ? -7.977  4.035   2.413   1.00 16.43 ? 194 SER A N   1 
ATOM   786  C CA  . SER A 1 103 ? -8.130  3.488   3.751   1.00 14.56 ? 194 SER A CA  1 
ATOM   787  C C   . SER A 1 103 ? -9.047  2.276   3.741   1.00 11.99 ? 194 SER A C   1 
ATOM   788  O O   . SER A 1 103 ? -8.863  1.380   4.568   1.00 15.05 ? 194 SER A O   1 
ATOM   789  C CB  . SER A 1 103 ? -8.641  4.541   4.744   1.00 16.52 ? 194 SER A CB  1 
ATOM   790  O OG  . SER A 1 103 ? -10.007 4.844   4.546   1.00 17.81 ? 194 SER A OG  1 
ATOM   791  N N   . ASP A 1 104 ? -9.998  2.191   2.803   1.00 14.51 ? 195 ASP A N   1 
ATOM   792  C CA  . ASP A 1 104 ? -10.887 1.026   2.836   1.00 14.04 ? 195 ASP A CA  1 
ATOM   793  C C   . ASP A 1 104 ? -10.183 -0.251  2.347   1.00 14.96 ? 195 ASP A C   1 
ATOM   794  O O   . ASP A 1 104 ? -10.748 -1.342  2.412   1.00 18.94 ? 195 ASP A O   1 
ATOM   795  C CB  . ASP A 1 104 ? -12.213 1.276   2.072   1.00 15.90 ? 195 ASP A CB  1 
ATOM   796  C CG  . ASP A 1 104 ? -12.043 1.579   0.587   1.00 20.28 ? 195 ASP A CG  1 
ATOM   797  O OD1 . ASP A 1 104 ? -11.005 1.251   -0.009  1.00 21.10 ? 195 ASP A OD1 1 
ATOM   798  O OD2 . ASP A 1 104 ? -13.017 2.124   0.002   1.00 22.15 ? 195 ASP A OD2 1 
ATOM   799  N N   . GLN A 1 105 ? -8.932  -0.116  1.906   1.00 13.68 ? 196 GLN A N   1 
ATOM   800  C CA  . GLN A 1 105 ? -8.115  -1.273  1.563   1.00 12.73 ? 196 GLN A CA  1 
ATOM   801  C C   . GLN A 1 105 ? -6.932  -1.399  2.519   1.00 13.53 ? 196 GLN A C   1 
ATOM   802  O O   . GLN A 1 105 ? -5.994  -2.161  2.277   1.00 15.79 ? 196 GLN A O   1 
ATOM   803  C CB  . GLN A 1 105 ? -7.637  -1.168  0.110   1.00 13.91 ? 196 GLN A CB  1 
ATOM   804  C CG  . GLN A 1 105 ? -8.738  -1.376  -0.896  1.00 16.18 ? 196 GLN A CG  1 
ATOM   805  C CD  . GLN A 1 105 ? -9.140  -2.839  -0.966  1.00 19.84 ? 196 GLN A CD  1 
ATOM   806  O OE1 . GLN A 1 105 ? -8.285  -3.720  -0.914  1.00 23.97 ? 196 GLN A OE1 1 
ATOM   807  N NE2 . GLN A 1 105 ? -10.423 -3.099  -1.061  1.00 27.29 ? 196 GLN A NE2 1 
ATOM   808  N N   . ALA A 1 106 ? -6.996  -0.648  3.613   1.00 15.21 ? 197 ALA A N   1 
ATOM   809  C CA  . ALA A 1 106 ? -5.951  -0.646  4.632   1.00 14.65 ? 197 ALA A CA  1 
ATOM   810  C C   . ALA A 1 106 ? -6.619  -0.825  6.001   1.00 16.82 ? 197 ALA A C   1 
ATOM   811  O O   . ALA A 1 106 ? -7.214  -1.881  6.257   1.00 15.66 ? 197 ALA A O   1 
ATOM   812  C CB  . ALA A 1 106 ? -5.148  0.632   4.561   1.00 15.59 ? 197 ALA A CB  1 
ATOM   813  N N   . TYR A 1 107 ? -6.584  0.187   6.867   1.00 13.28 ? 198 TYR A N   1 
ATOM   814  C CA  . TYR A 1 107 ? -7.171  0.020   8.206   1.00 14.21 ? 198 TYR A CA  1 
ATOM   815  C C   . TYR A 1 107 ? -8.534  0.700   8.377   1.00 17.26 ? 198 TYR A C   1 
ATOM   816  O O   . TYR A 1 107 ? -9.133  0.624   9.451   1.00 16.82 ? 198 TYR A O   1 
ATOM   817  C CB  . TYR A 1 107 ? -6.195  0.513   9.284   1.00 14.53 ? 198 TYR A CB  1 
ATOM   818  C CG  . TYR A 1 107 ? -4.924  -0.312  9.311   1.00 15.89 ? 198 TYR A CG  1 
ATOM   819  C CD1 . TYR A 1 107 ? -4.895  -1.553  9.935   1.00 21.11 ? 198 TYR A CD1 1 
ATOM   820  C CD2 . TYR A 1 107 ? -3.778  0.118   8.658   1.00 17.02 ? 198 TYR A CD2 1 
ATOM   821  C CE1 . TYR A 1 107 ? -3.746  -2.325  9.936   1.00 19.80 ? 198 TYR A CE1 1 
ATOM   822  C CE2 . TYR A 1 107 ? -2.618  -0.656  8.655   1.00 18.30 ? 198 TYR A CE2 1 
ATOM   823  C CZ  . TYR A 1 107 ? -2.618  -1.870  9.292   1.00 22.14 ? 198 TYR A CZ  1 
ATOM   824  O OH  . TYR A 1 107 ? -1.479  -2.646  9.295   1.00 24.14 ? 198 TYR A OH  1 
ATOM   825  N N   . GLY A 1 108 ? -9.019  1.356   7.325   1.00 15.02 ? 199 GLY A N   1 
ATOM   826  C CA  . GLY A 1 108 ? -10.419 1.762   7.267   1.00 13.41 ? 199 GLY A CA  1 
ATOM   827  C C   . GLY A 1 108 ? -10.882 2.723   8.352   1.00 14.42 ? 199 GLY A C   1 
ATOM   828  O O   . GLY A 1 108 ? -10.109 3.534   8.863   1.00 15.02 ? 199 GLY A O   1 
ATOM   829  N N   . ALA A 1 109 ? -12.165 2.635   8.685   1.00 17.46 ? 200 ALA A N   1 
ATOM   830  C CA  . ALA A 1 109 ? -12.754 3.485   9.713   1.00 16.83 ? 200 ALA A CA  1 
ATOM   831  C C   . ALA A 1 109 ? -12.162 3.233   11.094  1.00 20.21 ? 200 ALA A C   1 
ATOM   832  O O   . ALA A 1 109 ? -12.131 4.126   11.936  1.00 23.07 ? 200 ALA A O   1 
ATOM   833  C CB  . ALA A 1 109 ? -14.246 3.274   9.764   1.00 17.01 ? 200 ALA A CB  1 
ATOM   834  N N   . GLU A 1 110 ? -11.703 2.012   11.331  1.00 19.35 ? 201 GLU A N   1 
ATOM   835  C CA  . GLU A 1 110 ? -11.201 1.648   12.648  1.00 20.14 ? 201 GLU A CA  1 
ATOM   836  C C   . GLU A 1 110 ? -9.801  2.204   12.891  1.00 23.21 ? 201 GLU A C   1 
ATOM   837  O O   . GLU A 1 110 ? -9.449  2.560   14.021  1.00 21.70 ? 201 GLU A O   1 
ATOM   838  C CB  . GLU A 1 110 ? -11.197 0.129   12.819  1.00 24.20 ? 201 GLU A CB  1 
ATOM   839  C CG  . GLU A 1 110 ? -10.574 -0.325  14.138  1.00 35.09 ? 201 GLU A CG  1 
ATOM   840  C CD  . GLU A 1 110 ? -10.998 -1.719  14.562  1.00 40.73 ? 201 GLU A CD  1 
ATOM   841  O OE1 . GLU A 1 110 ? -11.378 -2.532  13.691  1.00 39.78 ? 201 GLU A OE1 1 
ATOM   842  O OE2 . GLU A 1 110 ? -10.939 -2.002  15.776  1.00 48.79 ? 201 GLU A OE2 1 
ATOM   843  N N   . GLY A 1 111 ? -8.997  2.285   11.833  1.00 17.43 ? 202 GLY A N   1 
ATOM   844  C CA  . GLY A 1 111 ? -7.619  2.718   11.990  1.00 15.20 ? 202 GLY A CA  1 
ATOM   845  C C   . GLY A 1 111 ? -6.834  1.691   12.787  1.00 17.97 ? 202 GLY A C   1 
ATOM   846  O O   . GLY A 1 111 ? -7.206  0.522   12.834  1.00 19.00 ? 202 GLY A O   1 
ATOM   847  N N   . ALA A 1 112 ? -5.742  2.124   13.404  1.00 18.39 ? 203 ALA A N   1 
ATOM   848  C CA  . ALA A 1 112 ? -4.982  1.258   14.295  1.00 18.69 ? 203 ALA A CA  1 
ATOM   849  C C   . ALA A 1 112 ? -4.694  2.010   15.586  1.00 17.84 ? 203 ALA A C   1 
ATOM   850  O O   . ALA A 1 112 ? -3.618  2.577   15.756  1.00 19.45 ? 203 ALA A O   1 
ATOM   851  C CB  . ALA A 1 112 ? -3.692  0.788   13.628  1.00 18.62 ? 203 ALA A CB  1 
ATOM   852  N N   . GLY A 1 113 ? -5.675  2.006   16.483  1.00 18.71 ? 204 GLY A N   1 
ATOM   853  C CA  . GLY A 1 113 ? -5.615  2.777   17.712  1.00 18.13 ? 204 GLY A CA  1 
ATOM   854  C C   . GLY A 1 113 ? -5.148  4.193   17.443  1.00 25.06 ? 204 GLY A C   1 
ATOM   855  O O   . GLY A 1 113 ? -5.581  4.822   16.481  1.00 26.99 ? 204 GLY A O   1 
ATOM   856  N N   . ASP A 1 114 ? -4.229  4.674   18.270  1.00 22.55 ? 205 ASP A N   1 
ATOM   857  C CA  . ASP A 1 114 ? -3.702  6.025   18.125  1.00 21.62 ? 205 ASP A CA  1 
ATOM   858  C C   . ASP A 1 114 ? -2.544  6.106   17.129  1.00 25.11 ? 205 ASP A C   1 
ATOM   859  O O   . ASP A 1 114 ? -2.033  7.194   16.871  1.00 27.36 ? 205 ASP A O   1 
ATOM   860  C CB  . ASP A 1 114 ? -3.251  6.560   19.487  1.00 25.80 ? 205 ASP A CB  1 
ATOM   861  C CG  . ASP A 1 114 ? -4.401  6.710   20.467  1.00 26.35 ? 205 ASP A CG  1 
ATOM   862  O OD1 . ASP A 1 114 ? -5.572  6.729   20.029  1.00 30.26 ? 205 ASP A OD1 1 
ATOM   863  O OD2 . ASP A 1 114 ? -4.127  6.811   21.683  1.00 34.27 ? 205 ASP A OD2 1 
ATOM   864  N N   . LEU A 1 115 ? -2.142  4.966   16.562  1.00 20.18 ? 206 LEU A N   1 
ATOM   865  C CA  . LEU A 1 115 ? -1.000  4.913   15.642  1.00 20.79 ? 206 LEU A CA  1 
ATOM   866  C C   . LEU A 1 115 ? -1.376  5.274   14.197  1.00 21.64 ? 206 LEU A C   1 
ATOM   867  O O   . LEU A 1 115 ? -0.597  5.910   13.486  1.00 22.89 ? 206 LEU A O   1 
ATOM   868  C CB  . LEU A 1 115 ? -0.354  3.524   15.685  1.00 21.40 ? 206 LEU A CB  1 
ATOM   869  C CG  . LEU A 1 115 ? 0.153   3.136   17.080  1.00 27.41 ? 206 LEU A CG  1 
ATOM   870  C CD1 . LEU A 1 115 ? 0.730   1.740   17.088  1.00 26.97 ? 206 LEU A CD1 1 
ATOM   871  C CD2 . LEU A 1 115 ? 1.182   4.140   17.569  1.00 29.22 ? 206 LEU A CD2 1 
ATOM   872  N N   . ILE A 1 116 ? -2.564  4.859   13.763  1.00 17.09 ? 207 ILE A N   1 
ATOM   873  C CA  . ILE A 1 116 ? -3.081  5.244   12.451  1.00 19.75 ? 207 ILE A CA  1 
ATOM   874  C C   . ILE A 1 116 ? -4.524  5.672   12.632  1.00 17.55 ? 207 ILE A C   1 
ATOM   875  O O   . ILE A 1 116 ? -5.331  4.906   13.148  1.00 17.18 ? 207 ILE A O   1 
ATOM   876  C CB  . ILE A 1 116 ? -2.995  4.097   11.417  1.00 17.44 ? 207 ILE A CB  1 
ATOM   877  C CG1 . ILE A 1 116 ? -1.537  3.656   11.220  1.00 18.12 ? 207 ILE A CG1 1 
ATOM   878  C CG2 . ILE A 1 116 ? -3.579  4.530   10.078  1.00 18.92 ? 207 ILE A CG2 1 
ATOM   879  C CD1 . ILE A 1 116 ? -1.381  2.478   10.268  1.00 19.33 ? 207 ILE A CD1 1 
ATOM   880  N N   . ASP A 1 117 ? -4.841  6.911   12.252  1.00 18.90 ? 208 ASP A N   1 
ATOM   881  C CA  . ASP A 1 117 ? -6.181  7.443   12.454  1.00 17.86 ? 208 ASP A CA  1 
ATOM   882  C C   . ASP A 1 117 ? -7.181  6.766   11.521  1.00 17.29 ? 208 ASP A C   1 
ATOM   883  O O   . ASP A 1 117 ? -6.801  6.206   10.490  1.00 16.00 ? 208 ASP A O   1 
ATOM   884  C CB  . ASP A 1 117 ? -6.207  8.956   12.213  1.00 18.65 ? 208 ASP A CB  1 
ATOM   885  C CG  . ASP A 1 117 ? -5.446  9.736   13.268  1.00 27.35 ? 208 ASP A CG  1 
ATOM   886  O OD1 . ASP A 1 117 ? -5.233  9.197   14.370  1.00 27.28 ? 208 ASP A OD1 1 
ATOM   887  O OD2 . ASP A 1 117 ? -5.070  10.889  12.982  1.00 26.74 ? 208 ASP A OD2 1 
ATOM   888  N N   . PRO A 1 118 ? -8.466  6.810   11.878  1.00 18.11 ? 209 PRO A N   1 
ATOM   889  C CA  . PRO A 1 118 ? -9.515  6.436   10.929  1.00 17.10 ? 209 PRO A CA  1 
ATOM   890  C C   . PRO A 1 118 ? -9.344  7.148   9.587   1.00 14.24 ? 209 PRO A C   1 
ATOM   891  O O   . PRO A 1 118 ? -8.901  8.297   9.557   1.00 16.89 ? 209 PRO A O   1 
ATOM   892  C CB  . PRO A 1 118 ? -10.799 6.897   11.636  1.00 18.52 ? 209 PRO A CB  1 
ATOM   893  C CG  . PRO A 1 118 ? -10.455 6.760   13.100  1.00 19.83 ? 209 PRO A CG  1 
ATOM   894  C CD  . PRO A 1 118 ? -9.018  7.186   13.191  1.00 20.91 ? 209 PRO A CD  1 
ATOM   895  N N   . PHE A 1 119 ? -9.663  6.455   8.497   1.00 14.83 ? 210 PHE A N   1 
ATOM   896  C CA  . PHE A 1 119 ? -9.740  7.055   7.168   1.00 15.83 ? 210 PHE A CA  1 
ATOM   897  C C   . PHE A 1 119 ? -8.413  7.632   6.702   1.00 14.75 ? 210 PHE A C   1 
ATOM   898  O O   . PHE A 1 119 ? -8.359  8.701   6.094   1.00 17.29 ? 210 PHE A O   1 
ATOM   899  C CB  . PHE A 1 119 ? -10.834 8.130   7.140   1.00 16.96 ? 210 PHE A CB  1 
ATOM   900  C CG  . PHE A 1 119 ? -12.152 7.632   7.647   1.00 16.51 ? 210 PHE A CG  1 
ATOM   901  C CD1 . PHE A 1 119 ? -12.788 6.591   7.002   1.00 17.44 ? 210 PHE A CD1 1 
ATOM   902  C CD2 . PHE A 1 119 ? -12.720 8.156   8.792   1.00 16.27 ? 210 PHE A CD2 1 
ATOM   903  C CE1 . PHE A 1 119 ? -13.996 6.105   7.475   1.00 19.50 ? 210 PHE A CE1 1 
ATOM   904  C CE2 . PHE A 1 119 ? -13.937 7.679   9.270   1.00 18.06 ? 210 PHE A CE2 1 
ATOM   905  C CZ  . PHE A 1 119 ? -14.573 6.655   8.609   1.00 16.40 ? 210 PHE A CZ  1 
ATOM   906  N N   . THR A 1 120 ? -7.346  6.888   6.966   1.00 13.07 ? 211 THR A N   1 
ATOM   907  C CA  . THR A 1 120 ? -6.014  7.300   6.542   1.00 16.67 ? 211 THR A CA  1 
ATOM   908  C C   . THR A 1 120 ? -5.525  6.448   5.370   1.00 14.13 ? 211 THR A C   1 
ATOM   909  O O   . THR A 1 120 ? -5.250  5.256   5.535   1.00 17.21 ? 211 THR A O   1 
ATOM   910  C CB  . THR A 1 120 ? -5.015  7.192   7.694   1.00 13.97 ? 211 THR A CB  1 
ATOM   911  O OG1 . THR A 1 120 ? -5.475  7.976   8.801   1.00 16.21 ? 211 THR A OG1 1 
ATOM   912  C CG2 . THR A 1 120 ? -3.646  7.693   7.277   1.00 15.26 ? 211 THR A CG2 1 
ATOM   913  N N   . PRO A 1 121 ? -5.416  7.051   4.178   1.00 14.10 ? 212 PRO A N   1 
ATOM   914  C CA  . PRO A 1 121 ? -4.737  6.345   3.086   1.00 13.34 ? 212 PRO A CA  1 
ATOM   915  C C   . PRO A 1 121 ? -3.258  6.130   3.422   1.00 16.56 ? 212 PRO A C   1 
ATOM   916  O O   . PRO A 1 121 ? -2.678  6.926   4.153   1.00 15.51 ? 212 PRO A O   1 
ATOM   917  C CB  . PRO A 1 121 ? -4.918  7.280   1.888   1.00 17.13 ? 212 PRO A CB  1 
ATOM   918  C CG  . PRO A 1 121 ? -5.141  8.638   2.488   1.00 20.33 ? 212 PRO A CG  1 
ATOM   919  C CD  . PRO A 1 121 ? -5.764  8.442   3.839   1.00 15.53 ? 212 PRO A CD  1 
ATOM   920  N N   . LEU A 1 122 ? -2.667  5.054   2.920   1.00 14.14 ? 213 LEU A N   1 
ATOM   921  C CA  . LEU A 1 122 ? -1.284  4.718   3.263   1.00 14.85 ? 213 LEU A CA  1 
ATOM   922  C C   . LEU A 1 122 ? -0.403  4.731   2.027   1.00 16.67 ? 213 LEU A C   1 
ATOM   923  O O   . LEU A 1 122 ? -0.845  4.347   0.947   1.00 16.35 ? 213 LEU A O   1 
ATOM   924  C CB  . LEU A 1 122 ? -1.214  3.344   3.928   1.00 13.88 ? 213 LEU A CB  1 
ATOM   925  C CG  . LEU A 1 122 ? -2.090  3.156   5.172   1.00 13.63 ? 213 LEU A CG  1 
ATOM   926  C CD1 . LEU A 1 122 ? -1.907  1.749   5.741   1.00 15.59 ? 213 LEU A CD1 1 
ATOM   927  C CD2 . LEU A 1 122 ? -1.732  4.216   6.210   1.00 18.67 ? 213 LEU A CD2 1 
ATOM   928  N N   . VAL A 1 123 ? 0.846   5.159   2.192   1.00 13.59 ? 214 VAL A N   1 
ATOM   929  C CA  . VAL A 1 123 ? 1.797   5.196   1.083   1.00 14.81 ? 214 VAL A CA  1 
ATOM   930  C C   . VAL A 1 123 ? 2.932   4.229   1.360   1.00 14.51 ? 214 VAL A C   1 
ATOM   931  O O   . VAL A 1 123 ? 3.628   4.363   2.356   1.00 17.52 ? 214 VAL A O   1 
ATOM   932  C CB  . VAL A 1 123 ? 2.368   6.604   0.874   1.00 14.45 ? 214 VAL A CB  1 
ATOM   933  C CG1 . VAL A 1 123 ? 3.282   6.631   -0.330  1.00 20.45 ? 214 VAL A CG1 1 
ATOM   934  C CG2 . VAL A 1 123 ? 1.222   7.619   0.712   1.00 15.53 ? 214 VAL A CG2 1 
ATOM   935  N N   . PHE A 1 124 ? 3.088   3.235   0.492   1.00 11.54 ? 215 PHE A N   1 
ATOM   936  C CA  . PHE A 1 124 ? 4.152   2.243   0.652   1.00 14.69 ? 215 PHE A CA  1 
ATOM   937  C C   . PHE A 1 124 ? 5.194   2.355   -0.435  1.00 14.30 ? 215 PHE A C   1 
ATOM   938  O O   . PHE A 1 124 ? 4.870   2.611   -1.587  1.00 16.60 ? 215 PHE A O   1 
ATOM   939  C CB  . PHE A 1 124 ? 3.583   0.827   0.611   1.00 15.22 ? 215 PHE A CB  1 
ATOM   940  C CG  . PHE A 1 124 ? 2.810   0.447   1.824   1.00 15.09 ? 215 PHE A CG  1 
ATOM   941  C CD1 . PHE A 1 124 ? 3.447   -0.145  2.901   1.00 16.50 ? 215 PHE A CD1 1 
ATOM   942  C CD2 . PHE A 1 124 ? 1.441   0.647   1.880   1.00 15.73 ? 215 PHE A CD2 1 
ATOM   943  C CE1 . PHE A 1 124 ? 2.723   -0.515  4.031   1.00 16.51 ? 215 PHE A CE1 1 
ATOM   944  C CE2 . PHE A 1 124 ? 0.717   0.287   3.015   1.00 16.61 ? 215 PHE A CE2 1 
ATOM   945  C CZ  . PHE A 1 124 ? 1.364   -0.300  4.084   1.00 16.68 ? 215 PHE A CZ  1 
ATOM   946  N N   . GLU A 1 125 ? 6.453   2.148   -0.071  1.00 12.96 ? 216 GLU A N   1 
ATOM   947  C CA  . GLU A 1 125 ? 7.447   1.821   -1.075  1.00 14.18 ? 216 GLU A CA  1 
ATOM   948  C C   . GLU A 1 125 ? 7.854   0.373   -0.836  1.00 14.07 ? 216 GLU A C   1 
ATOM   949  O O   . GLU A 1 125 ? 8.207   0.021   0.279   1.00 16.08 ? 216 GLU A O   1 
ATOM   950  C CB  . GLU A 1 125 ? 8.637   2.774   -0.999  1.00 18.17 ? 216 GLU A CB  1 
ATOM   951  C CG  . GLU A 1 125 ? 8.250   4.187   -1.424  1.00 25.85 ? 216 GLU A CG  1 
ATOM   952  C CD  . GLU A 1 125 ? 9.425   5.019   -1.896  1.00 45.05 ? 216 GLU A CD  1 
ATOM   953  O OE1 . GLU A 1 125 ? 10.485  4.438   -2.217  1.00 38.97 ? 216 GLU A OE1 1 
ATOM   954  O OE2 . GLU A 1 125 ? 9.278   6.259   -1.955  1.00 54.34 ? 216 GLU A OE2 1 
ATOM   955  N N   . ILE A 1 126 ? 7.764   -0.460  -1.872  1.00 12.85 ? 217 ILE A N   1 
ATOM   956  C CA  . ILE A 1 126 ? 7.952   -1.900  -1.735  1.00 12.27 ? 217 ILE A CA  1 
ATOM   957  C C   . ILE A 1 126 ? 8.928   -2.427  -2.771  1.00 13.90 ? 217 ILE A C   1 
ATOM   958  O O   . ILE A 1 126 ? 8.809   -2.117  -3.949  1.00 13.65 ? 217 ILE A O   1 
ATOM   959  C CB  . ILE A 1 126 ? 6.614   -2.654  -1.889  1.00 13.39 ? 217 ILE A CB  1 
ATOM   960  C CG1 . ILE A 1 126 ? 5.611   -2.179  -0.838  1.00 16.17 ? 217 ILE A CG1 1 
ATOM   961  C CG2 . ILE A 1 126 ? 6.824   -4.163  -1.802  1.00 15.13 ? 217 ILE A CG2 1 
ATOM   962  C CD1 . ILE A 1 126 ? 4.247   -2.772  -1.000  1.00 18.68 ? 217 ILE A CD1 1 
ATOM   963  N N   . GLU A 1 127 ? 9.905   -3.203  -2.321  1.00 13.84 ? 218 GLU A N   1 
ATOM   964  C CA  . GLU A 1 127 ? 10.775  -3.959  -3.219  1.00 15.38 ? 218 GLU A CA  1 
ATOM   965  C C   . GLU A 1 127 ? 10.425  -5.433  -3.098  1.00 13.94 ? 218 GLU A C   1 
ATOM   966  O O   . GLU A 1 127 ? 10.443  -5.989  -1.998  1.00 14.46 ? 218 GLU A O   1 
ATOM   967  C CB  . GLU A 1 127 ? 12.252  -3.740  -2.890  1.00 19.40 ? 218 GLU A CB  1 
ATOM   968  C CG  . GLU A 1 127 ? 13.165  -4.486  -3.871  1.00 21.15 ? 218 GLU A CG  1 
ATOM   969  C CD  . GLU A 1 127 ? 14.638  -4.282  -3.608  1.00 28.64 ? 218 GLU A CD  1 
ATOM   970  O OE1 . GLU A 1 127 ? 15.429  -4.513  -4.551  1.00 33.09 ? 218 GLU A OE1 1 
ATOM   971  O OE2 . GLU A 1 127 ? 15.003  -3.906  -2.468  1.00 24.27 ? 218 GLU A OE2 1 
ATOM   972  N N   . LEU A 1 128 ? 10.085  -6.066  -4.217  1.00 12.35 ? 219 LEU A N   1 
ATOM   973  C CA  . LEU A 1 128 ? 9.724   -7.478  -4.162  1.00 13.55 ? 219 LEU A CA  1 
ATOM   974  C C   . LEU A 1 128 ? 10.975  -8.332  -4.413  1.00 15.07 ? 219 LEU A C   1 
ATOM   975  O O   . LEU A 1 128 ? 11.524  -8.359  -5.514  1.00 15.23 ? 219 LEU A O   1 
ATOM   976  C CB  . LEU A 1 128 ? 8.618   -7.791  -5.172  1.00 13.20 ? 219 LEU A CB  1 
ATOM   977  C CG  . LEU A 1 128 ? 8.088   -9.223  -5.130  1.00 13.36 ? 219 LEU A CG  1 
ATOM   978  C CD1 . LEU A 1 128 ? 7.474   -9.605  -3.766  1.00 15.51 ? 219 LEU A CD1 1 
ATOM   979  C CD2 . LEU A 1 128 ? 7.071   -9.419  -6.227  1.00 12.91 ? 219 LEU A CD2 1 
ATOM   980  N N   . ILE A 1 129 ? 11.421  -9.026  -3.375  1.00 13.56 ? 220 ILE A N   1 
ATOM   981  C CA  . ILE A 1 129 ? 12.673  -9.772  -3.422  1.00 15.04 ? 220 ILE A CA  1 
ATOM   982  C C   . ILE A 1 129 ? 12.472  -11.191 -3.943  1.00 17.82 ? 220 ILE A C   1 
ATOM   983  O O   . ILE A 1 129 ? 13.312  -11.730 -4.676  1.00 18.19 ? 220 ILE A O   1 
ATOM   984  C CB  . ILE A 1 129 ? 13.320  -9.830  -2.021  1.00 14.88 ? 220 ILE A CB  1 
ATOM   985  C CG1 . ILE A 1 129 ? 13.499  -8.421  -1.462  1.00 21.11 ? 220 ILE A CG1 1 
ATOM   986  C CG2 . ILE A 1 129 ? 14.656  -10.561 -2.058  1.00 18.35 ? 220 ILE A CG2 1 
ATOM   987  C CD1 . ILE A 1 129 ? 14.326  -7.539  -2.341  1.00 21.71 ? 220 ILE A CD1 1 
ATOM   988  N N   . ALA A 1 130 ? 11.353  -11.794 -3.548  1.00 16.20 ? 221 ALA A N   1 
ATOM   989  C CA  . ALA A 1 130 ? 11.044  -13.166 -3.916  1.00 16.37 ? 221 ALA A CA  1 
ATOM   990  C C   . ALA A 1 130 ? 9.568   -13.458 -3.669  1.00 16.07 ? 221 ALA A C   1 
ATOM   991  O O   . ALA A 1 130 ? 8.884   -12.735 -2.953  1.00 17.00 ? 221 ALA A O   1 
ATOM   992  C CB  . ALA A 1 130 ? 11.910  -14.142 -3.137  1.00 17.86 ? 221 ALA A CB  1 
ATOM   993  N N   . VAL A 1 131 ? 9.083   -14.515 -4.297  1.00 16.28 ? 222 VAL A N   1 
ATOM   994  C CA  . VAL A 1 131 ? 7.737   -15.005 -4.042  1.00 15.23 ? 222 VAL A CA  1 
ATOM   995  C C   . VAL A 1 131 ? 7.807   -16.505 -3.849  1.00 19.99 ? 222 VAL A C   1 
ATOM   996  O O   . VAL A 1 131 ? 8.777   -17.151 -4.251  1.00 18.68 ? 222 VAL A O   1 
ATOM   997  C CB  . VAL A 1 131 ? 6.749   -14.680 -5.190  1.00 18.88 ? 222 VAL A CB  1 
ATOM   998  C CG1 . VAL A 1 131 ? 6.668   -13.161 -5.437  1.00 17.01 ? 222 VAL A CG1 1 
ATOM   999  C CG2 . VAL A 1 131 ? 7.128   -15.430 -6.450  1.00 23.08 ? 222 VAL A CG2 1 
ATOM   1000 N N   . SER A 1 132 ? 6.770   -17.066 -3.242  1.00 17.61 ? 223 SER A N   1 
ATOM   1001 C CA  . SER A 1 132 ? 6.678   -18.509 -3.092  1.00 18.03 ? 223 SER A CA  1 
ATOM   1002 C C   . SER A 1 132 ? 5.224   -18.897 -2.942  1.00 25.91 ? 223 SER A C   1 
ATOM   1003 O O   . SER A 1 132 ? 4.340   -18.028 -2.860  1.00 21.36 ? 223 SER A O   1 
ATOM   1004 C CB  . SER A 1 132 ? 7.476   -19.004 -1.885  1.00 21.50 ? 223 SER A CB  1 
ATOM   1005 O OG  . SER A 1 132 ? 6.722   -18.859 -0.701  1.00 29.76 ? 223 SER A OG  1 
ATOM   1006 N N   . GLN A 1 133 ? 4.977   -20.200 -2.926  1.00 30.78 ? 224 GLN A N   1 
ATOM   1007 C CA  . GLN A 1 133 ? 3.648   -20.718 -2.638  1.00 33.55 ? 224 GLN A CA  1 
ATOM   1008 C C   . GLN A 1 133 ? 3.371   -20.615 -1.143  1.00 32.53 ? 224 GLN A C   1 
ATOM   1009 O O   . GLN A 1 133 ? 4.285   -20.387 -0.348  1.00 32.97 ? 224 GLN A O   1 
ATOM   1010 C CB  . GLN A 1 133 ? 3.514   -22.168 -3.111  1.00 46.56 ? 224 GLN A CB  1 
ATOM   1011 C CG  . GLN A 1 133 ? 3.817   -22.383 -4.591  1.00 53.56 ? 224 GLN A CG  1 
ATOM   1012 C CD  . GLN A 1 133 ? 2.808   -21.723 -5.523  1.00 66.31 ? 224 GLN A CD  1 
ATOM   1013 O OE1 . GLN A 1 133 ? 1.839   -21.101 -5.084  1.00 70.16 ? 224 GLN A OE1 1 
ATOM   1014 N NE2 . GLN A 1 133 ? 3.032   -21.866 -6.825  1.00 75.16 ? 224 GLN A NE2 1 
ATOM   1015 O OXT . GLN A 1 133 ? 2.232   -20.757 -0.698  1.00 41.91 ? 224 GLN A OXT 1 
HETATM 1016 O O1  . TLA B 2 .   ? 2.514   -3.092  9.102   1.00 57.07 ? 301 TLA A O1  1 
HETATM 1017 O O11 . TLA B 2 .   ? 1.345   -2.338  7.399   1.00 59.97 ? 301 TLA A O11 1 
HETATM 1018 C C1  . TLA B 2 .   ? 1.928   -3.261  8.012   1.00 57.18 ? 301 TLA A C1  1 
HETATM 1019 C C2  . TLA B 2 .   ? 1.915   -4.629  7.401   1.00 53.90 ? 301 TLA A C2  1 
HETATM 1020 O O2  . TLA B 2 .   ? 3.136   -4.861  6.694   1.00 47.24 ? 301 TLA A O2  1 
HETATM 1021 C C3  . TLA B 2 .   ? 0.746   -4.685  6.429   1.00 50.56 ? 301 TLA A C3  1 
HETATM 1022 O O3  . TLA B 2 .   ? 1.207   -5.099  5.138   1.00 49.34 ? 301 TLA A O3  1 
HETATM 1023 C C4  . TLA B 2 .   ? -0.294  -5.638  6.935   1.00 54.04 ? 301 TLA A C4  1 
HETATM 1024 O O4  . TLA B 2 .   ? -0.183  -6.108  8.091   1.00 66.28 ? 301 TLA A O4  1 
HETATM 1025 O O41 . TLA B 2 .   ? -1.242  -5.913  6.178   1.00 49.46 ? 301 TLA A O41 1 
HETATM 1026 O O   . HOH C 3 .   ? 12.121  2.856   -1.916  1.00 40.05 ? 401 HOH A O   1 
HETATM 1027 O O   . HOH C 3 .   ? -12.092 -2.525  11.411  1.00 32.66 ? 402 HOH A O   1 
HETATM 1028 O O   . HOH C 3 .   ? -8.075  -5.226  -2.768  1.00 24.09 ? 403 HOH A O   1 
HETATM 1029 O O   . HOH C 3 .   ? -18.421 10.190  -2.931  1.00 48.26 ? 404 HOH A O   1 
HETATM 1030 O O   . HOH C 3 .   ? 1.054   8.706   -6.496  1.00 34.79 ? 405 HOH A O   1 
HETATM 1031 O O   . HOH C 3 .   ? 14.718  -4.010  -6.897  1.00 40.03 ? 406 HOH A O   1 
HETATM 1032 O O   . HOH C 3 .   ? 1.347   -15.878 -9.955  1.00 28.46 ? 407 HOH A O   1 
HETATM 1033 O O   . HOH C 3 .   ? -0.351  13.868  -14.891 1.00 29.98 ? 408 HOH A O   1 
HETATM 1034 O O   . HOH C 3 .   ? 19.292  -5.315  8.983   1.00 21.60 ? 409 HOH A O   1 
HETATM 1035 O O   . HOH C 3 .   ? 2.242   5.794   13.619  1.00 30.81 ? 410 HOH A O   1 
HETATM 1036 O O   . HOH C 3 .   ? 14.801  -15.240 -0.932  1.00 33.92 ? 411 HOH A O   1 
HETATM 1037 O O   . HOH C 3 .   ? 15.819  1.477   -11.134 1.00 28.70 ? 412 HOH A O   1 
HETATM 1038 O O   . HOH C 3 .   ? 11.520  -5.568  11.324  1.00 23.76 ? 413 HOH A O   1 
HETATM 1039 O O   . HOH C 3 .   ? 15.607  -7.704  11.457  1.00 22.21 ? 414 HOH A O   1 
HETATM 1040 O O   . HOH C 3 .   ? -11.094 1.200   -2.653  1.00 20.34 ? 415 HOH A O   1 
HETATM 1041 O O   . HOH C 3 .   ? -11.102 4.497   1.372   1.00 21.23 ? 416 HOH A O   1 
HETATM 1042 O O   . HOH C 3 .   ? -15.626 10.374  12.180  1.00 30.25 ? 417 HOH A O   1 
HETATM 1043 O O   . HOH C 3 .   ? -5.519  10.631  8.767   1.00 29.78 ? 418 HOH A O   1 
HETATM 1044 O O   . HOH C 3 .   ? -11.868 10.632  11.662  1.00 25.80 ? 419 HOH A O   1 
HETATM 1045 O O   . HOH C 3 .   ? -1.306  -16.211 1.103   1.00 23.38 ? 420 HOH A O   1 
HETATM 1046 O O   . HOH C 3 .   ? 4.373   -17.340 -8.145  1.00 33.71 ? 421 HOH A O   1 
HETATM 1047 O O   . HOH C 3 .   ? 3.441   3.058   13.920  1.00 29.70 ? 422 HOH A O   1 
HETATM 1048 O O   . HOH C 3 .   ? -4.786  -15.087 8.198   1.00 25.33 ? 423 HOH A O   1 
HETATM 1049 O O   . HOH C 3 .   ? 4.596   -2.137  -14.313 1.00 31.97 ? 424 HOH A O   1 
HETATM 1050 O O   . HOH C 3 .   ? 8.820   1.664   -15.491 1.00 39.78 ? 425 HOH A O   1 
HETATM 1051 O O   . HOH C 3 .   ? 1.698   5.763   -6.608  1.00 20.26 ? 426 HOH A O   1 
HETATM 1052 O O   . HOH C 3 .   ? -11.422 17.689  4.679   1.00 28.36 ? 427 HOH A O   1 
HETATM 1053 O O   . HOH C 3 .   ? -8.504  11.392  6.027   1.00 19.90 ? 428 HOH A O   1 
HETATM 1054 O O   . HOH C 3 .   ? 7.766   -4.370  -13.659 1.00 20.82 ? 429 HOH A O   1 
HETATM 1055 O O   . HOH C 3 .   ? -6.446  -12.823 -8.573  1.00 30.50 ? 430 HOH A O   1 
HETATM 1056 O O   . HOH C 3 .   ? 11.825  -6.928  8.308   1.00 19.42 ? 431 HOH A O   1 
HETATM 1057 O O   . HOH C 3 .   ? 15.143  -4.077  -13.326 1.00 29.20 ? 432 HOH A O   1 
HETATM 1058 O O   . HOH C 3 .   ? 14.456  -13.923 -5.783  1.00 31.74 ? 433 HOH A O   1 
HETATM 1059 O O   . HOH C 3 .   ? 0.138   14.978  2.734   1.00 23.98 ? 434 HOH A O   1 
HETATM 1060 O O   . HOH C 3 .   ? 6.271   -11.490 -14.165 1.00 22.52 ? 435 HOH A O   1 
HETATM 1061 O O   . HOH C 3 .   ? 3.382   8.893   -8.249  1.00 21.59 ? 436 HOH A O   1 
HETATM 1062 O O   . HOH C 3 .   ? -10.124 5.135   -7.605  1.00 24.26 ? 437 HOH A O   1 
HETATM 1063 O O   . HOH C 3 .   ? -6.935  8.647   18.663  1.00 39.30 ? 438 HOH A O   1 
HETATM 1064 O O   . HOH C 3 .   ? -9.375  10.690  10.771  1.00 24.85 ? 439 HOH A O   1 
HETATM 1065 O O   . HOH C 3 .   ? 13.679  -13.196 4.794   1.00 32.53 ? 440 HOH A O   1 
HETATM 1066 O O   . HOH C 3 .   ? -15.501 14.177  -1.243  1.00 37.92 ? 441 HOH A O   1 
HETATM 1067 O O   . HOH C 3 .   ? -5.653  2.927   6.901   1.00 16.33 ? 442 HOH A O   1 
HETATM 1068 O O   . HOH C 3 .   ? 4.665   3.903   -13.276 1.00 24.33 ? 443 HOH A O   1 
HETATM 1069 O O   . HOH C 3 .   ? 2.996   -5.594  -13.684 1.00 36.33 ? 444 HOH A O   1 
HETATM 1070 O O   . HOH C 3 .   ? 4.212   10.292  -10.584 1.00 22.65 ? 445 HOH A O   1 
HETATM 1071 O O   . HOH C 3 .   ? 14.608  -3.460  4.616   1.00 24.66 ? 446 HOH A O   1 
HETATM 1072 O O   . HOH C 3 .   ? -2.294  9.883   -14.016 1.00 27.04 ? 447 HOH A O   1 
HETATM 1073 O O   . HOH C 3 .   ? -9.884  0.761   -9.140  1.00 23.70 ? 448 HOH A O   1 
HETATM 1074 O O   . HOH C 3 .   ? -8.059  4.684   15.321  1.00 25.87 ? 449 HOH A O   1 
HETATM 1075 O O   . HOH C 3 .   ? -18.556 9.643   -5.114  1.00 49.28 ? 450 HOH A O   1 
HETATM 1076 O O   . HOH C 3 .   ? -10.146 -3.867  3.452   1.00 26.61 ? 451 HOH A O   1 
HETATM 1077 O O   . HOH C 3 .   ? -14.947 4.013   0.484   1.00 31.89 ? 452 HOH A O   1 
HETATM 1078 O O   . HOH C 3 .   ? -8.020  5.576   -5.956  1.00 24.43 ? 453 HOH A O   1 
HETATM 1079 O O   . HOH C 3 .   ? -6.564  -9.815  2.184   1.00 28.52 ? 454 HOH A O   1 
HETATM 1080 O O   . HOH C 3 .   ? -5.986  15.573  1.716   1.00 20.32 ? 455 HOH A O   1 
HETATM 1081 O O   . HOH C 3 .   ? -8.212  0.590   -13.337 1.00 20.55 ? 456 HOH A O   1 
HETATM 1082 O O   . HOH C 3 .   ? 1.431   15.906  -4.138  1.00 25.85 ? 457 HOH A O   1 
HETATM 1083 O O   . HOH C 3 .   ? -7.600  12.008  -10.213 1.00 28.36 ? 458 HOH A O   1 
HETATM 1084 O O   . HOH C 3 .   ? -8.053  0.673   16.081  1.00 31.04 ? 459 HOH A O   1 
HETATM 1085 O O   . HOH C 3 .   ? -7.340  4.169   8.699   1.00 15.07 ? 460 HOH A O   1 
HETATM 1086 O O   . HOH C 3 .   ? -6.673  -2.111  13.525  1.00 48.44 ? 461 HOH A O   1 
HETATM 1087 O O   . HOH C 3 .   ? 15.289  -10.231 -5.915  1.00 30.99 ? 462 HOH A O   1 
HETATM 1088 O O   . HOH C 3 .   ? 10.184  8.395   -0.416  1.00 45.26 ? 463 HOH A O   1 
HETATM 1089 O O   . HOH C 3 .   ? -2.739  -13.799 -9.338  1.00 29.29 ? 464 HOH A O   1 
HETATM 1090 O O   . HOH C 3 .   ? 10.707  3.143   11.814  1.00 25.80 ? 465 HOH A O   1 
HETATM 1091 O O   . HOH C 3 .   ? -12.931 9.050   1.522   1.00 29.01 ? 466 HOH A O   1 
HETATM 1092 O O   . HOH C 3 .   ? -10.722 10.267  -4.790  1.00 30.25 ? 467 HOH A O   1 
HETATM 1093 O O   . HOH C 3 .   ? 2.756   -17.453 -5.359  1.00 28.05 ? 468 HOH A O   1 
HETATM 1094 O O   . HOH C 3 .   ? 2.095   13.088  -1.761  1.00 24.06 ? 469 HOH A O   1 
HETATM 1095 O O   . HOH C 3 .   ? -2.739  9.611   15.647  1.00 30.12 ? 470 HOH A O   1 
HETATM 1096 O O   . HOH C 3 .   ? 12.873  -0.299  5.520   1.00 21.35 ? 471 HOH A O   1 
HETATM 1097 O O   . HOH C 3 .   ? 7.568   -2.535  -16.628 1.00 36.01 ? 472 HOH A O   1 
HETATM 1098 O O   . HOH C 3 .   ? 6.756   0.689   13.451  1.00 25.70 ? 473 HOH A O   1 
HETATM 1099 O O   . HOH C 3 .   ? 14.962  -5.096  -10.995 1.00 35.68 ? 474 HOH A O   1 
HETATM 1100 O O   . HOH C 3 .   ? 13.544  -9.068  -12.200 1.00 23.26 ? 475 HOH A O   1 
HETATM 1101 O O   . HOH C 3 .   ? -5.946  -14.120 -0.945  1.00 26.35 ? 476 HOH A O   1 
HETATM 1102 O O   . HOH C 3 .   ? -6.524  7.502   16.235  1.00 30.32 ? 477 HOH A O   1 
HETATM 1103 O O   . HOH C 3 .   ? -7.511  -4.259  4.732   1.00 20.20 ? 478 HOH A O   1 
HETATM 1104 O O   . HOH C 3 .   ? -1.213  -19.212 2.019   1.00 39.10 ? 479 HOH A O   1 
HETATM 1105 O O   . HOH C 3 .   ? -4.900  -3.540  -6.272  1.00 18.49 ? 480 HOH A O   1 
HETATM 1106 O O   . HOH C 3 .   ? -9.227  -7.050  -6.235  1.00 26.40 ? 481 HOH A O   1 
HETATM 1107 O O   . HOH C 3 .   ? -8.861  12.154  12.936  1.00 36.23 ? 482 HOH A O   1 
HETATM 1108 O O   . HOH C 3 .   ? -2.781  8.588   11.178  1.00 26.81 ? 483 HOH A O   1 
HETATM 1109 O O   . HOH C 3 .   ? -9.351  6.724   16.707  1.00 31.56 ? 484 HOH A O   1 
HETATM 1110 O O   . HOH C 3 .   ? 1.669   12.240  11.879  1.00 33.83 ? 485 HOH A O   1 
HETATM 1111 O O   . HOH C 3 .   ? -0.312  -13.190 -10.062 1.00 26.77 ? 486 HOH A O   1 
HETATM 1112 O O   . HOH C 3 .   ? -3.930  -16.197 -7.607  1.00 28.47 ? 487 HOH A O   1 
HETATM 1113 O O   . HOH C 3 .   ? -4.579  3.362   -14.727 1.00 24.40 ? 488 HOH A O   1 
HETATM 1114 O O   . HOH C 3 .   ? -2.215  13.923  -3.206  1.00 19.80 ? 489 HOH A O   1 
HETATM 1115 O O   . HOH C 3 .   ? -11.657 -2.583  -8.833  1.00 27.16 ? 490 HOH A O   1 
HETATM 1116 O O   . HOH C 3 .   ? 4.856   -5.187  11.206  1.00 29.88 ? 491 HOH A O   1 
HETATM 1117 O O   . HOH C 3 .   ? 7.796   -7.639  -16.550 1.00 39.38 ? 492 HOH A O   1 
HETATM 1118 O O   . HOH C 3 .   ? -19.426 13.198  9.529   1.00 26.97 ? 493 HOH A O   1 
HETATM 1119 O O   . HOH C 3 .   ? 10.655  -13.239 7.089   1.00 23.58 ? 494 HOH A O   1 
HETATM 1120 O O   . HOH C 3 .   ? -7.088  -15.448 5.093   1.00 52.66 ? 495 HOH A O   1 
HETATM 1121 O O   . HOH C 3 .   ? -4.186  6.873   -12.532 1.00 32.19 ? 496 HOH A O   1 
HETATM 1122 O O   . HOH C 3 .   ? -7.352  -11.603 -5.131  1.00 22.81 ? 497 HOH A O   1 
HETATM 1123 O O   . HOH C 3 .   ? 10.604  -14.991 -6.987  1.00 22.19 ? 498 HOH A O   1 
HETATM 1124 O O   . HOH C 3 .   ? 15.034  -7.128  -5.819  1.00 37.39 ? 499 HOH A O   1 
HETATM 1125 O O   . HOH C 3 .   ? -13.630 1.236   6.529   1.00 27.56 ? 500 HOH A O   1 
HETATM 1126 O O   . HOH C 3 .   ? -12.559 -1.158  -1.739  1.00 28.22 ? 501 HOH A O   1 
HETATM 1127 O O   . HOH C 3 .   ? -17.421 13.487  2.871   1.00 28.67 ? 502 HOH A O   1 
HETATM 1128 O O   . HOH C 3 .   ? 18.579  -3.333  6.799   1.00 31.80 ? 503 HOH A O   1 
HETATM 1129 O O   . HOH C 3 .   ? 2.398   11.608  0.596   1.00 27.84 ? 504 HOH A O   1 
HETATM 1130 O O   . HOH C 3 .   ? -11.204 -5.987  -1.074  1.00 32.61 ? 505 HOH A O   1 
HETATM 1131 O O   . HOH C 3 .   ? -10.597 7.004   -1.009  1.00 29.78 ? 506 HOH A O   1 
HETATM 1132 O O   . HOH C 3 .   ? 14.274  -16.358 2.352   1.00 35.45 ? 507 HOH A O   1 
HETATM 1133 O O   . HOH C 3 .   ? -10.187 -1.882  6.792   1.00 27.62 ? 508 HOH A O   1 
HETATM 1134 O O   . HOH C 3 .   ? -3.669  12.008  -15.170 1.00 31.40 ? 509 HOH A O   1 
HETATM 1135 O O   . HOH C 3 .   ? -12.353 -0.487  9.737   1.00 25.51 ? 510 HOH A O   1 
HETATM 1136 O O   . HOH C 3 .   ? -13.101 11.142  18.720  1.00 54.76 ? 511 HOH A O   1 
HETATM 1137 O O   . HOH C 3 .   ? -13.189 -2.002  0.720   1.00 30.58 ? 512 HOH A O   1 
HETATM 1138 O O   . HOH C 3 .   ? -0.896  8.947   13.622  1.00 38.66 ? 513 HOH A O   1 
HETATM 1139 O O   . HOH C 3 .   ? 6.094   7.957   -13.268 1.00 31.56 ? 514 HOH A O   1 
HETATM 1140 O O   . HOH C 3 .   ? 12.414  6.770   -2.674  1.00 43.79 ? 515 HOH A O   1 
HETATM 1141 O O   . HOH C 3 .   ? 11.963  5.815   2.309   1.00 39.42 ? 516 HOH A O   1 
HETATM 1142 O O   . HOH C 3 .   ? 6.546   5.097   -13.473 1.00 34.06 ? 517 HOH A O   1 
HETATM 1143 O O   . HOH C 3 .   ? -9.600  -0.559  -11.225 1.00 29.12 ? 518 HOH A O   1 
HETATM 1144 O O   . HOH C 3 .   ? 0.080   9.269   -16.966 1.00 41.64 ? 519 HOH A O   1 
HETATM 1145 O O   . HOH C 3 .   ? 3.885   9.790   2.109   1.00 25.66 ? 520 HOH A O   1 
HETATM 1146 O O   . HOH C 3 .   ? -11.998 4.717   -1.441  1.00 27.88 ? 521 HOH A O   1 
HETATM 1147 O O   . HOH C 3 .   ? 9.140   5.654   1.425   1.00 37.80 ? 522 HOH A O   1 
HETATM 1148 O O   . HOH C 3 .   ? 6.430   5.307   1.302   1.00 25.39 ? 523 HOH A O   1 
HETATM 1149 O O   . HOH C 3 .   ? 11.496  -11.526 9.379   1.00 26.51 ? 524 HOH A O   1 
HETATM 1150 O O   . HOH C 3 .   ? 18.475  -8.394  -1.557  1.00 42.56 ? 525 HOH A O   1 
HETATM 1151 O O   . HOH C 3 .   ? -0.953  12.174  7.658   1.00 24.15 ? 526 HOH A O   1 
HETATM 1152 O O   . HOH C 3 .   ? 20.692  -4.964  0.430   1.00 27.66 ? 527 HOH A O   1 
HETATM 1153 O O   . HOH C 3 .   ? 11.941  -8.981  10.115  1.00 25.54 ? 528 HOH A O   1 
HETATM 1154 O O   . HOH C 3 .   ? 19.218  -9.547  9.355   1.00 24.76 ? 529 HOH A O   1 
HETATM 1155 O O   . HOH C 3 .   ? -13.199 15.405  -1.661  1.00 35.23 ? 530 HOH A O   1 
HETATM 1156 O O   . HOH C 3 .   ? 9.444   -17.760 -7.332  1.00 28.69 ? 531 HOH A O   1 
HETATM 1157 O O   . HOH C 3 .   ? 14.199  -1.252  -0.770  1.00 38.05 ? 532 HOH A O   1 
HETATM 1158 O O   . HOH C 3 .   ? -16.979 17.468  8.875   1.00 42.80 ? 533 HOH A O   1 
HETATM 1159 O O   . HOH C 3 .   ? -7.961  -8.061  -1.940  1.00 22.59 ? 534 HOH A O   1 
HETATM 1160 O O   . HOH C 3 .   ? -16.151 13.324  15.356  1.00 43.26 ? 535 HOH A O   1 
HETATM 1161 O O   . HOH C 3 .   ? -4.036  10.213  17.973  1.00 46.10 ? 536 HOH A O   1 
HETATM 1162 O O   . HOH C 3 .   ? 4.181   1.447   -14.878 1.00 31.31 ? 537 HOH A O   1 
HETATM 1163 O O   . HOH C 3 .   ? -1.497  -10.860 -12.551 1.00 47.24 ? 538 HOH A O   1 
HETATM 1164 O O   . HOH C 3 .   ? 9.276   0.726   11.959  1.00 25.21 ? 539 HOH A O   1 
HETATM 1165 O O   . HOH C 3 .   ? 18.346  -3.061  -5.440  1.00 42.40 ? 540 HOH A O   1 
HETATM 1166 O O   . HOH C 3 .   ? -16.135 12.289  0.589   1.00 34.44 ? 541 HOH A O   1 
HETATM 1167 O O   . HOH C 3 .   ? -4.291  -11.119 -10.313 1.00 47.06 ? 542 HOH A O   1 
HETATM 1168 O O   . HOH C 3 .   ? 3.002   -20.101 4.465   1.00 46.36 ? 543 HOH A O   1 
HETATM 1169 O O   . HOH C 3 .   ? 1.473   -8.779  9.816   1.00 47.65 ? 544 HOH A O   1 
HETATM 1170 O O   . HOH C 3 .   ? 11.810  -0.279  0.189   1.00 35.72 ? 545 HOH A O   1 
HETATM 1171 O O   . HOH C 3 .   ? -7.053  -12.731 1.175   1.00 36.68 ? 546 HOH A O   1 
HETATM 1172 O O   . HOH C 3 .   ? -7.029  18.010  2.571   1.00 28.89 ? 547 HOH A O   1 
HETATM 1173 O O   . HOH C 3 .   ? 19.517  -4.300  -2.133  1.00 39.82 ? 548 HOH A O   1 
HETATM 1174 O O   . HOH C 3 .   ? -13.598 8.603   13.037  1.00 27.85 ? 549 HOH A O   1 
HETATM 1175 O O   . HOH C 3 .   ? 17.718  2.047   -8.941  1.00 45.02 ? 550 HOH A O   1 
HETATM 1176 O O   . HOH C 3 .   ? 5.774   -9.239  -15.780 1.00 29.43 ? 551 HOH A O   1 
HETATM 1177 O O   . HOH C 3 .   ? -9.671  18.213  6.374   1.00 37.65 ? 552 HOH A O   1 
HETATM 1178 O O   . HOH C 3 .   ? -13.976 -2.103  -8.179  1.00 34.74 ? 553 HOH A O   1 
HETATM 1179 O O   . HOH C 3 .   ? -4.803  14.142  3.873   1.00 29.24 ? 554 HOH A O   1 
HETATM 1180 O O   . HOH C 3 .   ? -1.911  14.441  6.759   1.00 32.32 ? 555 HOH A O   1 
HETATM 1181 O O   . HOH C 3 .   ? -10.108 11.059  -9.251  1.00 32.73 ? 556 HOH A O   1 
HETATM 1182 O O   . HOH C 3 .   ? -5.860  11.815  4.697   1.00 30.38 ? 557 HOH A O   1 
HETATM 1183 O O   . HOH C 3 .   ? -2.604  10.923  9.656   1.00 40.19 ? 558 HOH A O   1 
HETATM 1184 O O   . HOH C 3 .   ? -8.025  12.334  8.595   1.00 34.83 ? 559 HOH A O   1 
HETATM 1185 O O   . HOH C 3 .   ? -0.696  12.191  -16.955 1.00 45.62 ? 560 HOH A O   1 
HETATM 1186 O O   . HOH C 3 .   ? -4.175  11.341  6.548   1.00 30.23 ? 561 HOH A O   1 
HETATM 1187 O O   . HOH C 3 .   ? -8.557  -9.497  0.198   1.00 32.56 ? 562 HOH A O   1 
HETATM 1188 O O   . HOH C 3 .   ? 6.261   10.448  -6.515  1.00 47.34 ? 563 HOH A O   1 
HETATM 1189 O O   . HOH C 3 .   ? -8.381  -12.349 -7.225  1.00 33.31 ? 564 HOH A O   1 
HETATM 1190 O O   . HOH C 3 .   ? 5.427   -5.549  -14.732 1.00 34.09 ? 565 HOH A O   1 
HETATM 1191 O O   . HOH C 3 .   ? -9.599  5.921   -3.591  1.00 26.21 ? 566 HOH A O   1 
HETATM 1192 O O   . HOH C 3 .   ? 7.053   -18.540 -8.113  1.00 26.64 ? 567 HOH A O   1 
HETATM 1193 O O   . HOH C 3 .   ? -8.354  -9.092  -4.549  1.00 31.39 ? 568 HOH A O   1 
HETATM 1194 O O   . HOH C 3 .   ? -11.087 8.047   -3.219  1.00 34.74 ? 569 HOH A O   1 
HETATM 1195 O O   . HOH C 3 .   ? -7.674  -13.058 -2.753  1.00 31.05 ? 570 HOH A O   1 
HETATM 1196 O O   . HOH C 3 .   ? 0.927   -1.369  13.103  1.00 42.51 ? 571 HOH A O   1 
HETATM 1197 O O   . HOH C 3 .   ? 1.798   12.856  -18.458 1.00 41.13 ? 572 HOH A O   1 
# 
loop_
_pdbx_poly_seq_scheme.asym_id 
_pdbx_poly_seq_scheme.entity_id 
_pdbx_poly_seq_scheme.seq_id 
_pdbx_poly_seq_scheme.mon_id 
_pdbx_poly_seq_scheme.ndb_seq_num 
_pdbx_poly_seq_scheme.pdb_seq_num 
_pdbx_poly_seq_scheme.auth_seq_num 
_pdbx_poly_seq_scheme.pdb_mon_id 
_pdbx_poly_seq_scheme.auth_mon_id 
_pdbx_poly_seq_scheme.pdb_strand_id 
_pdbx_poly_seq_scheme.pdb_ins_code 
_pdbx_poly_seq_scheme.hetero 
A 1 1   GLY 1   92  92  GLY GLY A . n 
A 1 2   THR 2   93  93  THR THR A . n 
A 1 3   ASP 3   94  94  ASP ASP A . n 
A 1 4   ALA 4   95  95  ALA ALA A . n 
A 1 5   PRO 5   96  96  PRO PRO A . n 
A 1 6   THR 6   97  97  THR THR A . n 
A 1 7   GLU 7   98  98  GLU GLU A . n 
A 1 8   ALA 8   99  99  ALA ALA A . n 
A 1 9   ALA 9   100 100 ALA ALA A . n 
A 1 10  LEU 10  101 101 LEU LEU A . n 
A 1 11  LYS 11  102 102 LYS LYS A . n 
A 1 12  ALA 12  103 103 ALA ALA A . n 
A 1 13  GLU 13  104 104 GLU GLU A . n 
A 1 14  ARG 14  105 105 ARG ARG A . n 
A 1 15  THR 15  106 106 THR THR A . n 
A 1 16  PHE 16  107 107 PHE PHE A . n 
A 1 17  MET 17  108 108 MET MET A . n 
A 1 18  ALA 18  109 109 ALA ALA A . n 
A 1 19  GLY 19  110 110 GLY GLY A . n 
A 1 20  GLU 20  111 111 GLU GLU A . n 
A 1 21  LYS 21  112 112 LYS LYS A . n 
A 1 22  ALA 22  113 113 ALA ALA A . n 
A 1 23  LYS 23  114 114 LYS LYS A . n 
A 1 24  PRO 24  115 115 PRO PRO A . n 
A 1 25  GLY 25  116 116 GLY GLY A . n 
A 1 26  VAL 26  117 117 VAL VAL A . n 
A 1 27  LYS 27  118 118 LYS LYS A . n 
A 1 28  GLU 28  119 119 GLU GLU A . n 
A 1 29  LEU 29  120 120 LEU LEU A . n 
A 1 30  ALA 30  121 121 ALA ALA A . n 
A 1 31  ASP 31  122 122 ASP ASP A . n 
A 1 32  GLY 32  123 123 GLY GLY A . n 
A 1 33  ILE 33  124 124 ILE ILE A . n 
A 1 34  LEU 34  125 125 LEU LEU A . n 
A 1 35  MET 35  126 126 MET MET A . n 
A 1 36  THR 36  127 127 THR THR A . n 
A 1 37  GLU 37  128 128 GLU GLU A . n 
A 1 38  LEU 38  129 129 LEU LEU A . n 
A 1 39  THR 39  130 130 THR THR A . n 
A 1 40  PRO 40  131 131 PRO PRO A . n 
A 1 41  GLY 41  132 132 GLY GLY A . n 
A 1 42  THR 42  133 133 THR THR A . n 
A 1 43  GLY 43  134 134 GLY GLY A . n 
A 1 44  PRO 44  135 135 PRO PRO A . n 
A 1 45  LYS 45  136 136 LYS LYS A . n 
A 1 46  PRO 46  137 137 PRO PRO A . n 
A 1 47  ASP 47  138 138 ASP ASP A . n 
A 1 48  ALA 48  139 139 ALA ALA A . n 
A 1 49  ASN 49  140 140 ASN ASN A . n 
A 1 50  GLY 50  141 141 GLY GLY A . n 
A 1 51  ARG 51  142 142 ARG ARG A . n 
A 1 52  VAL 52  143 143 VAL VAL A . n 
A 1 53  GLU 53  144 144 GLU GLU A . n 
A 1 54  VAL 54  145 145 VAL VAL A . n 
A 1 55  ARG 55  146 146 ARG ARG A . n 
A 1 56  TYR 56  147 147 TYR TYR A . n 
A 1 57  VAL 57  148 148 VAL VAL A . n 
A 1 58  GLY 58  149 149 GLY GLY A . n 
A 1 59  ARG 59  150 150 ARG ARG A . n 
A 1 60  LEU 60  151 151 LEU LEU A . n 
A 1 61  PRO 61  152 152 PRO PRO A . n 
A 1 62  ASP 62  153 153 ASP ASP A . n 
A 1 63  GLY 63  154 154 GLY GLY A . n 
A 1 64  LYS 64  155 155 LYS LYS A . n 
A 1 65  ILE 65  156 156 ILE ILE A . n 
A 1 66  PHE 66  157 157 PHE PHE A . n 
A 1 67  ASP 67  158 158 ASP ASP A . n 
A 1 68  GLN 68  159 159 GLN GLN A . n 
A 1 69  SER 69  160 160 SER SER A . n 
A 1 70  THR 70  161 161 THR THR A . n 
A 1 71  GLN 71  162 162 GLN GLN A . n 
A 1 72  PRO 72  163 163 PRO PRO A . n 
A 1 73  GLN 73  164 164 GLN GLN A . n 
A 1 74  TRP 74  165 165 TRP TRP A . n 
A 1 75  PHE 75  166 166 PHE PHE A . n 
A 1 76  ARG 76  167 167 ARG ARG A . n 
A 1 77  LEU 77  168 168 LEU LEU A . n 
A 1 78  ASP 78  169 169 ASP ASP A . n 
A 1 79  SER 79  170 170 SER SER A . n 
A 1 80  VAL 80  171 171 VAL VAL A . n 
A 1 81  ILE 81  172 172 ILE ILE A . n 
A 1 82  SER 82  173 173 SER SER A . n 
A 1 83  GLY 83  174 174 GLY GLY A . n 
A 1 84  TRP 84  175 175 TRP TRP A . n 
A 1 85  THR 85  176 176 THR THR A . n 
A 1 86  SER 86  177 177 SER SER A . n 
A 1 87  ALA 87  178 178 ALA ALA A . n 
A 1 88  LEU 88  179 179 LEU LEU A . n 
A 1 89  GLN 89  180 180 GLN GLN A . n 
A 1 90  ASN 90  181 181 ASN ASN A . n 
A 1 91  MET 91  182 182 MET MET A . n 
A 1 92  PRO 92  183 183 PRO PRO A . n 
A 1 93  THR 93  184 184 THR THR A . n 
A 1 94  GLY 94  185 185 GLY GLY A . n 
A 1 95  ALA 95  186 186 ALA ALA A . n 
A 1 96  LYS 96  187 187 LYS LYS A . n 
A 1 97  TRP 97  188 188 TRP TRP A . n 
A 1 98  ARG 98  189 189 ARG ARG A . n 
A 1 99  LEU 99  190 190 LEU LEU A . n 
A 1 100 VAL 100 191 191 VAL VAL A . n 
A 1 101 ILE 101 192 192 ILE ILE A . n 
A 1 102 PRO 102 193 193 PRO PRO A . n 
A 1 103 SER 103 194 194 SER SER A . n 
A 1 104 ASP 104 195 195 ASP ASP A . n 
A 1 105 GLN 105 196 196 GLN GLN A . n 
A 1 106 ALA 106 197 197 ALA ALA A . n 
A 1 107 TYR 107 198 198 TYR TYR A . n 
A 1 108 GLY 108 199 199 GLY GLY A . n 
A 1 109 ALA 109 200 200 ALA ALA A . n 
A 1 110 GLU 110 201 201 GLU GLU A . n 
A 1 111 GLY 111 202 202 GLY GLY A . n 
A 1 112 ALA 112 203 203 ALA ALA A . n 
A 1 113 GLY 113 204 204 GLY GLY A . n 
A 1 114 ASP 114 205 205 ASP ASP A . n 
A 1 115 LEU 115 206 206 LEU LEU A . n 
A 1 116 ILE 116 207 207 ILE ILE A . n 
A 1 117 ASP 117 208 208 ASP ASP A . n 
A 1 118 PRO 118 209 209 PRO PRO A . n 
A 1 119 PHE 119 210 210 PHE PHE A . n 
A 1 120 THR 120 211 211 THR THR A . n 
A 1 121 PRO 121 212 212 PRO PRO A . n 
A 1 122 LEU 122 213 213 LEU LEU A . n 
A 1 123 VAL 123 214 214 VAL VAL A . n 
A 1 124 PHE 124 215 215 PHE PHE A . n 
A 1 125 GLU 125 216 216 GLU GLU A . n 
A 1 126 ILE 126 217 217 ILE ILE A . n 
A 1 127 GLU 127 218 218 GLU GLU A . n 
A 1 128 LEU 128 219 219 LEU LEU A . n 
A 1 129 ILE 129 220 220 ILE ILE A . n 
A 1 130 ALA 130 221 221 ALA ALA A . n 
A 1 131 VAL 131 222 222 VAL VAL A . n 
A 1 132 SER 132 223 223 SER SER A . n 
A 1 133 GLN 133 224 224 GLN GLN A . n 
# 
loop_
_pdbx_nonpoly_scheme.asym_id 
_pdbx_nonpoly_scheme.entity_id 
_pdbx_nonpoly_scheme.mon_id 
_pdbx_nonpoly_scheme.ndb_seq_num 
_pdbx_nonpoly_scheme.pdb_seq_num 
_pdbx_nonpoly_scheme.auth_seq_num 
_pdbx_nonpoly_scheme.pdb_mon_id 
_pdbx_nonpoly_scheme.auth_mon_id 
_pdbx_nonpoly_scheme.pdb_strand_id 
_pdbx_nonpoly_scheme.pdb_ins_code 
B 2 TLA 1   301 1   TLA TAR A . 
C 3 HOH 1   401 106 HOH HOH A . 
C 3 HOH 2   402 143 HOH HOH A . 
C 3 HOH 3   403 32  HOH HOH A . 
C 3 HOH 4   404 159 HOH HOH A . 
C 3 HOH 5   405 132 HOH HOH A . 
C 3 HOH 6   406 133 HOH HOH A . 
C 3 HOH 7   407 47  HOH HOH A . 
C 3 HOH 8   408 141 HOH HOH A . 
C 3 HOH 9   409 38  HOH HOH A . 
C 3 HOH 10  410 74  HOH HOH A . 
C 3 HOH 11  411 69  HOH HOH A . 
C 3 HOH 12  412 120 HOH HOH A . 
C 3 HOH 13  413 57  HOH HOH A . 
C 3 HOH 14  414 25  HOH HOH A . 
C 3 HOH 15  415 10  HOH HOH A . 
C 3 HOH 16  416 37  HOH HOH A . 
C 3 HOH 17  417 80  HOH HOH A . 
C 3 HOH 18  418 46  HOH HOH A . 
C 3 HOH 19  419 50  HOH HOH A . 
C 3 HOH 20  420 11  HOH HOH A . 
C 3 HOH 21  421 82  HOH HOH A . 
C 3 HOH 22  422 118 HOH HOH A . 
C 3 HOH 23  423 44  HOH HOH A . 
C 3 HOH 24  424 104 HOH HOH A . 
C 3 HOH 25  425 116 HOH HOH A . 
C 3 HOH 26  426 6   HOH HOH A . 
C 3 HOH 27  427 67  HOH HOH A . 
C 3 HOH 28  428 5   HOH HOH A . 
C 3 HOH 29  429 4   HOH HOH A . 
C 3 HOH 30  430 86  HOH HOH A . 
C 3 HOH 31  431 24  HOH HOH A . 
C 3 HOH 32  432 71  HOH HOH A . 
C 3 HOH 33  433 117 HOH HOH A . 
C 3 HOH 34  434 66  HOH HOH A . 
C 3 HOH 35  435 21  HOH HOH A . 
C 3 HOH 36  436 18  HOH HOH A . 
C 3 HOH 37  437 55  HOH HOH A . 
C 3 HOH 38  438 102 HOH HOH A . 
C 3 HOH 39  439 40  HOH HOH A . 
C 3 HOH 40  440 113 HOH HOH A . 
C 3 HOH 41  441 127 HOH HOH A . 
C 3 HOH 42  442 1   HOH HOH A . 
C 3 HOH 43  443 62  HOH HOH A . 
C 3 HOH 44  444 126 HOH HOH A . 
C 3 HOH 45  445 31  HOH HOH A . 
C 3 HOH 46  446 43  HOH HOH A . 
C 3 HOH 47  447 29  HOH HOH A . 
C 3 HOH 48  448 61  HOH HOH A . 
C 3 HOH 49  449 14  HOH HOH A . 
C 3 HOH 50  450 148 HOH HOH A . 
C 3 HOH 51  451 27  HOH HOH A . 
C 3 HOH 52  452 78  HOH HOH A . 
C 3 HOH 53  453 75  HOH HOH A . 
C 3 HOH 54  454 34  HOH HOH A . 
C 3 HOH 55  455 3   HOH HOH A . 
C 3 HOH 56  456 17  HOH HOH A . 
C 3 HOH 57  457 15  HOH HOH A . 
C 3 HOH 58  458 48  HOH HOH A . 
C 3 HOH 59  459 119 HOH HOH A . 
C 3 HOH 60  460 2   HOH HOH A . 
C 3 HOH 61  461 125 HOH HOH A . 
C 3 HOH 62  462 109 HOH HOH A . 
C 3 HOH 63  463 144 HOH HOH A . 
C 3 HOH 64  464 107 HOH HOH A . 
C 3 HOH 65  465 95  HOH HOH A . 
C 3 HOH 66  466 73  HOH HOH A . 
C 3 HOH 67  467 103 HOH HOH A . 
C 3 HOH 68  468 45  HOH HOH A . 
C 3 HOH 69  469 35  HOH HOH A . 
C 3 HOH 70  470 36  HOH HOH A . 
C 3 HOH 71  471 12  HOH HOH A . 
C 3 HOH 72  472 19  HOH HOH A . 
C 3 HOH 73  473 156 HOH HOH A . 
C 3 HOH 74  474 124 HOH HOH A . 
C 3 HOH 75  475 30  HOH HOH A . 
C 3 HOH 76  476 13  HOH HOH A . 
C 3 HOH 77  477 39  HOH HOH A . 
C 3 HOH 78  478 9   HOH HOH A . 
C 3 HOH 79  479 136 HOH HOH A . 
C 3 HOH 80  480 23  HOH HOH A . 
C 3 HOH 81  481 79  HOH HOH A . 
C 3 HOH 82  482 110 HOH HOH A . 
C 3 HOH 83  483 63  HOH HOH A . 
C 3 HOH 84  484 92  HOH HOH A . 
C 3 HOH 85  485 108 HOH HOH A . 
C 3 HOH 86  486 20  HOH HOH A . 
C 3 HOH 87  487 26  HOH HOH A . 
C 3 HOH 88  488 64  HOH HOH A . 
C 3 HOH 89  489 7   HOH HOH A . 
C 3 HOH 90  490 28  HOH HOH A . 
C 3 HOH 91  491 111 HOH HOH A . 
C 3 HOH 92  492 76  HOH HOH A . 
C 3 HOH 93  493 70  HOH HOH A . 
C 3 HOH 94  494 33  HOH HOH A . 
C 3 HOH 95  495 146 HOH HOH A . 
C 3 HOH 96  496 85  HOH HOH A . 
C 3 HOH 97  497 22  HOH HOH A . 
C 3 HOH 98  498 42  HOH HOH A . 
C 3 HOH 99  499 130 HOH HOH A . 
C 3 HOH 100 500 161 HOH HOH A . 
C 3 HOH 101 501 93  HOH HOH A . 
C 3 HOH 102 502 49  HOH HOH A . 
C 3 HOH 103 503 162 HOH HOH A . 
C 3 HOH 104 504 16  HOH HOH A . 
C 3 HOH 105 505 72  HOH HOH A . 
C 3 HOH 106 506 90  HOH HOH A . 
C 3 HOH 107 507 135 HOH HOH A . 
C 3 HOH 108 508 54  HOH HOH A . 
C 3 HOH 109 509 150 HOH HOH A . 
C 3 HOH 110 510 149 HOH HOH A . 
C 3 HOH 111 511 112 HOH HOH A . 
C 3 HOH 112 512 147 HOH HOH A . 
C 3 HOH 113 513 121 HOH HOH A . 
C 3 HOH 114 514 89  HOH HOH A . 
C 3 HOH 115 515 160 HOH HOH A . 
C 3 HOH 116 516 139 HOH HOH A . 
C 3 HOH 117 517 140 HOH HOH A . 
C 3 HOH 118 518 128 HOH HOH A . 
C 3 HOH 119 519 145 HOH HOH A . 
C 3 HOH 120 520 56  HOH HOH A . 
C 3 HOH 121 521 81  HOH HOH A . 
C 3 HOH 122 522 88  HOH HOH A . 
C 3 HOH 123 523 87  HOH HOH A . 
C 3 HOH 124 524 59  HOH HOH A . 
C 3 HOH 125 525 91  HOH HOH A . 
C 3 HOH 126 526 101 HOH HOH A . 
C 3 HOH 127 527 53  HOH HOH A . 
C 3 HOH 128 528 51  HOH HOH A . 
C 3 HOH 129 529 65  HOH HOH A . 
C 3 HOH 130 530 123 HOH HOH A . 
C 3 HOH 131 531 52  HOH HOH A . 
C 3 HOH 132 532 158 HOH HOH A . 
C 3 HOH 133 533 129 HOH HOH A . 
C 3 HOH 134 534 8   HOH HOH A . 
C 3 HOH 135 535 114 HOH HOH A . 
C 3 HOH 136 536 166 HOH HOH A . 
C 3 HOH 137 537 83  HOH HOH A . 
C 3 HOH 138 538 137 HOH HOH A . 
C 3 HOH 139 539 155 HOH HOH A . 
C 3 HOH 140 540 134 HOH HOH A . 
C 3 HOH 141 541 96  HOH HOH A . 
C 3 HOH 142 542 131 HOH HOH A . 
C 3 HOH 143 543 105 HOH HOH A . 
C 3 HOH 144 544 151 HOH HOH A . 
C 3 HOH 145 545 157 HOH HOH A . 
C 3 HOH 146 546 152 HOH HOH A . 
C 3 HOH 147 547 77  HOH HOH A . 
C 3 HOH 148 548 142 HOH HOH A . 
C 3 HOH 149 549 60  HOH HOH A . 
C 3 HOH 150 550 138 HOH HOH A . 
C 3 HOH 151 551 84  HOH HOH A . 
C 3 HOH 152 552 98  HOH HOH A . 
C 3 HOH 153 553 122 HOH HOH A . 
C 3 HOH 154 554 58  HOH HOH A . 
C 3 HOH 155 555 170 HOH HOH A . 
C 3 HOH 156 556 167 HOH HOH A . 
C 3 HOH 157 557 163 HOH HOH A . 
C 3 HOH 158 558 115 HOH HOH A . 
C 3 HOH 159 559 165 HOH HOH A . 
C 3 HOH 160 560 153 HOH HOH A . 
C 3 HOH 161 561 164 HOH HOH A . 
C 3 HOH 162 562 41  HOH HOH A . 
C 3 HOH 163 563 172 HOH HOH A . 
C 3 HOH 164 564 99  HOH HOH A . 
C 3 HOH 165 565 68  HOH HOH A . 
C 3 HOH 166 566 168 HOH HOH A . 
C 3 HOH 167 567 97  HOH HOH A . 
C 3 HOH 168 568 169 HOH HOH A . 
C 3 HOH 169 569 100 HOH HOH A . 
C 3 HOH 170 570 94  HOH HOH A . 
C 3 HOH 171 571 171 HOH HOH A . 
C 3 HOH 172 572 154 HOH HOH A . 
# 
_pdbx_struct_assembly.id                   1 
_pdbx_struct_assembly.details              author_and_software_defined_assembly 
_pdbx_struct_assembly.method_details       PISA 
_pdbx_struct_assembly.oligomeric_details   monomeric 
_pdbx_struct_assembly.oligomeric_count     1 
# 
_pdbx_struct_assembly_gen.assembly_id       1 
_pdbx_struct_assembly_gen.oper_expression   1 
_pdbx_struct_assembly_gen.asym_id_list      A,B,C 
# 
loop_
_pdbx_struct_assembly_prop.biol_id 
_pdbx_struct_assembly_prop.type 
_pdbx_struct_assembly_prop.value 
_pdbx_struct_assembly_prop.details 
1 'ABSA (A^2)' 340  ? 
1 MORE         -0   ? 
1 'SSA (A^2)'  7310 ? 
# 
_pdbx_struct_oper_list.id                   1 
_pdbx_struct_oper_list.type                 'identity operation' 
_pdbx_struct_oper_list.name                 1_555 
_pdbx_struct_oper_list.symmetry_operation   x,y,z 
_pdbx_struct_oper_list.matrix[1][1]         1.0000000000 
_pdbx_struct_oper_list.matrix[1][2]         0.0000000000 
_pdbx_struct_oper_list.matrix[1][3]         0.0000000000 
_pdbx_struct_oper_list.vector[1]            0.0000000000 
_pdbx_struct_oper_list.matrix[2][1]         0.0000000000 
_pdbx_struct_oper_list.matrix[2][2]         1.0000000000 
_pdbx_struct_oper_list.matrix[2][3]         0.0000000000 
_pdbx_struct_oper_list.vector[2]            0.0000000000 
_pdbx_struct_oper_list.matrix[3][1]         0.0000000000 
_pdbx_struct_oper_list.matrix[3][2]         0.0000000000 
_pdbx_struct_oper_list.matrix[3][3]         1.0000000000 
_pdbx_struct_oper_list.vector[3]            0.0000000000 
# 
loop_
_pdbx_audit_revision_history.ordinal 
_pdbx_audit_revision_history.data_content_type 
_pdbx_audit_revision_history.major_revision 
_pdbx_audit_revision_history.minor_revision 
_pdbx_audit_revision_history.revision_date 
1 'Structure model' 1 0 2017-04-19 
2 'Structure model' 1 1 2023-11-22 
# 
_pdbx_audit_revision_details.ordinal             1 
_pdbx_audit_revision_details.revision_ordinal    1 
_pdbx_audit_revision_details.data_content_type   'Structure model' 
_pdbx_audit_revision_details.provider            repository 
_pdbx_audit_revision_details.type                'Initial release' 
_pdbx_audit_revision_details.description         ? 
_pdbx_audit_revision_details.details             ? 
# 
loop_
_pdbx_audit_revision_group.ordinal 
_pdbx_audit_revision_group.revision_ordinal 
_pdbx_audit_revision_group.data_content_type 
_pdbx_audit_revision_group.group 
1 2 'Structure model' 'Data collection'        
2 2 'Structure model' 'Database references'    
3 2 'Structure model' 'Refinement description' 
# 
loop_
_pdbx_audit_revision_category.ordinal 
_pdbx_audit_revision_category.revision_ordinal 
_pdbx_audit_revision_category.data_content_type 
_pdbx_audit_revision_category.category 
1 2 'Structure model' chem_comp_atom                
2 2 'Structure model' chem_comp_bond                
3 2 'Structure model' database_2                    
4 2 'Structure model' pdbx_initial_refinement_model 
# 
loop_
_pdbx_audit_revision_item.ordinal 
_pdbx_audit_revision_item.revision_ordinal 
_pdbx_audit_revision_item.data_content_type 
_pdbx_audit_revision_item.item 
1 2 'Structure model' '_database_2.pdbx_DOI'                
2 2 'Structure model' '_database_2.pdbx_database_accession' 
# 
loop_
_software.citation_id 
_software.classification 
_software.compiler_name 
_software.compiler_version 
_software.contact_author 
_software.contact_author_email 
_software.date 
_software.description 
_software.dependencies 
_software.hardware 
_software.language 
_software.location 
_software.mods 
_software.name 
_software.os 
_software.os_version 
_software.type 
_software.version 
_software.pdbx_ordinal 
? refinement       ? ? ? ? ? ? ? ? ? ? ? PHENIX   ? ? ? 1.9_1692 1 
? refinement       ? ? ? ? ? ? ? ? ? ? ? REFMAC   ? ? ? .        2 
? 'data reduction' ? ? ? ? ? ? ? ? ? ? ? HKL-2000 ? ? ? .        3 
? 'data scaling'   ? ? ? ? ? ? ? ? ? ? ? HKL-2000 ? ? ? .        4 
? phasing          ? ? ? ? ? ? ? ? ? ? ? PHASER   ? ? ? .        5 
# 
_pdbx_validate_torsion.id              1 
_pdbx_validate_torsion.PDB_model_num   1 
_pdbx_validate_torsion.auth_comp_id    ALA 
_pdbx_validate_torsion.auth_asym_id    A 
_pdbx_validate_torsion.auth_seq_id     197 
_pdbx_validate_torsion.PDB_ins_code    ? 
_pdbx_validate_torsion.label_alt_id    ? 
_pdbx_validate_torsion.phi             -130.72 
_pdbx_validate_torsion.psi             -112.94 
# 
loop_
_chem_comp_atom.comp_id 
_chem_comp_atom.atom_id 
_chem_comp_atom.type_symbol 
_chem_comp_atom.pdbx_aromatic_flag 
_chem_comp_atom.pdbx_stereo_config 
_chem_comp_atom.pdbx_ordinal 
ALA N    N N N 1   
ALA CA   C N S 2   
ALA C    C N N 3   
ALA O    O N N 4   
ALA CB   C N N 5   
ALA OXT  O N N 6   
ALA H    H N N 7   
ALA H2   H N N 8   
ALA HA   H N N 9   
ALA HB1  H N N 10  
ALA HB2  H N N 11  
ALA HB3  H N N 12  
ALA HXT  H N N 13  
ARG N    N N N 14  
ARG CA   C N S 15  
ARG C    C N N 16  
ARG O    O N N 17  
ARG CB   C N N 18  
ARG CG   C N N 19  
ARG CD   C N N 20  
ARG NE   N N N 21  
ARG CZ   C N N 22  
ARG NH1  N N N 23  
ARG NH2  N N N 24  
ARG OXT  O N N 25  
ARG H    H N N 26  
ARG H2   H N N 27  
ARG HA   H N N 28  
ARG HB2  H N N 29  
ARG HB3  H N N 30  
ARG HG2  H N N 31  
ARG HG3  H N N 32  
ARG HD2  H N N 33  
ARG HD3  H N N 34  
ARG HE   H N N 35  
ARG HH11 H N N 36  
ARG HH12 H N N 37  
ARG HH21 H N N 38  
ARG HH22 H N N 39  
ARG HXT  H N N 40  
ASN N    N N N 41  
ASN CA   C N S 42  
ASN C    C N N 43  
ASN O    O N N 44  
ASN CB   C N N 45  
ASN CG   C N N 46  
ASN OD1  O N N 47  
ASN ND2  N N N 48  
ASN OXT  O N N 49  
ASN H    H N N 50  
ASN H2   H N N 51  
ASN HA   H N N 52  
ASN HB2  H N N 53  
ASN HB3  H N N 54  
ASN HD21 H N N 55  
ASN HD22 H N N 56  
ASN HXT  H N N 57  
ASP N    N N N 58  
ASP CA   C N S 59  
ASP C    C N N 60  
ASP O    O N N 61  
ASP CB   C N N 62  
ASP CG   C N N 63  
ASP OD1  O N N 64  
ASP OD2  O N N 65  
ASP OXT  O N N 66  
ASP H    H N N 67  
ASP H2   H N N 68  
ASP HA   H N N 69  
ASP HB2  H N N 70  
ASP HB3  H N N 71  
ASP HD2  H N N 72  
ASP HXT  H N N 73  
GLN N    N N N 74  
GLN CA   C N S 75  
GLN C    C N N 76  
GLN O    O N N 77  
GLN CB   C N N 78  
GLN CG   C N N 79  
GLN CD   C N N 80  
GLN OE1  O N N 81  
GLN NE2  N N N 82  
GLN OXT  O N N 83  
GLN H    H N N 84  
GLN H2   H N N 85  
GLN HA   H N N 86  
GLN HB2  H N N 87  
GLN HB3  H N N 88  
GLN HG2  H N N 89  
GLN HG3  H N N 90  
GLN HE21 H N N 91  
GLN HE22 H N N 92  
GLN HXT  H N N 93  
GLU N    N N N 94  
GLU CA   C N S 95  
GLU C    C N N 96  
GLU O    O N N 97  
GLU CB   C N N 98  
GLU CG   C N N 99  
GLU CD   C N N 100 
GLU OE1  O N N 101 
GLU OE2  O N N 102 
GLU OXT  O N N 103 
GLU H    H N N 104 
GLU H2   H N N 105 
GLU HA   H N N 106 
GLU HB2  H N N 107 
GLU HB3  H N N 108 
GLU HG2  H N N 109 
GLU HG3  H N N 110 
GLU HE2  H N N 111 
GLU HXT  H N N 112 
GLY N    N N N 113 
GLY CA   C N N 114 
GLY C    C N N 115 
GLY O    O N N 116 
GLY OXT  O N N 117 
GLY H    H N N 118 
GLY H2   H N N 119 
GLY HA2  H N N 120 
GLY HA3  H N N 121 
GLY HXT  H N N 122 
HOH O    O N N 123 
HOH H1   H N N 124 
HOH H2   H N N 125 
ILE N    N N N 126 
ILE CA   C N S 127 
ILE C    C N N 128 
ILE O    O N N 129 
ILE CB   C N S 130 
ILE CG1  C N N 131 
ILE CG2  C N N 132 
ILE CD1  C N N 133 
ILE OXT  O N N 134 
ILE H    H N N 135 
ILE H2   H N N 136 
ILE HA   H N N 137 
ILE HB   H N N 138 
ILE HG12 H N N 139 
ILE HG13 H N N 140 
ILE HG21 H N N 141 
ILE HG22 H N N 142 
ILE HG23 H N N 143 
ILE HD11 H N N 144 
ILE HD12 H N N 145 
ILE HD13 H N N 146 
ILE HXT  H N N 147 
LEU N    N N N 148 
LEU CA   C N S 149 
LEU C    C N N 150 
LEU O    O N N 151 
LEU CB   C N N 152 
LEU CG   C N N 153 
LEU CD1  C N N 154 
LEU CD2  C N N 155 
LEU OXT  O N N 156 
LEU H    H N N 157 
LEU H2   H N N 158 
LEU HA   H N N 159 
LEU HB2  H N N 160 
LEU HB3  H N N 161 
LEU HG   H N N 162 
LEU HD11 H N N 163 
LEU HD12 H N N 164 
LEU HD13 H N N 165 
LEU HD21 H N N 166 
LEU HD22 H N N 167 
LEU HD23 H N N 168 
LEU HXT  H N N 169 
LYS N    N N N 170 
LYS CA   C N S 171 
LYS C    C N N 172 
LYS O    O N N 173 
LYS CB   C N N 174 
LYS CG   C N N 175 
LYS CD   C N N 176 
LYS CE   C N N 177 
LYS NZ   N N N 178 
LYS OXT  O N N 179 
LYS H    H N N 180 
LYS H2   H N N 181 
LYS HA   H N N 182 
LYS HB2  H N N 183 
LYS HB3  H N N 184 
LYS HG2  H N N 185 
LYS HG3  H N N 186 
LYS HD2  H N N 187 
LYS HD3  H N N 188 
LYS HE2  H N N 189 
LYS HE3  H N N 190 
LYS HZ1  H N N 191 
LYS HZ2  H N N 192 
LYS HZ3  H N N 193 
LYS HXT  H N N 194 
MET N    N N N 195 
MET CA   C N S 196 
MET C    C N N 197 
MET O    O N N 198 
MET CB   C N N 199 
MET CG   C N N 200 
MET SD   S N N 201 
MET CE   C N N 202 
MET OXT  O N N 203 
MET H    H N N 204 
MET H2   H N N 205 
MET HA   H N N 206 
MET HB2  H N N 207 
MET HB3  H N N 208 
MET HG2  H N N 209 
MET HG3  H N N 210 
MET HE1  H N N 211 
MET HE2  H N N 212 
MET HE3  H N N 213 
MET HXT  H N N 214 
PHE N    N N N 215 
PHE CA   C N S 216 
PHE C    C N N 217 
PHE O    O N N 218 
PHE CB   C N N 219 
PHE CG   C Y N 220 
PHE CD1  C Y N 221 
PHE CD2  C Y N 222 
PHE CE1  C Y N 223 
PHE CE2  C Y N 224 
PHE CZ   C Y N 225 
PHE OXT  O N N 226 
PHE H    H N N 227 
PHE H2   H N N 228 
PHE HA   H N N 229 
PHE HB2  H N N 230 
PHE HB3  H N N 231 
PHE HD1  H N N 232 
PHE HD2  H N N 233 
PHE HE1  H N N 234 
PHE HE2  H N N 235 
PHE HZ   H N N 236 
PHE HXT  H N N 237 
PRO N    N N N 238 
PRO CA   C N S 239 
PRO C    C N N 240 
PRO O    O N N 241 
PRO CB   C N N 242 
PRO CG   C N N 243 
PRO CD   C N N 244 
PRO OXT  O N N 245 
PRO H    H N N 246 
PRO HA   H N N 247 
PRO HB2  H N N 248 
PRO HB3  H N N 249 
PRO HG2  H N N 250 
PRO HG3  H N N 251 
PRO HD2  H N N 252 
PRO HD3  H N N 253 
PRO HXT  H N N 254 
SER N    N N N 255 
SER CA   C N S 256 
SER C    C N N 257 
SER O    O N N 258 
SER CB   C N N 259 
SER OG   O N N 260 
SER OXT  O N N 261 
SER H    H N N 262 
SER H2   H N N 263 
SER HA   H N N 264 
SER HB2  H N N 265 
SER HB3  H N N 266 
SER HG   H N N 267 
SER HXT  H N N 268 
THR N    N N N 269 
THR CA   C N S 270 
THR C    C N N 271 
THR O    O N N 272 
THR CB   C N R 273 
THR OG1  O N N 274 
THR CG2  C N N 275 
THR OXT  O N N 276 
THR H    H N N 277 
THR H2   H N N 278 
THR HA   H N N 279 
THR HB   H N N 280 
THR HG1  H N N 281 
THR HG21 H N N 282 
THR HG22 H N N 283 
THR HG23 H N N 284 
THR HXT  H N N 285 
TLA O1   O N N 286 
TLA O11  O N N 287 
TLA C1   C N N 288 
TLA C2   C N R 289 
TLA O2   O N N 290 
TLA C3   C N R 291 
TLA O3   O N N 292 
TLA C4   C N N 293 
TLA O4   O N N 294 
TLA O41  O N N 295 
TLA H11  H N N 296 
TLA H2   H N N 297 
TLA HA   H N N 298 
TLA H3   H N N 299 
TLA HB   H N N 300 
TLA H41  H N N 301 
TRP N    N N N 302 
TRP CA   C N S 303 
TRP C    C N N 304 
TRP O    O N N 305 
TRP CB   C N N 306 
TRP CG   C Y N 307 
TRP CD1  C Y N 308 
TRP CD2  C Y N 309 
TRP NE1  N Y N 310 
TRP CE2  C Y N 311 
TRP CE3  C Y N 312 
TRP CZ2  C Y N 313 
TRP CZ3  C Y N 314 
TRP CH2  C Y N 315 
TRP OXT  O N N 316 
TRP H    H N N 317 
TRP H2   H N N 318 
TRP HA   H N N 319 
TRP HB2  H N N 320 
TRP HB3  H N N 321 
TRP HD1  H N N 322 
TRP HE1  H N N 323 
TRP HE3  H N N 324 
TRP HZ2  H N N 325 
TRP HZ3  H N N 326 
TRP HH2  H N N 327 
TRP HXT  H N N 328 
TYR N    N N N 329 
TYR CA   C N S 330 
TYR C    C N N 331 
TYR O    O N N 332 
TYR CB   C N N 333 
TYR CG   C Y N 334 
TYR CD1  C Y N 335 
TYR CD2  C Y N 336 
TYR CE1  C Y N 337 
TYR CE2  C Y N 338 
TYR CZ   C Y N 339 
TYR OH   O N N 340 
TYR OXT  O N N 341 
TYR H    H N N 342 
TYR H2   H N N 343 
TYR HA   H N N 344 
TYR HB2  H N N 345 
TYR HB3  H N N 346 
TYR HD1  H N N 347 
TYR HD2  H N N 348 
TYR HE1  H N N 349 
TYR HE2  H N N 350 
TYR HH   H N N 351 
TYR HXT  H N N 352 
VAL N    N N N 353 
VAL CA   C N S 354 
VAL C    C N N 355 
VAL O    O N N 356 
VAL CB   C N N 357 
VAL CG1  C N N 358 
VAL CG2  C N N 359 
VAL OXT  O N N 360 
VAL H    H N N 361 
VAL H2   H N N 362 
VAL HA   H N N 363 
VAL HB   H N N 364 
VAL HG11 H N N 365 
VAL HG12 H N N 366 
VAL HG13 H N N 367 
VAL HG21 H N N 368 
VAL HG22 H N N 369 
VAL HG23 H N N 370 
VAL HXT  H N N 371 
# 
loop_
_chem_comp_bond.comp_id 
_chem_comp_bond.atom_id_1 
_chem_comp_bond.atom_id_2 
_chem_comp_bond.value_order 
_chem_comp_bond.pdbx_aromatic_flag 
_chem_comp_bond.pdbx_stereo_config 
_chem_comp_bond.pdbx_ordinal 
ALA N   CA   sing N N 1   
ALA N   H    sing N N 2   
ALA N   H2   sing N N 3   
ALA CA  C    sing N N 4   
ALA CA  CB   sing N N 5   
ALA CA  HA   sing N N 6   
ALA C   O    doub N N 7   
ALA C   OXT  sing N N 8   
ALA CB  HB1  sing N N 9   
ALA CB  HB2  sing N N 10  
ALA CB  HB3  sing N N 11  
ALA OXT HXT  sing N N 12  
ARG N   CA   sing N N 13  
ARG N   H    sing N N 14  
ARG N   H2   sing N N 15  
ARG CA  C    sing N N 16  
ARG CA  CB   sing N N 17  
ARG CA  HA   sing N N 18  
ARG C   O    doub N N 19  
ARG C   OXT  sing N N 20  
ARG CB  CG   sing N N 21  
ARG CB  HB2  sing N N 22  
ARG CB  HB3  sing N N 23  
ARG CG  CD   sing N N 24  
ARG CG  HG2  sing N N 25  
ARG CG  HG3  sing N N 26  
ARG CD  NE   sing N N 27  
ARG CD  HD2  sing N N 28  
ARG CD  HD3  sing N N 29  
ARG NE  CZ   sing N N 30  
ARG NE  HE   sing N N 31  
ARG CZ  NH1  sing N N 32  
ARG CZ  NH2  doub N N 33  
ARG NH1 HH11 sing N N 34  
ARG NH1 HH12 sing N N 35  
ARG NH2 HH21 sing N N 36  
ARG NH2 HH22 sing N N 37  
ARG OXT HXT  sing N N 38  
ASN N   CA   sing N N 39  
ASN N   H    sing N N 40  
ASN N   H2   sing N N 41  
ASN CA  C    sing N N 42  
ASN CA  CB   sing N N 43  
ASN CA  HA   sing N N 44  
ASN C   O    doub N N 45  
ASN C   OXT  sing N N 46  
ASN CB  CG   sing N N 47  
ASN CB  HB2  sing N N 48  
ASN CB  HB3  sing N N 49  
ASN CG  OD1  doub N N 50  
ASN CG  ND2  sing N N 51  
ASN ND2 HD21 sing N N 52  
ASN ND2 HD22 sing N N 53  
ASN OXT HXT  sing N N 54  
ASP N   CA   sing N N 55  
ASP N   H    sing N N 56  
ASP N   H2   sing N N 57  
ASP CA  C    sing N N 58  
ASP CA  CB   sing N N 59  
ASP CA  HA   sing N N 60  
ASP C   O    doub N N 61  
ASP C   OXT  sing N N 62  
ASP CB  CG   sing N N 63  
ASP CB  HB2  sing N N 64  
ASP CB  HB3  sing N N 65  
ASP CG  OD1  doub N N 66  
ASP CG  OD2  sing N N 67  
ASP OD2 HD2  sing N N 68  
ASP OXT HXT  sing N N 69  
GLN N   CA   sing N N 70  
GLN N   H    sing N N 71  
GLN N   H2   sing N N 72  
GLN CA  C    sing N N 73  
GLN CA  CB   sing N N 74  
GLN CA  HA   sing N N 75  
GLN C   O    doub N N 76  
GLN C   OXT  sing N N 77  
GLN CB  CG   sing N N 78  
GLN CB  HB2  sing N N 79  
GLN CB  HB3  sing N N 80  
GLN CG  CD   sing N N 81  
GLN CG  HG2  sing N N 82  
GLN CG  HG3  sing N N 83  
GLN CD  OE1  doub N N 84  
GLN CD  NE2  sing N N 85  
GLN NE2 HE21 sing N N 86  
GLN NE2 HE22 sing N N 87  
GLN OXT HXT  sing N N 88  
GLU N   CA   sing N N 89  
GLU N   H    sing N N 90  
GLU N   H2   sing N N 91  
GLU CA  C    sing N N 92  
GLU CA  CB   sing N N 93  
GLU CA  HA   sing N N 94  
GLU C   O    doub N N 95  
GLU C   OXT  sing N N 96  
GLU CB  CG   sing N N 97  
GLU CB  HB2  sing N N 98  
GLU CB  HB3  sing N N 99  
GLU CG  CD   sing N N 100 
GLU CG  HG2  sing N N 101 
GLU CG  HG3  sing N N 102 
GLU CD  OE1  doub N N 103 
GLU CD  OE2  sing N N 104 
GLU OE2 HE2  sing N N 105 
GLU OXT HXT  sing N N 106 
GLY N   CA   sing N N 107 
GLY N   H    sing N N 108 
GLY N   H2   sing N N 109 
GLY CA  C    sing N N 110 
GLY CA  HA2  sing N N 111 
GLY CA  HA3  sing N N 112 
GLY C   O    doub N N 113 
GLY C   OXT  sing N N 114 
GLY OXT HXT  sing N N 115 
HOH O   H1   sing N N 116 
HOH O   H2   sing N N 117 
ILE N   CA   sing N N 118 
ILE N   H    sing N N 119 
ILE N   H2   sing N N 120 
ILE CA  C    sing N N 121 
ILE CA  CB   sing N N 122 
ILE CA  HA   sing N N 123 
ILE C   O    doub N N 124 
ILE C   OXT  sing N N 125 
ILE CB  CG1  sing N N 126 
ILE CB  CG2  sing N N 127 
ILE CB  HB   sing N N 128 
ILE CG1 CD1  sing N N 129 
ILE CG1 HG12 sing N N 130 
ILE CG1 HG13 sing N N 131 
ILE CG2 HG21 sing N N 132 
ILE CG2 HG22 sing N N 133 
ILE CG2 HG23 sing N N 134 
ILE CD1 HD11 sing N N 135 
ILE CD1 HD12 sing N N 136 
ILE CD1 HD13 sing N N 137 
ILE OXT HXT  sing N N 138 
LEU N   CA   sing N N 139 
LEU N   H    sing N N 140 
LEU N   H2   sing N N 141 
LEU CA  C    sing N N 142 
LEU CA  CB   sing N N 143 
LEU CA  HA   sing N N 144 
LEU C   O    doub N N 145 
LEU C   OXT  sing N N 146 
LEU CB  CG   sing N N 147 
LEU CB  HB2  sing N N 148 
LEU CB  HB3  sing N N 149 
LEU CG  CD1  sing N N 150 
LEU CG  CD2  sing N N 151 
LEU CG  HG   sing N N 152 
LEU CD1 HD11 sing N N 153 
LEU CD1 HD12 sing N N 154 
LEU CD1 HD13 sing N N 155 
LEU CD2 HD21 sing N N 156 
LEU CD2 HD22 sing N N 157 
LEU CD2 HD23 sing N N 158 
LEU OXT HXT  sing N N 159 
LYS N   CA   sing N N 160 
LYS N   H    sing N N 161 
LYS N   H2   sing N N 162 
LYS CA  C    sing N N 163 
LYS CA  CB   sing N N 164 
LYS CA  HA   sing N N 165 
LYS C   O    doub N N 166 
LYS C   OXT  sing N N 167 
LYS CB  CG   sing N N 168 
LYS CB  HB2  sing N N 169 
LYS CB  HB3  sing N N 170 
LYS CG  CD   sing N N 171 
LYS CG  HG2  sing N N 172 
LYS CG  HG3  sing N N 173 
LYS CD  CE   sing N N 174 
LYS CD  HD2  sing N N 175 
LYS CD  HD3  sing N N 176 
LYS CE  NZ   sing N N 177 
LYS CE  HE2  sing N N 178 
LYS CE  HE3  sing N N 179 
LYS NZ  HZ1  sing N N 180 
LYS NZ  HZ2  sing N N 181 
LYS NZ  HZ3  sing N N 182 
LYS OXT HXT  sing N N 183 
MET N   CA   sing N N 184 
MET N   H    sing N N 185 
MET N   H2   sing N N 186 
MET CA  C    sing N N 187 
MET CA  CB   sing N N 188 
MET CA  HA   sing N N 189 
MET C   O    doub N N 190 
MET C   OXT  sing N N 191 
MET CB  CG   sing N N 192 
MET CB  HB2  sing N N 193 
MET CB  HB3  sing N N 194 
MET CG  SD   sing N N 195 
MET CG  HG2  sing N N 196 
MET CG  HG3  sing N N 197 
MET SD  CE   sing N N 198 
MET CE  HE1  sing N N 199 
MET CE  HE2  sing N N 200 
MET CE  HE3  sing N N 201 
MET OXT HXT  sing N N 202 
PHE N   CA   sing N N 203 
PHE N   H    sing N N 204 
PHE N   H2   sing N N 205 
PHE CA  C    sing N N 206 
PHE CA  CB   sing N N 207 
PHE CA  HA   sing N N 208 
PHE C   O    doub N N 209 
PHE C   OXT  sing N N 210 
PHE CB  CG   sing N N 211 
PHE CB  HB2  sing N N 212 
PHE CB  HB3  sing N N 213 
PHE CG  CD1  doub Y N 214 
PHE CG  CD2  sing Y N 215 
PHE CD1 CE1  sing Y N 216 
PHE CD1 HD1  sing N N 217 
PHE CD2 CE2  doub Y N 218 
PHE CD2 HD2  sing N N 219 
PHE CE1 CZ   doub Y N 220 
PHE CE1 HE1  sing N N 221 
PHE CE2 CZ   sing Y N 222 
PHE CE2 HE2  sing N N 223 
PHE CZ  HZ   sing N N 224 
PHE OXT HXT  sing N N 225 
PRO N   CA   sing N N 226 
PRO N   CD   sing N N 227 
PRO N   H    sing N N 228 
PRO CA  C    sing N N 229 
PRO CA  CB   sing N N 230 
PRO CA  HA   sing N N 231 
PRO C   O    doub N N 232 
PRO C   OXT  sing N N 233 
PRO CB  CG   sing N N 234 
PRO CB  HB2  sing N N 235 
PRO CB  HB3  sing N N 236 
PRO CG  CD   sing N N 237 
PRO CG  HG2  sing N N 238 
PRO CG  HG3  sing N N 239 
PRO CD  HD2  sing N N 240 
PRO CD  HD3  sing N N 241 
PRO OXT HXT  sing N N 242 
SER N   CA   sing N N 243 
SER N   H    sing N N 244 
SER N   H2   sing N N 245 
SER CA  C    sing N N 246 
SER CA  CB   sing N N 247 
SER CA  HA   sing N N 248 
SER C   O    doub N N 249 
SER C   OXT  sing N N 250 
SER CB  OG   sing N N 251 
SER CB  HB2  sing N N 252 
SER CB  HB3  sing N N 253 
SER OG  HG   sing N N 254 
SER OXT HXT  sing N N 255 
THR N   CA   sing N N 256 
THR N   H    sing N N 257 
THR N   H2   sing N N 258 
THR CA  C    sing N N 259 
THR CA  CB   sing N N 260 
THR CA  HA   sing N N 261 
THR C   O    doub N N 262 
THR C   OXT  sing N N 263 
THR CB  OG1  sing N N 264 
THR CB  CG2  sing N N 265 
THR CB  HB   sing N N 266 
THR OG1 HG1  sing N N 267 
THR CG2 HG21 sing N N 268 
THR CG2 HG22 sing N N 269 
THR CG2 HG23 sing N N 270 
THR OXT HXT  sing N N 271 
TLA O1  C1   doub N N 272 
TLA O11 C1   sing N N 273 
TLA O11 H11  sing N N 274 
TLA C1  C2   sing N N 275 
TLA C2  O2   sing N N 276 
TLA C2  C3   sing N N 277 
TLA C2  H2   sing N N 278 
TLA O2  HA   sing N N 279 
TLA C3  O3   sing N N 280 
TLA C3  C4   sing N N 281 
TLA C3  H3   sing N N 282 
TLA O3  HB   sing N N 283 
TLA C4  O4   doub N N 284 
TLA C4  O41  sing N N 285 
TLA O41 H41  sing N N 286 
TRP N   CA   sing N N 287 
TRP N   H    sing N N 288 
TRP N   H2   sing N N 289 
TRP CA  C    sing N N 290 
TRP CA  CB   sing N N 291 
TRP CA  HA   sing N N 292 
TRP C   O    doub N N 293 
TRP C   OXT  sing N N 294 
TRP CB  CG   sing N N 295 
TRP CB  HB2  sing N N 296 
TRP CB  HB3  sing N N 297 
TRP CG  CD1  doub Y N 298 
TRP CG  CD2  sing Y N 299 
TRP CD1 NE1  sing Y N 300 
TRP CD1 HD1  sing N N 301 
TRP CD2 CE2  doub Y N 302 
TRP CD2 CE3  sing Y N 303 
TRP NE1 CE2  sing Y N 304 
TRP NE1 HE1  sing N N 305 
TRP CE2 CZ2  sing Y N 306 
TRP CE3 CZ3  doub Y N 307 
TRP CE3 HE3  sing N N 308 
TRP CZ2 CH2  doub Y N 309 
TRP CZ2 HZ2  sing N N 310 
TRP CZ3 CH2  sing Y N 311 
TRP CZ3 HZ3  sing N N 312 
TRP CH2 HH2  sing N N 313 
TRP OXT HXT  sing N N 314 
TYR N   CA   sing N N 315 
TYR N   H    sing N N 316 
TYR N   H2   sing N N 317 
TYR CA  C    sing N N 318 
TYR CA  CB   sing N N 319 
TYR CA  HA   sing N N 320 
TYR C   O    doub N N 321 
TYR C   OXT  sing N N 322 
TYR CB  CG   sing N N 323 
TYR CB  HB2  sing N N 324 
TYR CB  HB3  sing N N 325 
TYR CG  CD1  doub Y N 326 
TYR CG  CD2  sing Y N 327 
TYR CD1 CE1  sing Y N 328 
TYR CD1 HD1  sing N N 329 
TYR CD2 CE2  doub Y N 330 
TYR CD2 HD2  sing N N 331 
TYR CE1 CZ   doub Y N 332 
TYR CE1 HE1  sing N N 333 
TYR CE2 CZ   sing Y N 334 
TYR CE2 HE2  sing N N 335 
TYR CZ  OH   sing N N 336 
TYR OH  HH   sing N N 337 
TYR OXT HXT  sing N N 338 
VAL N   CA   sing N N 339 
VAL N   H    sing N N 340 
VAL N   H2   sing N N 341 
VAL CA  C    sing N N 342 
VAL CA  CB   sing N N 343 
VAL CA  HA   sing N N 344 
VAL C   O    doub N N 345 
VAL C   OXT  sing N N 346 
VAL CB  CG1  sing N N 347 
VAL CB  CG2  sing N N 348 
VAL CB  HB   sing N N 349 
VAL CG1 HG11 sing N N 350 
VAL CG1 HG12 sing N N 351 
VAL CG1 HG13 sing N N 352 
VAL CG2 HG21 sing N N 353 
VAL CG2 HG22 sing N N 354 
VAL CG2 HG23 sing N N 355 
VAL OXT HXT  sing N N 356 
# 
loop_
_pdbx_entity_nonpoly.entity_id 
_pdbx_entity_nonpoly.name 
_pdbx_entity_nonpoly.comp_id 
2 'L(+)-TARTARIC ACID' TLA 
3 water                HOH 
# 
_pdbx_initial_refinement_model.id               1 
_pdbx_initial_refinement_model.entity_id_list   ? 
_pdbx_initial_refinement_model.type             'experimental model' 
_pdbx_initial_refinement_model.source_name      PDB 
_pdbx_initial_refinement_model.accession_code   1FD9 
_pdbx_initial_refinement_model.details          ? 
# 
_pdbx_struct_assembly_auth_evidence.id                     1 
_pdbx_struct_assembly_auth_evidence.assembly_id            1 
_pdbx_struct_assembly_auth_evidence.experimental_support   'gel filtration' 
_pdbx_struct_assembly_auth_evidence.details                ? 
# 
